data_9HYJ
#
_entry.id   9HYJ
#
_cell.length_a   167.162
_cell.length_b   308.288
_cell.length_c   173.859
_cell.angle_alpha   90
_cell.angle_beta   90
_cell.angle_gamma   90
#
_symmetry.space_group_name_H-M   'C 2 2 21'
#
loop_
_entity.id
_entity.type
_entity.pdbx_description
1 polymer Alpha-L-fucosidase
2 water water
#
_entity_poly.entity_id   1
_entity_poly.type   'polypeptide(L)'
_entity_poly.pdbx_seq_one_letter_code
;MTEPLPRIQHYEDLGLGLFIHWGLYSQMAVGEWTELIHHRNQHDYEQLIKTFTAAQFDAKKIAHAAKAVGAKYIVLTTKH
HEGFFLYDTKGLSDFDVMHAPARRDLIAEFVAACREEDLLPFFYMATYDWHTPLYDDDFPAYLTYLQKSVEVLCRNYGPV
GGFWFDGNWNKKDADWHLPELYGMIRHYQPNAIIVSNTGLKNRGQVSDPEIDVVTYERRTPDEIYHGAPNEKYVAGEISI
TLNQHWGIAANDLNYKSPAEMIETVAHARHIGANILVNIGLTGTGAIPAAAQTYMHLLGRWTAMAAPVLYKGRPVPVTSA
HGTRDFVLHTSKHDFLCILDLQVVGKDNVVLGGEGVNPRSFVGIGQPIQRIHWLDNDEVLSFTQDLDKKVLTVDATGYPY
GSDWVVRIAQIDYE
;
_entity_poly.pdbx_strand_id   A,B,C,D,E,F
#
# COMPACT_ATOMS: atom_id res chain seq x y z
N MET A 1 -2.59 34.19 10.67
CA MET A 1 -2.97 32.75 10.57
C MET A 1 -1.79 31.87 11.01
N THR A 2 -2.02 30.98 11.98
CA THR A 2 -0.90 30.42 12.69
C THR A 2 -0.34 29.22 11.92
N GLU A 3 0.94 28.93 12.19
CA GLU A 3 1.61 27.77 11.65
C GLU A 3 1.74 26.73 12.75
N PRO A 4 1.98 25.45 12.40
CA PRO A 4 2.08 24.43 13.44
C PRO A 4 3.25 24.67 14.41
N LEU A 5 3.03 24.41 15.70
CA LEU A 5 4.13 24.32 16.65
C LEU A 5 5.12 23.25 16.17
N PRO A 6 6.43 23.33 16.46
CA PRO A 6 7.37 22.29 16.08
C PRO A 6 6.89 20.84 16.28
N ARG A 7 6.31 20.52 17.45
CA ARG A 7 5.98 19.12 17.69
C ARG A 7 4.85 18.66 16.74
N ILE A 8 3.99 19.61 16.31
CA ILE A 8 2.88 19.29 15.44
C ILE A 8 3.37 19.18 13.99
N GLN A 9 4.38 19.94 13.68
CA GLN A 9 5.02 19.91 12.41
C GLN A 9 5.67 18.54 12.23
N HIS A 10 6.26 18.07 13.29
CA HIS A 10 6.85 16.78 13.32
C HIS A 10 5.80 15.68 13.17
N TYR A 11 4.65 15.86 13.80
CA TYR A 11 3.57 14.92 13.74
C TYR A 11 3.07 14.78 12.31
N GLU A 12 2.93 15.88 11.61
CA GLU A 12 2.49 15.90 10.24
C GLU A 12 3.47 15.18 9.31
N ASP A 13 4.74 15.29 9.60
CA ASP A 13 5.78 14.60 8.91
C ASP A 13 5.73 13.08 9.11
N LEU A 14 5.07 12.60 10.15
CA LEU A 14 5.00 11.17 10.43
C LEU A 14 4.22 10.47 9.33
N GLY A 15 3.13 11.10 8.88
CA GLY A 15 2.36 10.64 7.72
C GLY A 15 1.44 9.47 8.06
N LEU A 16 2.08 8.33 8.32
CA LEU A 16 1.38 7.06 8.50
C LEU A 16 1.73 6.48 9.86
N GLY A 17 0.68 6.04 10.57
CA GLY A 17 0.94 5.25 11.77
C GLY A 17 0.18 3.93 11.76
N LEU A 18 0.62 3.01 12.61
CA LEU A 18 -0.07 1.76 12.82
C LEU A 18 -0.86 1.89 14.13
N PHE A 19 -2.16 1.57 14.08
CA PHE A 19 -3.00 1.50 15.25
C PHE A 19 -3.11 0.03 15.65
N ILE A 20 -2.89 -0.27 16.93
CA ILE A 20 -2.94 -1.66 17.39
C ILE A 20 -3.99 -1.79 18.50
N HIS A 21 -5.03 -2.58 18.23
CA HIS A 21 -6.03 -2.96 19.21
C HIS A 21 -5.71 -4.33 19.79
N TRP A 22 -5.51 -4.34 21.10
CA TRP A 22 -5.24 -5.56 21.82
C TRP A 22 -5.71 -5.40 23.27
N GLY A 23 -6.56 -6.32 23.72
CA GLY A 23 -7.09 -6.28 25.07
C GLY A 23 -7.64 -7.66 25.44
N LEU A 24 -8.40 -7.74 26.54
CA LEU A 24 -8.98 -9.02 26.91
C LEU A 24 -9.97 -9.45 25.82
N TYR A 25 -10.66 -8.48 25.19
CA TYR A 25 -11.62 -8.79 24.14
C TYR A 25 -11.00 -9.63 23.04
N SER A 26 -9.69 -9.47 22.81
CA SER A 26 -9.01 -10.16 21.73
C SER A 26 -9.17 -11.68 21.84
N GLN A 27 -9.29 -12.20 23.07
CA GLN A 27 -9.41 -13.64 23.27
C GLN A 27 -10.72 -14.17 22.71
N MET A 28 -11.77 -13.35 22.66
CA MET A 28 -13.04 -13.84 22.14
C MET A 28 -13.17 -13.65 20.62
N ALA A 29 -12.41 -12.70 20.04
CA ALA A 29 -12.36 -12.48 18.60
C ALA A 29 -13.75 -12.20 18.04
N VAL A 30 -14.54 -11.41 18.78
CA VAL A 30 -15.83 -10.95 18.29
C VAL A 30 -15.94 -9.44 18.50
N GLY A 31 -14.83 -8.70 18.33
CA GLY A 31 -14.88 -7.23 18.38
C GLY A 31 -14.55 -6.69 19.78
N GLU A 32 -14.01 -5.46 19.81
CA GLU A 32 -13.50 -4.86 21.04
C GLU A 32 -14.65 -4.40 21.95
N TRP A 33 -15.86 -4.23 21.42
CA TRP A 33 -16.95 -3.78 22.25
C TRP A 33 -17.76 -4.95 22.82
N THR A 34 -17.23 -6.17 22.79
CA THR A 34 -18.04 -7.36 23.03
C THR A 34 -18.73 -7.33 24.41
N GLU A 35 -18.04 -6.85 25.44
CA GLU A 35 -18.62 -6.87 26.76
C GLU A 35 -19.91 -6.10 26.87
N LEU A 36 -19.95 -4.89 26.36
CA LEU A 36 -21.16 -4.14 26.35
C LEU A 36 -22.18 -4.60 25.32
N ILE A 37 -21.74 -4.81 24.09
CA ILE A 37 -22.64 -5.16 23.01
C ILE A 37 -23.33 -6.50 23.11
N HIS A 38 -22.62 -7.50 23.60
CA HIS A 38 -23.13 -8.83 23.78
C HIS A 38 -23.72 -9.04 25.18
N HIS A 39 -23.81 -7.98 25.96
CA HIS A 39 -24.41 -8.00 27.28
C HIS A 39 -23.81 -9.07 28.17
N ARG A 40 -22.52 -9.18 28.19
CA ARG A 40 -21.85 -10.17 28.97
C ARG A 40 -21.89 -9.89 30.45
N ASN A 41 -21.86 -10.95 31.24
CA ASN A 41 -21.79 -10.80 32.66
C ASN A 41 -20.40 -10.24 32.92
N GLN A 42 -20.32 -9.13 33.64
CA GLN A 42 -19.04 -8.48 33.87
C GLN A 42 -18.05 -9.40 34.57
N HIS A 43 -18.49 -10.08 35.64
CA HIS A 43 -17.57 -10.92 36.40
C HIS A 43 -16.95 -11.96 35.49
N ASP A 44 -17.76 -12.60 34.65
CA ASP A 44 -17.32 -13.71 33.82
C ASP A 44 -16.36 -13.22 32.75
N TYR A 45 -16.67 -12.06 32.15
CA TYR A 45 -15.81 -11.46 31.14
C TYR A 45 -14.45 -11.12 31.74
N GLU A 46 -14.44 -10.53 32.95
CA GLU A 46 -13.20 -10.10 33.57
C GLU A 46 -12.30 -11.26 33.95
N GLN A 47 -12.85 -12.47 34.00
CA GLN A 47 -12.04 -13.68 34.20
C GLN A 47 -11.04 -13.89 33.06
N LEU A 48 -11.25 -13.22 31.91
CA LEU A 48 -10.31 -13.31 30.79
C LEU A 48 -8.90 -12.89 31.21
N ILE A 49 -8.80 -12.07 32.28
CA ILE A 49 -7.49 -11.70 32.80
C ILE A 49 -6.65 -12.94 33.13
N LYS A 50 -7.31 -14.04 33.53
CA LYS A 50 -6.59 -15.20 34.02
C LYS A 50 -5.91 -15.97 32.90
N THR A 51 -6.35 -15.74 31.65
CA THR A 51 -5.74 -16.43 30.52
C THR A 51 -5.01 -15.44 29.60
N PHE A 52 -4.79 -14.21 30.08
CA PHE A 52 -4.00 -13.21 29.36
C PHE A 52 -2.51 -13.46 29.58
N THR A 53 -1.90 -14.32 28.75
CA THR A 53 -0.52 -14.75 28.92
C THR A 53 0.44 -13.83 28.16
N ALA A 54 -0.09 -13.15 27.13
CA ALA A 54 0.73 -12.45 26.14
C ALA A 54 1.80 -13.35 25.56
N ALA A 55 1.53 -14.65 25.43
CA ALA A 55 2.55 -15.63 25.05
C ALA A 55 3.11 -15.35 23.66
N GLN A 56 2.40 -14.63 22.79
CA GLN A 56 2.93 -14.43 21.46
C GLN A 56 3.18 -12.95 21.19
N PHE A 57 3.13 -12.11 22.23
CA PHE A 57 3.38 -10.70 22.01
C PHE A 57 4.87 -10.48 21.94
N ASP A 58 5.33 -9.94 20.81
CA ASP A 58 6.73 -9.60 20.63
C ASP A 58 6.82 -8.17 20.12
N ALA A 59 7.15 -7.25 21.02
CA ALA A 59 7.07 -5.83 20.68
C ALA A 59 8.10 -5.52 19.60
N LYS A 60 9.23 -6.25 19.62
CA LYS A 60 10.28 -6.04 18.64
C LYS A 60 9.78 -6.37 17.24
N LYS A 61 9.05 -7.50 17.11
CA LYS A 61 8.51 -7.90 15.82
C LYS A 61 7.48 -6.85 15.35
N ILE A 62 6.67 -6.37 16.29
CA ILE A 62 5.65 -5.40 15.95
C ILE A 62 6.31 -4.11 15.46
N ALA A 63 7.34 -3.64 16.17
CA ALA A 63 8.00 -2.40 15.79
C ALA A 63 8.67 -2.56 14.42
N HIS A 64 9.27 -3.75 14.19
CA HIS A 64 9.91 -4.05 12.92
C HIS A 64 8.89 -4.04 11.78
N ALA A 65 7.76 -4.69 11.99
CA ALA A 65 6.70 -4.72 11.00
C ALA A 65 6.19 -3.29 10.72
N ALA A 66 6.08 -2.44 11.74
CA ALA A 66 5.64 -1.07 11.54
C ALA A 66 6.66 -0.30 10.71
N LYS A 67 7.94 -0.53 11.01
CA LYS A 67 8.99 0.16 10.27
C LYS A 67 8.88 -0.26 8.80
N ALA A 68 8.73 -1.57 8.54
CA ALA A 68 8.69 -2.12 7.20
C ALA A 68 7.46 -1.61 6.44
N VAL A 69 6.35 -1.33 7.13
CA VAL A 69 5.16 -0.85 6.43
C VAL A 69 5.33 0.63 6.09
N GLY A 70 6.36 1.29 6.63
CA GLY A 70 6.59 2.71 6.41
C GLY A 70 5.87 3.60 7.43
N ALA A 71 5.36 3.00 8.52
CA ALA A 71 4.75 3.80 9.59
C ALA A 71 5.87 4.48 10.39
N LYS A 72 5.55 5.66 10.95
CA LYS A 72 6.53 6.40 11.73
C LYS A 72 6.12 6.46 13.19
N TYR A 73 4.91 5.99 13.50
CA TYR A 73 4.46 5.90 14.88
C TYR A 73 3.47 4.75 15.02
N ILE A 74 3.24 4.35 16.27
CA ILE A 74 2.31 3.29 16.59
C ILE A 74 1.46 3.78 17.75
N VAL A 75 0.14 3.64 17.59
CA VAL A 75 -0.81 3.87 18.66
C VAL A 75 -1.22 2.51 19.22
N LEU A 76 -0.85 2.22 20.46
CA LEU A 76 -1.25 0.99 21.14
C LEU A 76 -2.35 1.27 22.16
N THR A 77 -3.38 0.42 22.19
CA THR A 77 -4.46 0.53 23.17
C THR A 77 -3.90 0.16 24.55
N THR A 78 -3.69 1.15 25.44
CA THR A 78 -3.14 0.86 26.77
C THR A 78 -4.25 0.47 27.74
N LYS A 79 -5.47 0.98 27.47
CA LYS A 79 -6.68 0.59 28.20
C LYS A 79 -7.86 0.96 27.32
N HIS A 80 -8.69 -0.05 27.00
CA HIS A 80 -9.88 0.18 26.18
C HIS A 80 -11.09 0.33 27.11
N HIS A 81 -12.32 0.38 26.56
CA HIS A 81 -13.52 0.54 27.35
C HIS A 81 -13.63 -0.55 28.42
N GLU A 82 -13.23 -1.78 28.08
CA GLU A 82 -13.27 -2.88 29.02
C GLU A 82 -12.52 -2.50 30.31
N GLY A 83 -11.56 -1.57 30.22
CA GLY A 83 -10.95 -0.99 31.41
C GLY A 83 -9.73 -1.76 31.91
N PHE A 84 -9.26 -2.76 31.14
CA PHE A 84 -8.06 -3.50 31.51
C PHE A 84 -6.80 -2.81 31.02
N PHE A 85 -5.81 -2.63 31.89
CA PHE A 85 -4.59 -1.88 31.57
C PHE A 85 -3.46 -2.81 31.13
N LEU A 86 -2.80 -2.45 30.02
CA LEU A 86 -1.73 -3.26 29.46
C LEU A 86 -0.38 -2.88 30.08
N TYR A 87 -0.39 -2.06 31.14
CA TYR A 87 0.82 -1.67 31.82
C TYR A 87 0.66 -1.79 33.34
N ASP A 88 1.75 -1.62 34.07
CA ASP A 88 1.75 -1.63 35.53
C ASP A 88 1.16 -0.33 36.06
N THR A 89 -0.03 -0.37 36.65
CA THR A 89 -0.65 0.85 37.15
C THR A 89 -0.11 1.22 38.55
N LYS A 90 0.89 0.47 39.05
CA LYS A 90 1.58 0.80 40.30
C LYS A 90 0.59 0.98 41.45
N GLY A 91 -0.30 0.03 41.62
CA GLY A 91 -1.30 0.04 42.63
C GLY A 91 -2.60 0.72 42.34
N LEU A 92 -2.75 1.38 41.22
CA LEU A 92 -4.01 2.00 40.92
C LEU A 92 -5.13 1.00 40.74
N SER A 93 -4.86 -0.12 40.10
CA SER A 93 -5.85 -1.14 39.83
C SER A 93 -5.29 -2.54 39.86
N ASP A 94 -6.09 -3.55 40.16
CA ASP A 94 -5.62 -4.92 40.07
C ASP A 94 -5.94 -5.53 38.71
N PHE A 95 -6.72 -4.80 37.93
CA PHE A 95 -7.13 -5.20 36.60
C PHE A 95 -6.10 -4.68 35.62
N ASP A 96 -4.90 -5.21 35.71
CA ASP A 96 -3.80 -4.78 34.85
C ASP A 96 -2.91 -5.99 34.56
N VAL A 97 -1.96 -5.81 33.66
CA VAL A 97 -1.21 -6.95 33.16
C VAL A 97 -0.30 -7.52 34.25
N MET A 98 0.01 -6.72 35.29
CA MET A 98 0.87 -7.26 36.35
C MET A 98 0.12 -8.30 37.18
N HIS A 99 -1.22 -8.34 37.07
CA HIS A 99 -2.04 -9.29 37.80
C HIS A 99 -2.56 -10.39 36.87
N ALA A 100 -2.02 -10.45 35.65
CA ALA A 100 -2.35 -11.49 34.70
C ALA A 100 -1.15 -12.43 34.67
N PRO A 101 -1.31 -13.57 34.09
CA PRO A 101 -0.19 -14.48 34.01
C PRO A 101 0.95 -13.89 33.23
N ALA A 102 0.73 -12.93 32.36
CA ALA A 102 1.81 -12.37 31.61
C ALA A 102 2.91 -11.77 32.47
N ARG A 103 2.54 -11.00 33.49
CA ARG A 103 3.46 -10.38 34.44
C ARG A 103 4.53 -9.53 33.79
N ARG A 104 4.17 -8.81 32.76
CA ARG A 104 5.11 -8.02 32.05
C ARG A 104 4.50 -6.70 31.76
N ASP A 105 5.26 -5.65 31.93
CA ASP A 105 4.76 -4.35 31.55
C ASP A 105 4.87 -4.22 30.03
N LEU A 106 3.75 -4.44 29.31
CA LEU A 106 3.76 -4.53 27.86
C LEU A 106 4.04 -3.16 27.26
N ILE A 107 3.59 -2.10 27.94
CA ILE A 107 3.89 -0.75 27.49
C ILE A 107 5.39 -0.48 27.55
N ALA A 108 6.10 -1.00 28.57
CA ALA A 108 7.55 -0.80 28.65
C ALA A 108 8.22 -1.49 27.47
N GLU A 109 7.78 -2.71 27.17
CA GLU A 109 8.38 -3.44 26.05
C GLU A 109 8.08 -2.68 24.76
N PHE A 110 6.89 -2.10 24.66
CA PHE A 110 6.45 -1.41 23.46
C PHE A 110 7.28 -0.16 23.23
N VAL A 111 7.47 0.68 24.24
CA VAL A 111 8.26 1.88 24.04
C VAL A 111 9.70 1.60 23.73
N ALA A 112 10.28 0.61 24.35
CA ALA A 112 11.64 0.24 24.07
C ALA A 112 11.77 -0.22 22.63
N ALA A 113 10.83 -1.02 22.18
CA ALA A 113 10.84 -1.48 20.83
C ALA A 113 10.66 -0.35 19.80
N CYS A 114 9.82 0.62 20.09
CA CYS A 114 9.57 1.76 19.22
C CYS A 114 10.82 2.61 19.07
N ARG A 115 11.51 2.81 20.16
CA ARG A 115 12.72 3.59 20.15
C ARG A 115 13.84 3.01 19.33
N GLU A 116 14.00 1.70 19.38
CA GLU A 116 15.00 1.02 18.60
C GLU A 116 14.75 1.22 17.14
N GLU A 117 13.51 1.34 16.76
CA GLU A 117 13.20 1.43 15.34
C GLU A 117 12.95 2.88 14.94
N ASP A 118 13.20 3.82 15.85
CA ASP A 118 13.01 5.24 15.59
C ASP A 118 11.53 5.55 15.30
N LEU A 119 10.62 4.86 15.99
CA LEU A 119 9.18 5.13 15.86
C LEU A 119 8.72 5.84 17.12
N LEU A 120 7.74 6.74 16.98
CA LEU A 120 7.15 7.37 18.14
C LEU A 120 6.09 6.46 18.76
N PRO A 121 6.19 6.16 20.08
CA PRO A 121 5.13 5.41 20.75
C PRO A 121 3.99 6.33 21.19
N PHE A 122 2.76 5.96 20.82
CA PHE A 122 1.59 6.73 21.24
C PHE A 122 0.71 5.81 22.07
N PHE A 123 0.05 6.38 23.05
CA PHE A 123 -0.83 5.65 23.93
C PHE A 123 -2.29 5.99 23.75
N TYR A 124 -3.08 4.99 23.46
CA TYR A 124 -4.49 5.12 23.33
C TYR A 124 -5.09 4.85 24.71
N MET A 125 -5.95 5.73 25.15
CA MET A 125 -6.68 5.61 26.40
C MET A 125 -8.17 5.85 26.18
N ALA A 126 -9.02 4.93 26.60
CA ALA A 126 -10.45 5.09 26.44
C ALA A 126 -10.95 5.83 27.67
N THR A 127 -11.78 6.84 27.51
CA THR A 127 -12.19 7.59 28.69
C THR A 127 -13.55 7.08 29.21
N TYR A 128 -14.33 6.44 28.34
CA TYR A 128 -15.54 5.76 28.80
C TYR A 128 -15.15 4.35 29.25
N ASP A 129 -15.30 4.08 30.55
CA ASP A 129 -14.69 2.92 31.19
C ASP A 129 -15.83 2.05 31.75
N TRP A 130 -15.84 0.74 31.42
CA TRP A 130 -16.87 -0.18 31.86
C TRP A 130 -16.43 -0.95 33.11
N HIS A 131 -15.18 -0.80 33.54
CA HIS A 131 -14.68 -1.64 34.60
C HIS A 131 -14.96 -1.03 35.97
N THR A 132 -14.53 0.22 36.17
CA THR A 132 -14.57 0.82 37.49
C THR A 132 -15.99 1.33 37.77
N PRO A 133 -16.62 0.95 38.90
CA PRO A 133 -17.92 1.49 39.26
C PRO A 133 -17.92 3.00 39.50
N LEU A 134 -16.72 3.59 39.68
CA LEU A 134 -16.60 5.03 39.82
C LEU A 134 -17.27 5.75 38.65
N TYR A 135 -17.23 5.13 37.45
CA TYR A 135 -17.64 5.83 36.24
C TYR A 135 -19.09 6.32 36.39
N ASP A 136 -20.00 5.43 36.82
CA ASP A 136 -21.39 5.80 37.02
C ASP A 136 -21.66 6.34 38.43
N ASP A 137 -20.96 5.82 39.43
CA ASP A 137 -21.31 6.01 40.84
C ASP A 137 -20.66 7.26 41.44
N ASP A 138 -19.55 7.74 40.89
CA ASP A 138 -18.81 8.85 41.48
C ASP A 138 -17.86 9.46 40.43
N PHE A 139 -18.47 10.20 39.51
CA PHE A 139 -17.79 10.67 38.32
C PHE A 139 -16.55 11.50 38.68
N PRO A 140 -16.61 12.46 39.62
CA PRO A 140 -15.42 13.19 40.05
C PRO A 140 -14.26 12.29 40.48
N ALA A 141 -14.56 11.22 41.19
CA ALA A 141 -13.52 10.28 41.58
C ALA A 141 -13.01 9.50 40.35
N TYR A 142 -13.92 9.20 39.40
CA TYR A 142 -13.55 8.58 38.14
C TYR A 142 -12.51 9.45 37.43
N LEU A 143 -12.77 10.76 37.38
CA LEU A 143 -11.87 11.69 36.71
C LEU A 143 -10.47 11.59 37.33
N THR A 144 -10.40 11.46 38.66
CA THR A 144 -9.13 11.36 39.35
C THR A 144 -8.45 10.06 38.94
N TYR A 145 -9.23 8.97 38.85
CA TYR A 145 -8.70 7.68 38.46
C TYR A 145 -8.17 7.73 37.01
N LEU A 146 -8.96 8.31 36.12
CA LEU A 146 -8.54 8.45 34.73
C LEU A 146 -7.23 9.22 34.68
N GLN A 147 -7.21 10.37 35.37
CA GLN A 147 -6.07 11.26 35.32
C GLN A 147 -4.83 10.56 35.87
N LYS A 148 -5.00 9.79 36.95
CA LYS A 148 -3.86 9.13 37.55
C LYS A 148 -3.34 8.05 36.62
N SER A 149 -4.26 7.39 35.90
CA SER A 149 -3.82 6.32 34.98
C SER A 149 -2.98 6.91 33.86
N VAL A 150 -3.34 8.09 33.41
CA VAL A 150 -2.60 8.84 32.44
C VAL A 150 -1.27 9.32 33.00
N GLU A 151 -1.27 9.74 34.25
CA GLU A 151 -0.08 10.22 34.91
C GLU A 151 1.00 9.15 35.00
N VAL A 152 0.62 7.92 35.25
CA VAL A 152 1.55 6.82 35.32
C VAL A 152 2.28 6.64 33.97
N LEU A 153 1.54 6.76 32.88
CA LEU A 153 2.05 6.68 31.56
C LEU A 153 3.03 7.82 31.27
N CYS A 154 2.72 9.00 31.78
CA CYS A 154 3.54 10.20 31.67
C CYS A 154 4.82 10.22 32.47
N ARG A 155 4.90 9.39 33.49
CA ARG A 155 6.03 9.40 34.34
C ARG A 155 6.87 8.15 34.47
N ASN A 156 6.54 7.10 33.77
CA ASN A 156 7.25 5.86 34.01
C ASN A 156 7.90 5.28 32.75
N TYR A 157 7.74 5.92 31.62
CA TYR A 157 8.26 5.40 30.38
C TYR A 157 9.18 6.29 29.57
N GLY A 158 9.60 7.39 30.13
CA GLY A 158 10.41 8.33 29.43
C GLY A 158 9.57 9.17 28.49
N PRO A 159 10.18 9.83 27.53
CA PRO A 159 9.41 10.64 26.61
C PRO A 159 8.45 9.84 25.75
N VAL A 160 7.24 10.33 25.63
CA VAL A 160 6.16 9.68 24.92
C VAL A 160 5.80 10.41 23.65
N GLY A 161 5.62 9.71 22.53
CA GLY A 161 5.22 10.37 21.30
C GLY A 161 3.90 11.12 21.49
N GLY A 162 2.94 10.46 22.13
CA GLY A 162 1.64 11.11 22.21
C GLY A 162 0.60 10.25 22.90
N PHE A 163 -0.58 10.85 23.11
CA PHE A 163 -1.70 10.21 23.73
C PHE A 163 -2.85 10.33 22.74
N TRP A 164 -3.66 9.29 22.69
CA TRP A 164 -4.77 9.22 21.77
C TRP A 164 -6.02 8.96 22.58
N PHE A 165 -6.82 10.01 22.80
CA PHE A 165 -7.94 9.91 23.73
C PHE A 165 -9.21 9.60 22.96
N ASP A 166 -9.89 8.56 23.43
CA ASP A 166 -11.13 8.13 22.82
C ASP A 166 -12.29 8.31 23.80
N GLY A 167 -13.18 9.28 23.49
CA GLY A 167 -14.41 9.54 24.20
C GLY A 167 -15.66 9.41 23.32
N ASN A 168 -15.63 8.42 22.41
CA ASN A 168 -16.87 7.83 21.95
C ASN A 168 -17.77 7.40 23.11
N TRP A 169 -19.03 7.86 23.09
CA TRP A 169 -20.09 7.49 24.05
C TRP A 169 -19.78 7.99 25.48
N ASN A 170 -18.97 9.05 25.54
CA ASN A 170 -18.73 9.86 26.72
C ASN A 170 -20.07 10.27 27.35
N LYS A 171 -20.06 10.59 28.64
CA LYS A 171 -21.16 11.29 29.26
C LYS A 171 -21.31 12.64 28.57
N LYS A 172 -22.52 12.87 28.01
CA LYS A 172 -22.82 14.13 27.35
C LYS A 172 -22.97 15.22 28.41
N ASP A 173 -22.19 16.29 28.27
CA ASP A 173 -22.50 17.55 28.95
C ASP A 173 -21.75 17.67 30.27
N ALA A 174 -21.27 16.53 30.79
CA ALA A 174 -20.44 16.45 31.98
C ALA A 174 -19.13 17.21 31.81
N ASP A 175 -18.57 17.64 32.94
CA ASP A 175 -17.34 18.41 32.94
C ASP A 175 -16.20 17.40 33.08
N TRP A 176 -15.35 17.32 32.04
CA TRP A 176 -14.32 16.31 31.96
C TRP A 176 -13.00 16.81 32.56
N HIS A 177 -12.98 18.10 32.94
CA HIS A 177 -11.79 18.66 33.58
C HIS A 177 -10.59 18.44 32.64
N LEU A 178 -10.76 18.78 31.37
CA LEU A 178 -9.72 18.62 30.38
C LEU A 178 -8.53 19.47 30.65
N PRO A 179 -8.75 20.68 31.15
CA PRO A 179 -7.59 21.51 31.45
C PRO A 179 -6.72 20.87 32.51
N GLU A 180 -7.27 20.26 33.52
CA GLU A 180 -6.44 19.57 34.46
C GLU A 180 -5.75 18.34 33.88
N LEU A 181 -6.47 17.56 33.10
CA LEU A 181 -5.84 16.40 32.52
C LEU A 181 -4.75 16.71 31.50
N TYR A 182 -5.05 17.61 30.57
CA TYR A 182 -4.09 17.98 29.58
C TYR A 182 -2.94 18.75 30.17
N GLY A 183 -3.25 19.57 31.17
CA GLY A 183 -2.26 20.34 31.86
C GLY A 183 -1.25 19.47 32.53
N MET A 184 -1.70 18.39 33.12
CA MET A 184 -0.83 17.46 33.76
C MET A 184 0.06 16.82 32.72
N ILE A 185 -0.49 16.46 31.58
CA ILE A 185 0.29 15.86 30.52
C ILE A 185 1.36 16.82 30.04
N ARG A 186 1.03 18.09 29.87
CA ARG A 186 2.01 19.06 29.46
C ARG A 186 3.14 19.23 30.45
N HIS A 187 2.83 19.17 31.73
CA HIS A 187 3.83 19.29 32.72
C HIS A 187 4.85 18.17 32.66
N TYR A 188 4.41 16.94 32.52
CA TYR A 188 5.32 15.83 32.46
C TYR A 188 5.82 15.44 31.11
N GLN A 189 5.08 15.74 30.07
CA GLN A 189 5.43 15.37 28.72
C GLN A 189 5.20 16.59 27.83
N PRO A 190 6.02 17.65 27.98
CA PRO A 190 5.77 18.89 27.22
C PRO A 190 5.70 18.64 25.72
N ASN A 191 6.40 17.60 25.25
CA ASN A 191 6.57 17.38 23.82
C ASN A 191 5.55 16.39 23.22
N ALA A 192 4.67 15.85 24.06
CA ALA A 192 3.76 14.78 23.62
C ALA A 192 2.66 15.36 22.71
N ILE A 193 2.26 14.60 21.69
CA ILE A 193 1.13 15.02 20.88
C ILE A 193 -0.15 14.56 21.56
N ILE A 194 -1.11 15.47 21.73
CA ILE A 194 -2.38 15.07 22.30
C ILE A 194 -3.42 14.98 21.18
N VAL A 195 -3.94 13.80 20.97
CA VAL A 195 -4.94 13.54 19.97
C VAL A 195 -6.29 13.24 20.59
N SER A 196 -7.34 13.76 20.02
CA SER A 196 -8.66 13.47 20.51
C SER A 196 -9.64 13.14 19.41
N ASN A 197 -10.46 12.13 19.62
CA ASN A 197 -11.49 11.77 18.67
C ASN A 197 -12.81 12.50 18.92
N THR A 198 -12.81 13.36 19.93
CA THR A 198 -13.87 14.28 20.25
C THR A 198 -13.20 15.64 20.53
N GLY A 199 -12.42 16.16 19.59
CA GLY A 199 -11.71 17.42 19.75
C GLY A 199 -12.49 18.60 19.17
N LEU A 200 -13.64 18.33 18.51
CA LEU A 200 -14.42 19.31 17.78
C LEU A 200 -15.86 19.37 18.33
N LYS A 201 -16.21 20.49 19.00
CA LYS A 201 -17.49 20.66 19.68
C LYS A 201 -18.32 21.79 19.07
N ASN A 202 -18.08 22.14 17.79
CA ASN A 202 -18.90 23.06 17.00
C ASN A 202 -18.31 23.24 15.61
N GLN A 205 -14.35 24.88 16.75
CA GLN A 205 -14.20 24.98 18.23
C GLN A 205 -13.59 23.70 18.83
N VAL A 206 -12.32 23.77 19.23
CA VAL A 206 -11.60 22.65 19.84
C VAL A 206 -12.06 22.48 21.29
N SER A 207 -11.99 21.23 21.80
CA SER A 207 -12.52 20.98 23.13
C SER A 207 -11.58 21.48 24.23
N ASP A 208 -10.30 21.71 23.89
CA ASP A 208 -9.34 22.22 24.86
C ASP A 208 -8.14 22.81 24.13
N PRO A 209 -7.57 23.96 24.59
CA PRO A 209 -6.39 24.52 23.95
C PRO A 209 -5.21 23.54 23.79
N GLU A 210 -5.12 22.52 24.66
CA GLU A 210 -3.94 21.68 24.67
C GLU A 210 -3.99 20.59 23.60
N ILE A 211 -5.16 20.38 22.98
CA ILE A 211 -5.29 19.37 21.93
C ILE A 211 -4.43 19.79 20.74
N ASP A 212 -3.66 18.84 20.19
CA ASP A 212 -2.78 19.06 19.05
C ASP A 212 -3.38 18.51 17.75
N VAL A 213 -4.15 17.45 17.85
CA VAL A 213 -4.74 16.76 16.71
C VAL A 213 -6.18 16.31 16.96
N VAL A 214 -6.99 16.43 15.94
CA VAL A 214 -8.34 16.01 15.94
C VAL A 214 -8.50 14.95 14.86
N THR A 215 -9.26 13.92 15.14
CA THR A 215 -9.59 12.89 14.19
C THR A 215 -10.75 13.28 13.25
N TYR A 216 -10.81 12.69 12.07
CA TYR A 216 -11.79 13.00 11.07
C TYR A 216 -12.22 11.74 10.39
N GLU A 217 -13.40 11.73 9.78
CA GLU A 217 -13.86 10.53 9.07
C GLU A 217 -13.05 10.37 7.81
N ARG A 218 -12.81 9.13 7.43
CA ARG A 218 -11.97 8.87 6.31
C ARG A 218 -12.50 9.39 4.98
N ARG A 219 -13.79 9.61 4.86
CA ARG A 219 -14.33 10.09 3.60
C ARG A 219 -14.30 11.61 3.48
N THR A 220 -13.77 12.35 4.48
CA THR A 220 -13.76 13.80 4.40
C THR A 220 -13.29 14.23 2.99
N PRO A 221 -14.10 14.98 2.21
CA PRO A 221 -13.74 15.31 0.82
C PRO A 221 -12.61 16.33 0.64
N ASP A 222 -12.55 17.33 1.54
CA ASP A 222 -11.74 18.53 1.36
C ASP A 222 -10.66 18.61 2.43
N GLU A 223 -9.64 19.46 2.21
CA GLU A 223 -8.61 19.74 3.19
C GLU A 223 -9.24 20.04 4.56
N ILE A 224 -8.67 19.48 5.63
CA ILE A 224 -9.33 19.47 6.95
C ILE A 224 -9.23 20.85 7.62
N TYR A 225 -9.91 20.97 8.77
CA TYR A 225 -9.97 22.22 9.51
C TYR A 225 -8.80 22.31 10.50
N HIS A 226 -8.09 23.44 10.52
CA HIS A 226 -6.88 23.56 11.32
C HIS A 226 -7.05 24.49 12.52
N GLY A 227 -8.29 24.90 12.84
CA GLY A 227 -8.61 25.81 13.94
C GLY A 227 -8.82 27.26 13.48
N ALA A 228 -9.39 28.09 14.35
CA ALA A 228 -9.79 29.47 14.03
C ALA A 228 -8.56 30.34 13.71
N PRO A 229 -8.68 31.45 12.96
CA PRO A 229 -7.54 32.04 12.26
C PRO A 229 -6.44 32.67 13.15
N ASN A 230 -6.77 32.99 14.41
CA ASN A 230 -5.78 33.59 15.29
C ASN A 230 -5.33 32.63 16.39
N GLU A 231 -5.69 31.35 16.26
CA GLU A 231 -5.59 30.37 17.34
C GLU A 231 -4.57 29.30 16.95
N LYS A 232 -4.25 28.44 17.92
CA LYS A 232 -3.30 27.35 17.72
C LYS A 232 -3.74 26.50 16.52
N TYR A 233 -2.79 26.21 15.62
CA TYR A 233 -3.02 25.26 14.55
C TYR A 233 -3.16 23.85 15.13
N VAL A 234 -4.23 23.15 14.75
CA VAL A 234 -4.43 21.76 15.13
C VAL A 234 -4.37 20.90 13.88
N ALA A 235 -3.65 19.77 13.96
CA ALA A 235 -3.51 18.84 12.84
C ALA A 235 -4.74 17.92 12.80
N GLY A 236 -4.77 17.05 11.80
CA GLY A 236 -5.85 16.10 11.59
C GLY A 236 -5.33 14.70 11.31
N GLU A 237 -6.18 13.70 11.62
CA GLU A 237 -5.81 12.32 11.42
C GLU A 237 -7.06 11.56 11.02
N ILE A 238 -6.90 10.64 10.05
CA ILE A 238 -7.97 9.72 9.76
C ILE A 238 -7.49 8.32 10.08
N SER A 239 -8.43 7.40 10.21
CA SER A 239 -8.22 6.04 10.66
C SER A 239 -8.95 5.10 9.73
N ILE A 240 -8.33 3.95 9.48
CA ILE A 240 -9.01 2.91 8.74
C ILE A 240 -8.70 1.60 9.43
N THR A 241 -9.72 0.75 9.55
CA THR A 241 -9.49 -0.62 9.97
C THR A 241 -9.76 -1.52 8.78
N LEU A 242 -9.27 -2.75 8.81
CA LEU A 242 -9.22 -3.57 7.62
C LEU A 242 -10.57 -4.22 7.31
N ASN A 243 -11.31 -4.61 8.37
CA ASN A 243 -12.68 -5.07 8.22
C ASN A 243 -13.61 -4.06 8.89
N GLN A 244 -14.66 -4.55 9.56
CA GLN A 244 -15.64 -3.68 10.17
C GLN A 244 -15.32 -3.43 11.65
N HIS A 245 -14.32 -4.13 12.21
CA HIS A 245 -14.06 -4.09 13.63
C HIS A 245 -12.62 -3.64 13.91
N TRP A 246 -12.35 -3.15 15.13
CA TRP A 246 -11.05 -2.63 15.46
C TRP A 246 -10.25 -3.71 16.17
N GLY A 247 -10.83 -4.35 17.20
CA GLY A 247 -10.27 -5.58 17.76
C GLY A 247 -10.47 -6.74 16.76
N ILE A 248 -9.73 -7.83 16.95
CA ILE A 248 -9.84 -8.96 16.04
C ILE A 248 -11.27 -9.51 16.05
N ALA A 249 -11.77 -9.88 14.85
CA ALA A 249 -13.12 -10.39 14.71
C ALA A 249 -13.10 -11.52 13.66
N ALA A 250 -13.02 -12.76 14.16
CA ALA A 250 -12.67 -13.91 13.34
C ALA A 250 -13.70 -14.13 12.22
N ASN A 251 -14.98 -13.87 12.47
CA ASN A 251 -15.99 -14.09 11.43
C ASN A 251 -16.46 -12.77 10.83
N ASP A 252 -15.59 -11.75 10.89
CA ASP A 252 -15.85 -10.57 10.09
C ASP A 252 -15.06 -10.74 8.80
N LEU A 253 -15.76 -11.09 7.70
CA LEU A 253 -15.10 -11.40 6.42
C LEU A 253 -15.12 -10.17 5.54
N ASN A 254 -15.69 -9.08 6.04
CA ASN A 254 -15.95 -7.92 5.22
C ASN A 254 -14.71 -7.00 5.22
N TYR A 255 -13.61 -7.52 4.70
CA TYR A 255 -12.36 -6.79 4.52
C TYR A 255 -12.42 -5.87 3.31
N LYS A 256 -11.82 -4.68 3.44
CA LYS A 256 -11.64 -3.73 2.36
C LYS A 256 -10.54 -4.25 1.42
N SER A 257 -10.53 -3.76 0.17
CA SER A 257 -9.45 -4.15 -0.71
C SER A 257 -8.16 -3.48 -0.30
N PRO A 258 -6.99 -4.15 -0.46
CA PRO A 258 -5.72 -3.46 -0.36
C PRO A 258 -5.67 -2.18 -1.21
N ALA A 259 -6.36 -2.17 -2.36
CA ALA A 259 -6.34 -1.02 -3.23
C ALA A 259 -6.99 0.15 -2.51
N GLU A 260 -8.12 -0.10 -1.83
CA GLU A 260 -8.81 0.97 -1.13
C GLU A 260 -7.95 1.48 0.03
N MET A 261 -7.21 0.57 0.68
CA MET A 261 -6.29 0.97 1.73
C MET A 261 -5.27 1.97 1.18
N ILE A 262 -4.66 1.63 0.03
CA ILE A 262 -3.66 2.49 -0.57
C ILE A 262 -4.28 3.85 -0.95
N GLU A 263 -5.50 3.83 -1.53
CA GLU A 263 -6.13 5.07 -1.92
C GLU A 263 -6.45 5.92 -0.68
N THR A 264 -6.73 5.27 0.46
CA THR A 264 -7.09 6.01 1.65
C THR A 264 -5.85 6.70 2.21
N VAL A 265 -4.73 6.04 2.17
CA VAL A 265 -3.50 6.62 2.62
C VAL A 265 -3.14 7.83 1.79
N ALA A 266 -3.29 7.70 0.48
CA ALA A 266 -3.03 8.77 -0.44
C ALA A 266 -3.94 9.95 -0.21
N HIS A 267 -5.21 9.67 0.03
CA HIS A 267 -6.24 10.62 0.30
C HIS A 267 -5.99 11.41 1.57
N ALA A 268 -5.48 10.75 2.59
CA ALA A 268 -5.20 11.42 3.81
C ALA A 268 -4.19 12.53 3.60
N ARG A 269 -3.13 12.23 2.86
CA ARG A 269 -2.11 13.19 2.54
C ARG A 269 -2.64 14.33 1.71
N HIS A 270 -3.53 14.02 0.78
CA HIS A 270 -4.14 14.99 -0.06
C HIS A 270 -4.93 16.00 0.72
N ILE A 271 -5.60 15.58 1.77
CA ILE A 271 -6.41 16.54 2.52
C ILE A 271 -5.62 17.09 3.71
N GLY A 272 -4.36 16.68 3.86
CA GLY A 272 -3.51 17.32 4.86
C GLY A 272 -3.71 16.68 6.24
N ALA A 273 -3.82 15.33 6.30
CA ALA A 273 -4.01 14.63 7.55
C ALA A 273 -3.01 13.48 7.58
N ASN A 274 -2.75 12.98 8.79
CA ASN A 274 -2.08 11.71 8.96
C ASN A 274 -3.12 10.61 8.77
N ILE A 275 -2.63 9.37 8.63
CA ILE A 275 -3.53 8.25 8.58
C ILE A 275 -3.01 7.14 9.48
N LEU A 276 -3.93 6.54 10.24
CA LEU A 276 -3.66 5.36 11.05
C LEU A 276 -4.26 4.16 10.35
N VAL A 277 -3.46 3.11 10.14
CA VAL A 277 -4.00 1.85 9.68
C VAL A 277 -4.06 0.89 10.87
N ASN A 278 -5.26 0.34 11.13
CA ASN A 278 -5.48 -0.41 12.35
C ASN A 278 -5.32 -1.90 12.13
N ILE A 279 -4.68 -2.57 13.10
CA ILE A 279 -4.72 -4.03 13.16
C ILE A 279 -5.13 -4.48 14.56
N GLY A 280 -5.88 -5.58 14.63
CA GLY A 280 -6.28 -6.18 15.90
C GLY A 280 -5.42 -7.41 16.19
N LEU A 281 -4.70 -7.45 17.30
CA LEU A 281 -3.86 -8.62 17.63
C LEU A 281 -4.74 -9.76 18.08
N THR A 282 -4.21 -10.97 18.00
CA THR A 282 -4.87 -12.15 18.56
C THR A 282 -4.86 -12.04 20.09
N GLY A 283 -5.61 -12.95 20.74
CA GLY A 283 -5.71 -13.02 22.18
C GLY A 283 -4.34 -12.95 22.85
N THR A 284 -3.36 -13.70 22.32
CA THR A 284 -2.04 -13.83 22.92
C THR A 284 -1.07 -12.78 22.37
N GLY A 285 -1.53 -11.88 21.47
CA GLY A 285 -0.67 -10.76 21.12
C GLY A 285 0.05 -10.87 19.76
N ALA A 286 -0.32 -11.83 18.90
CA ALA A 286 0.30 -11.96 17.59
C ALA A 286 -0.40 -11.05 16.58
N ILE A 287 0.36 -10.58 15.58
CA ILE A 287 -0.23 -9.98 14.39
C ILE A 287 -0.90 -11.07 13.58
N PRO A 288 -2.20 -11.00 13.32
CA PRO A 288 -2.85 -12.04 12.52
C PRO A 288 -2.35 -12.07 11.08
N ALA A 289 -2.39 -13.25 10.46
CA ALA A 289 -1.90 -13.46 9.10
C ALA A 289 -2.56 -12.47 8.13
N ALA A 290 -3.86 -12.21 8.30
CA ALA A 290 -4.56 -11.32 7.38
C ALA A 290 -3.95 -9.92 7.43
N ALA A 291 -3.62 -9.45 8.64
CA ALA A 291 -3.05 -8.12 8.82
C ALA A 291 -1.65 -8.07 8.19
N GLN A 292 -0.88 -9.16 8.31
CA GLN A 292 0.42 -9.26 7.68
C GLN A 292 0.32 -9.04 6.16
N THR A 293 -0.68 -9.67 5.52
CA THR A 293 -0.86 -9.51 4.08
C THR A 293 -1.03 -8.03 3.72
N TYR A 294 -1.91 -7.34 4.44
CA TYR A 294 -2.19 -5.94 4.15
C TYR A 294 -0.94 -5.09 4.41
N MET A 295 -0.21 -5.40 5.49
CA MET A 295 1.00 -4.67 5.78
C MET A 295 2.05 -4.85 4.68
N HIS A 296 2.23 -6.09 4.19
CA HIS A 296 3.18 -6.35 3.11
C HIS A 296 2.82 -5.54 1.86
N LEU A 297 1.52 -5.48 1.51
CA LEU A 297 1.16 -4.77 0.30
C LEU A 297 1.33 -3.27 0.52
N LEU A 298 0.86 -2.76 1.66
CA LEU A 298 0.99 -1.33 1.94
C LEU A 298 2.48 -0.95 1.95
N GLY A 299 3.32 -1.84 2.52
CA GLY A 299 4.75 -1.57 2.63
C GLY A 299 5.40 -1.39 1.25
N ARG A 300 4.95 -2.16 0.25
CA ARG A 300 5.53 -1.98 -1.05
C ARG A 300 5.13 -0.59 -1.59
N TRP A 301 3.89 -0.16 -1.33
CA TRP A 301 3.49 1.14 -1.82
C TRP A 301 4.24 2.26 -1.10
N THR A 302 4.34 2.17 0.24
CA THR A 302 4.94 3.28 0.97
C THR A 302 6.43 3.37 0.67
N ALA A 303 7.11 2.24 0.39
CA ALA A 303 8.52 2.32 0.02
C ALA A 303 8.65 3.10 -1.29
N MET A 304 7.75 2.85 -2.25
CA MET A 304 7.82 3.55 -3.53
C MET A 304 7.47 5.03 -3.30
N ALA A 305 6.56 5.34 -2.38
CA ALA A 305 6.06 6.71 -2.18
C ALA A 305 6.89 7.51 -1.17
N ALA A 306 7.95 6.92 -0.60
CA ALA A 306 8.77 7.56 0.43
C ALA A 306 9.16 9.02 0.09
N PRO A 307 9.56 9.36 -1.17
CA PRO A 307 9.92 10.76 -1.47
C PRO A 307 8.85 11.78 -1.13
N VAL A 308 7.57 11.38 -1.02
CA VAL A 308 6.54 12.39 -0.89
C VAL A 308 5.63 12.09 0.30
N LEU A 309 5.56 10.83 0.75
CA LEU A 309 4.58 10.44 1.74
C LEU A 309 4.69 11.28 3.03
N TYR A 310 5.93 11.56 3.46
CA TYR A 310 6.19 12.19 4.75
C TYR A 310 6.14 13.72 4.62
N LYS A 311 6.85 14.29 3.63
CA LYS A 311 7.00 15.75 3.58
C LYS A 311 5.96 16.38 2.66
N GLY A 312 5.28 15.58 1.82
CA GLY A 312 4.32 16.12 0.86
C GLY A 312 3.16 16.81 1.57
N ARG A 313 2.79 17.98 1.07
CA ARG A 313 1.68 18.73 1.63
C ARG A 313 0.72 19.11 0.50
N PRO A 314 -0.56 19.34 0.83
CA PRO A 314 -1.51 19.83 -0.16
C PRO A 314 -1.09 21.19 -0.69
N VAL A 315 -1.57 21.54 -1.88
CA VAL A 315 -1.14 22.75 -2.55
C VAL A 315 -2.27 23.13 -3.49
N PRO A 316 -2.51 24.43 -3.77
CA PRO A 316 -3.64 24.83 -4.62
C PRO A 316 -3.43 24.50 -6.11
N VAL A 317 -3.32 23.21 -6.40
CA VAL A 317 -3.17 22.72 -7.75
C VAL A 317 -4.27 21.70 -7.91
N THR A 318 -5.17 21.92 -8.87
CA THR A 318 -6.28 20.98 -9.03
C THR A 318 -6.08 20.14 -10.29
N SER A 319 -6.79 19.04 -10.33
CA SER A 319 -6.78 18.17 -11.47
C SER A 319 -7.91 18.50 -12.38
N ALA A 320 -7.82 18.03 -13.60
CA ALA A 320 -8.84 18.27 -14.60
C ALA A 320 -10.11 17.51 -14.35
N HIS A 321 -11.15 17.94 -15.02
CA HIS A 321 -12.44 17.41 -14.87
C HIS A 321 -12.49 15.93 -15.14
N GLY A 322 -13.16 15.24 -14.25
CA GLY A 322 -13.32 13.82 -14.36
C GLY A 322 -12.22 12.95 -13.86
N THR A 323 -11.25 13.50 -13.16
CA THR A 323 -10.19 12.70 -12.63
C THR A 323 -10.08 12.86 -11.15
N ARG A 324 -9.47 11.87 -10.52
CA ARG A 324 -9.26 11.85 -9.11
C ARG A 324 -7.82 12.20 -8.75
N ASP A 325 -7.06 12.63 -9.71
CA ASP A 325 -5.66 12.97 -9.53
C ASP A 325 -5.38 14.16 -8.63
N PHE A 326 -4.26 14.17 -7.96
CA PHE A 326 -3.97 15.32 -7.11
C PHE A 326 -2.46 15.55 -7.02
N VAL A 327 -2.07 16.65 -6.38
CA VAL A 327 -0.67 17.04 -6.31
C VAL A 327 -0.26 17.19 -4.85
N LEU A 328 0.97 16.79 -4.52
CA LEU A 328 1.57 17.07 -3.24
C LEU A 328 2.87 17.85 -3.46
N HIS A 329 3.16 18.77 -2.55
CA HIS A 329 4.30 19.69 -2.66
C HIS A 329 5.30 19.39 -1.55
N THR A 330 6.58 19.22 -1.91
CA THR A 330 7.66 19.36 -0.94
C THR A 330 8.45 20.62 -1.30
N SER A 331 9.48 20.94 -0.52
CA SER A 331 10.22 22.18 -0.78
C SER A 331 10.97 22.11 -2.10
N LYS A 332 11.42 20.92 -2.52
CA LYS A 332 12.18 20.77 -3.75
C LYS A 332 11.33 20.32 -4.96
N HIS A 333 10.19 19.64 -4.74
CA HIS A 333 9.48 19.05 -5.87
C HIS A 333 7.96 19.15 -5.73
N ASP A 334 7.27 19.05 -6.86
CA ASP A 334 5.86 18.67 -6.85
C ASP A 334 5.72 17.22 -7.31
N PHE A 335 4.65 16.56 -6.84
CA PHE A 335 4.40 15.17 -7.20
C PHE A 335 2.95 15.04 -7.65
N LEU A 336 2.76 14.44 -8.82
CA LEU A 336 1.43 14.10 -9.34
C LEU A 336 1.08 12.69 -8.84
N CYS A 337 -0.03 12.59 -8.12
CA CYS A 337 -0.59 11.32 -7.66
C CYS A 337 -1.74 10.97 -8.60
N ILE A 338 -1.53 9.89 -9.37
CA ILE A 338 -2.42 9.60 -10.49
C ILE A 338 -3.12 8.27 -10.24
N LEU A 339 -4.46 8.32 -10.32
CA LEU A 339 -5.34 7.17 -10.06
C LEU A 339 -5.97 6.68 -11.34
N ASP A 340 -6.54 5.47 -11.29
CA ASP A 340 -7.36 4.90 -12.36
C ASP A 340 -6.50 4.68 -13.61
N LEU A 341 -5.25 4.25 -13.43
CA LEU A 341 -4.43 3.82 -14.55
C LEU A 341 -4.65 2.34 -14.80
N GLN A 342 -4.41 1.91 -16.03
CA GLN A 342 -4.45 0.50 -16.35
C GLN A 342 -3.07 -0.07 -16.67
N VAL A 343 -2.97 -1.40 -16.69
CA VAL A 343 -1.80 -2.13 -17.12
C VAL A 343 -1.69 -2.10 -18.64
N VAL A 344 -0.46 -1.96 -19.15
CA VAL A 344 -0.16 -1.92 -20.57
C VAL A 344 0.11 -3.33 -21.09
N GLY A 345 -0.62 -3.76 -22.13
CA GLY A 345 -0.29 -4.95 -22.94
C GLY A 345 0.71 -4.65 -24.07
N LYS A 346 0.57 -5.32 -25.21
CA LYS A 346 1.45 -5.06 -26.35
C LYS A 346 0.82 -5.61 -27.63
N ASP A 347 0.74 -4.77 -28.67
CA ASP A 347 0.24 -5.11 -29.99
C ASP A 347 -1.23 -5.52 -29.93
N ASN A 348 -1.48 -6.83 -30.09
CA ASN A 348 -2.81 -7.42 -30.15
C ASN A 348 -3.39 -7.60 -28.74
N VAL A 349 -2.51 -7.73 -27.73
CA VAL A 349 -2.91 -7.95 -26.34
C VAL A 349 -3.14 -6.59 -25.66
N VAL A 350 -4.42 -6.20 -25.58
CA VAL A 350 -4.89 -4.91 -25.09
C VAL A 350 -5.38 -5.10 -23.66
N LEU A 351 -4.67 -4.49 -22.70
CA LEU A 351 -5.01 -4.59 -21.28
C LEU A 351 -5.64 -3.29 -20.75
N GLY A 352 -5.57 -2.19 -21.52
CA GLY A 352 -6.30 -0.97 -21.21
C GLY A 352 -5.45 0.31 -21.18
N GLY A 353 -4.12 0.19 -20.95
CA GLY A 353 -3.30 1.35 -20.64
C GLY A 353 -2.50 1.95 -21.81
N GLU A 354 -2.66 1.42 -23.05
CA GLU A 354 -1.63 1.61 -24.10
C GLU A 354 -1.77 2.90 -24.91
N GLY A 355 -2.96 3.50 -24.98
CA GLY A 355 -3.12 4.78 -25.66
C GLY A 355 -2.49 5.93 -24.87
N VAL A 356 -2.20 7.04 -25.53
CA VAL A 356 -1.83 8.25 -24.81
C VAL A 356 -2.93 8.63 -23.83
N ASN A 357 -2.51 9.06 -22.63
CA ASN A 357 -3.44 9.27 -21.53
C ASN A 357 -3.21 10.66 -20.92
N PRO A 358 -3.70 11.72 -21.57
CA PRO A 358 -3.42 13.08 -21.08
C PRO A 358 -4.13 13.38 -19.76
N ARG A 359 -3.35 13.68 -18.73
CA ARG A 359 -3.90 14.06 -17.42
C ARG A 359 -3.41 15.47 -17.14
N SER A 360 -4.34 16.37 -16.86
CA SER A 360 -4.04 17.79 -16.68
C SER A 360 -4.23 18.25 -15.24
N PHE A 361 -3.51 19.34 -14.90
CA PHE A 361 -3.52 19.99 -13.60
C PHE A 361 -3.45 21.50 -13.83
N VAL A 362 -4.07 22.25 -12.92
CA VAL A 362 -4.16 23.68 -13.03
C VAL A 362 -3.57 24.26 -11.73
N GLY A 363 -2.55 25.11 -11.86
CA GLY A 363 -1.96 25.77 -10.71
C GLY A 363 -0.44 25.68 -10.71
N ILE A 364 0.15 25.05 -11.73
CA ILE A 364 1.59 25.03 -11.85
C ILE A 364 2.05 26.12 -12.83
N GLY A 365 2.75 27.13 -12.30
CA GLY A 365 3.14 28.31 -13.07
C GLY A 365 4.62 28.35 -13.44
N GLN A 366 5.44 27.39 -12.96
CA GLN A 366 6.88 27.42 -13.19
C GLN A 366 7.25 26.43 -14.31
N PRO A 367 8.24 26.77 -15.18
CA PRO A 367 8.68 25.84 -16.21
C PRO A 367 9.25 24.54 -15.66
N ILE A 368 8.91 23.43 -16.29
CA ILE A 368 9.33 22.13 -15.78
C ILE A 368 10.46 21.60 -16.64
N GLN A 369 11.44 20.95 -16.02
CA GLN A 369 12.53 20.34 -16.75
C GLN A 369 12.22 18.87 -17.09
N ARG A 370 11.75 18.10 -16.11
CA ARG A 370 11.57 16.66 -16.28
C ARG A 370 10.45 16.18 -15.34
N ILE A 371 9.72 15.14 -15.78
CA ILE A 371 8.75 14.47 -14.93
C ILE A 371 8.99 12.97 -15.08
N HIS A 372 8.98 12.24 -13.95
CA HIS A 372 9.22 10.80 -14.06
C HIS A 372 8.45 10.03 -12.99
N TRP A 373 8.05 8.79 -13.35
CA TRP A 373 7.35 7.94 -12.40
C TRP A 373 8.33 7.49 -11.33
N LEU A 374 7.91 7.51 -10.05
CA LEU A 374 8.76 7.04 -8.95
C LEU A 374 9.00 5.54 -9.05
N ASP A 375 8.06 4.76 -9.60
CA ASP A 375 8.19 3.32 -9.50
C ASP A 375 9.25 2.79 -10.47
N ASN A 376 9.47 3.43 -11.63
CA ASN A 376 10.42 2.84 -12.57
C ASN A 376 11.28 3.92 -13.25
N ASP A 377 11.13 5.19 -12.88
CA ASP A 377 11.91 6.31 -13.42
C ASP A 377 11.64 6.60 -14.91
N GLU A 378 10.53 6.10 -15.46
CA GLU A 378 10.22 6.46 -16.84
C GLU A 378 9.93 7.96 -16.93
N VAL A 379 10.51 8.63 -17.93
CA VAL A 379 10.32 10.05 -18.18
C VAL A 379 9.00 10.21 -18.92
N LEU A 380 8.17 11.16 -18.48
CA LEU A 380 6.86 11.39 -19.08
C LEU A 380 6.95 12.60 -20.00
N SER A 381 6.22 12.56 -21.11
CA SER A 381 6.13 13.76 -21.90
C SER A 381 5.02 14.65 -21.33
N PHE A 382 5.15 15.98 -21.58
CA PHE A 382 4.22 16.93 -20.98
C PHE A 382 4.25 18.20 -21.80
N THR A 383 3.22 19.04 -21.64
CA THR A 383 3.21 20.37 -22.20
C THR A 383 2.70 21.29 -21.10
N GLN A 384 3.05 22.57 -21.17
CA GLN A 384 2.56 23.52 -20.19
C GLN A 384 2.01 24.73 -20.92
N ASP A 385 1.02 25.38 -20.31
CA ASP A 385 0.65 26.76 -20.60
C ASP A 385 0.90 27.54 -19.31
N LEU A 386 2.01 28.29 -19.28
CA LEU A 386 2.45 28.96 -18.06
C LEU A 386 1.51 30.10 -17.70
N ASP A 387 0.89 30.74 -18.68
CA ASP A 387 0.02 31.86 -18.35
C ASP A 387 -1.21 31.39 -17.59
N LYS A 388 -1.78 30.26 -18.02
CA LYS A 388 -2.99 29.72 -17.39
C LYS A 388 -2.65 28.69 -16.33
N LYS A 389 -1.36 28.35 -16.22
CA LYS A 389 -0.87 27.43 -15.20
C LYS A 389 -1.39 26.02 -15.43
N VAL A 390 -1.42 25.60 -16.69
CA VAL A 390 -1.89 24.28 -17.04
C VAL A 390 -0.68 23.40 -17.29
N LEU A 391 -0.72 22.18 -16.75
CA LEU A 391 0.24 21.12 -17.05
C LEU A 391 -0.55 19.93 -17.55
N THR A 392 -0.12 19.34 -18.67
CA THR A 392 -0.72 18.13 -19.19
C THR A 392 0.38 17.10 -19.37
N VAL A 393 0.21 15.92 -18.78
CA VAL A 393 1.21 14.88 -18.86
C VAL A 393 0.59 13.69 -19.58
N ASP A 394 1.42 12.91 -20.29
CA ASP A 394 0.93 11.64 -20.80
C ASP A 394 1.22 10.60 -19.73
N ALA A 395 0.20 10.22 -18.97
CA ALA A 395 0.37 9.30 -17.84
C ALA A 395 0.33 7.86 -18.35
N THR A 396 1.49 7.29 -18.69
CA THR A 396 1.54 5.97 -19.27
C THR A 396 1.02 4.94 -18.24
N GLY A 397 0.47 3.84 -18.74
CA GLY A 397 -0.09 2.80 -17.90
C GLY A 397 1.03 1.96 -17.28
N TYR A 398 0.67 1.06 -16.38
CA TYR A 398 1.66 0.27 -15.66
C TYR A 398 2.33 -0.72 -16.62
N PRO A 399 3.64 -0.97 -16.43
CA PRO A 399 4.24 -2.12 -17.09
C PRO A 399 3.51 -3.40 -16.68
N TYR A 400 3.26 -4.27 -17.66
CA TYR A 400 2.71 -5.58 -17.39
C TYR A 400 3.40 -6.16 -16.16
N GLY A 401 2.62 -6.77 -15.27
CA GLY A 401 3.17 -7.39 -14.07
C GLY A 401 3.18 -6.46 -12.87
N SER A 402 2.73 -5.20 -13.05
CA SER A 402 2.70 -4.33 -11.87
C SER A 402 1.44 -3.47 -11.89
N ASP A 403 1.08 -2.91 -10.72
CA ASP A 403 -0.09 -2.03 -10.58
C ASP A 403 -0.03 -1.41 -9.19
N TRP A 404 0.29 -0.11 -9.16
CA TRP A 404 0.62 0.56 -7.91
C TRP A 404 -0.61 1.19 -7.28
N VAL A 405 -1.73 1.18 -8.01
CA VAL A 405 -3.00 1.71 -7.53
C VAL A 405 -2.98 3.24 -7.53
N VAL A 406 -2.05 3.83 -6.76
CA VAL A 406 -1.80 5.28 -6.87
C VAL A 406 -0.37 5.44 -7.35
N ARG A 407 -0.21 5.91 -8.60
CA ARG A 407 1.10 6.07 -9.20
C ARG A 407 1.54 7.52 -8.99
N ILE A 408 2.85 7.70 -8.76
CA ILE A 408 3.35 9.02 -8.38
C ILE A 408 4.42 9.44 -9.36
N ALA A 409 4.25 10.63 -9.92
CA ALA A 409 5.25 11.24 -10.81
C ALA A 409 5.91 12.42 -10.11
N GLN A 410 7.24 12.42 -10.10
CA GLN A 410 7.98 13.54 -9.53
C GLN A 410 8.26 14.61 -10.59
N ILE A 411 7.95 15.86 -10.26
CA ILE A 411 8.27 16.99 -11.13
C ILE A 411 9.60 17.62 -10.69
N ASP A 412 10.52 17.77 -11.61
CA ASP A 412 11.77 18.44 -11.37
C ASP A 412 11.72 19.79 -12.10
N TYR A 413 11.77 20.87 -11.36
CA TYR A 413 11.76 22.18 -11.95
C TYR A 413 13.01 22.68 -12.61
N GLU A 414 12.75 23.43 -13.64
CA GLU A 414 13.73 24.07 -14.45
C GLU A 414 14.40 25.03 -13.52
N MET B 1 -36.02 -28.50 -23.90
CA MET B 1 -34.78 -28.07 -23.21
C MET B 1 -34.04 -29.27 -22.63
N THR B 2 -32.76 -29.44 -23.00
CA THR B 2 -32.05 -30.59 -22.46
C THR B 2 -31.55 -30.28 -21.06
N GLU B 3 -31.30 -31.34 -20.29
CA GLU B 3 -30.79 -31.26 -18.95
C GLU B 3 -29.37 -31.81 -18.99
N PRO B 4 -28.55 -31.49 -17.97
CA PRO B 4 -27.14 -31.92 -18.02
C PRO B 4 -26.97 -33.44 -18.03
N LEU B 5 -26.03 -33.93 -18.82
CA LEU B 5 -25.58 -35.33 -18.69
C LEU B 5 -25.04 -35.53 -17.27
N PRO B 6 -25.07 -36.76 -16.73
CA PRO B 6 -24.54 -37.01 -15.38
C PRO B 6 -23.19 -36.35 -15.07
N ARG B 7 -22.21 -36.43 -15.97
CA ARG B 7 -20.88 -35.95 -15.57
C ARG B 7 -20.91 -34.42 -15.42
N ILE B 8 -21.81 -33.76 -16.18
CA ILE B 8 -21.93 -32.30 -16.12
C ILE B 8 -22.72 -31.88 -14.89
N GLN B 9 -23.71 -32.69 -14.52
CA GLN B 9 -24.44 -32.50 -13.29
C GLN B 9 -23.46 -32.60 -12.12
N HIS B 10 -22.56 -33.57 -12.15
CA HIS B 10 -21.54 -33.71 -11.11
CA HIS B 10 -21.54 -33.71 -11.10
C HIS B 10 -20.64 -32.46 -11.12
N TYR B 11 -20.32 -31.95 -12.31
CA TYR B 11 -19.48 -30.77 -12.40
C TYR B 11 -20.16 -29.58 -11.70
N GLU B 12 -21.45 -29.37 -11.98
CA GLU B 12 -22.16 -28.22 -11.44
C GLU B 12 -22.25 -28.34 -9.92
N ASP B 13 -22.19 -29.56 -9.38
CA ASP B 13 -22.24 -29.77 -7.95
C ASP B 13 -20.89 -29.45 -7.31
N LEU B 14 -19.81 -29.32 -8.11
CA LEU B 14 -18.51 -29.01 -7.57
C LEU B 14 -18.52 -27.59 -6.99
N GLY B 15 -19.19 -26.67 -7.70
CA GLY B 15 -19.42 -25.31 -7.22
C GLY B 15 -18.18 -24.42 -7.39
N LEU B 16 -17.16 -24.75 -6.59
CA LEU B 16 -15.99 -23.92 -6.44
C LEU B 16 -14.76 -24.74 -6.73
N GLY B 17 -13.86 -24.17 -7.54
CA GLY B 17 -12.55 -24.78 -7.70
C GLY B 17 -11.43 -23.77 -7.46
N LEU B 18 -10.23 -24.31 -7.28
CA LEU B 18 -9.05 -23.49 -7.20
C LEU B 18 -8.29 -23.60 -8.50
N PHE B 19 -7.95 -22.45 -9.08
CA PHE B 19 -7.09 -22.39 -10.26
C PHE B 19 -5.67 -22.08 -9.78
N ILE B 20 -4.69 -22.84 -10.27
CA ILE B 20 -3.31 -22.64 -9.85
C ILE B 20 -2.45 -22.33 -11.08
N HIS B 21 -1.88 -21.12 -11.11
CA HIS B 21 -0.91 -20.74 -12.14
C HIS B 21 0.51 -20.90 -11.58
N TRP B 22 1.26 -21.75 -12.24
CA TRP B 22 2.65 -21.97 -11.88
C TRP B 22 3.41 -22.41 -13.12
N GLY B 23 4.49 -21.69 -13.43
CA GLY B 23 5.32 -22.02 -14.58
C GLY B 23 6.69 -21.36 -14.41
N LEU B 24 7.48 -21.31 -15.50
CA LEU B 24 8.77 -20.65 -15.41
C LEU B 24 8.57 -19.17 -15.10
N TYR B 25 7.49 -18.59 -15.66
CA TYR B 25 7.22 -17.17 -15.44
C TYR B 25 7.18 -16.82 -13.96
N SER B 26 6.77 -17.77 -13.11
CA SER B 26 6.60 -17.52 -11.69
C SER B 26 7.90 -17.00 -11.06
N GLN B 27 9.06 -17.41 -11.59
CA GLN B 27 10.33 -16.97 -11.00
C GLN B 27 10.55 -15.47 -11.19
N MET B 28 9.98 -14.87 -12.25
CA MET B 28 10.18 -13.44 -12.44
C MET B 28 9.13 -12.58 -11.71
N ALA B 29 7.96 -13.17 -11.40
CA ALA B 29 6.93 -12.52 -10.60
C ALA B 29 6.51 -11.20 -11.25
N VAL B 30 6.38 -11.21 -12.58
CA VAL B 30 5.85 -10.08 -13.32
C VAL B 30 4.76 -10.55 -14.28
N GLY B 31 3.97 -11.56 -13.86
CA GLY B 31 2.84 -12.01 -14.67
C GLY B 31 3.19 -13.15 -15.64
N GLU B 32 2.18 -13.96 -15.98
CA GLU B 32 2.39 -15.20 -16.74
C GLU B 32 2.66 -14.89 -18.22
N TRP B 33 2.30 -13.72 -18.72
CA TRP B 33 2.54 -13.46 -20.15
C TRP B 33 3.86 -12.72 -20.37
N THR B 34 4.75 -12.68 -19.37
CA THR B 34 5.93 -11.82 -19.40
C THR B 34 6.79 -12.04 -20.66
N GLU B 35 6.97 -13.29 -21.09
CA GLU B 35 7.84 -13.60 -22.22
C GLU B 35 7.40 -12.82 -23.47
N LEU B 36 6.11 -12.86 -23.80
CA LEU B 36 5.60 -12.13 -24.94
C LEU B 36 5.49 -10.63 -24.63
N ILE B 37 4.87 -10.26 -23.52
CA ILE B 37 4.49 -8.86 -23.33
C ILE B 37 5.72 -7.97 -23.07
N HIS B 38 6.74 -8.50 -22.39
CA HIS B 38 7.95 -7.73 -22.18
C HIS B 38 8.97 -7.98 -23.29
N HIS B 39 8.57 -8.66 -24.38
CA HIS B 39 9.41 -8.88 -25.56
C HIS B 39 10.75 -9.47 -25.16
N ARG B 40 10.74 -10.55 -24.38
CA ARG B 40 12.01 -11.07 -23.91
C ARG B 40 12.67 -11.85 -25.06
N ASN B 41 14.00 -11.93 -25.05
CA ASN B 41 14.70 -12.91 -25.83
C ASN B 41 14.32 -14.32 -25.30
N GLN B 42 13.80 -15.13 -26.22
CA GLN B 42 13.36 -16.47 -25.87
C GLN B 42 14.46 -17.28 -25.21
N HIS B 43 15.66 -17.30 -25.76
CA HIS B 43 16.74 -18.11 -25.20
C HIS B 43 16.97 -17.73 -23.73
N ASP B 44 17.01 -16.43 -23.44
CA ASP B 44 17.36 -15.96 -22.10
C ASP B 44 16.24 -16.30 -21.13
N TYR B 45 14.96 -16.13 -21.57
CA TYR B 45 13.83 -16.48 -20.75
C TYR B 45 13.85 -17.99 -20.41
N GLU B 46 14.11 -18.82 -21.42
CA GLU B 46 13.99 -20.26 -21.28
C GLU B 46 15.09 -20.81 -20.38
N GLN B 47 16.13 -20.01 -20.09
CA GLN B 47 17.13 -20.38 -19.10
C GLN B 47 16.51 -20.60 -17.71
N LEU B 48 15.30 -20.04 -17.48
CA LEU B 48 14.60 -20.21 -16.21
C LEU B 48 14.39 -21.69 -15.89
N ILE B 49 14.39 -22.56 -16.91
CA ILE B 49 14.29 -24.01 -16.67
C ILE B 49 15.40 -24.48 -15.73
N LYS B 50 16.58 -23.82 -15.78
CA LYS B 50 17.74 -24.30 -15.04
C LYS B 50 17.60 -24.06 -13.54
N THR B 51 16.70 -23.14 -13.15
CA THR B 51 16.53 -22.83 -11.74
C THR B 51 15.13 -23.23 -11.28
N PHE B 52 14.41 -24.00 -12.08
CA PHE B 52 13.11 -24.55 -11.71
C PHE B 52 13.30 -25.78 -10.82
N THR B 53 13.44 -25.57 -9.49
CA THR B 53 13.76 -26.64 -8.56
C THR B 53 12.47 -27.26 -8.01
N ALA B 54 11.37 -26.49 -8.04
CA ALA B 54 10.14 -26.84 -7.34
C ALA B 54 10.42 -27.14 -5.87
N ALA B 55 11.41 -26.48 -5.26
CA ALA B 55 11.86 -26.83 -3.92
C ALA B 55 10.74 -26.65 -2.88
N GLN B 56 9.74 -25.81 -3.15
CA GLN B 56 8.74 -25.60 -2.13
C GLN B 56 7.36 -26.05 -2.61
N PHE B 57 7.33 -26.81 -3.71
CA PHE B 57 6.05 -27.32 -4.16
C PHE B 57 5.67 -28.54 -3.33
N ASP B 58 4.54 -28.45 -2.65
CA ASP B 58 4.00 -29.55 -1.87
C ASP B 58 2.54 -29.76 -2.27
N ALA B 59 2.30 -30.78 -3.09
CA ALA B 59 0.98 -30.96 -3.67
C ALA B 59 -0.03 -31.28 -2.56
N LYS B 60 0.46 -31.93 -1.49
CA LYS B 60 -0.40 -32.25 -0.34
C LYS B 60 -0.87 -30.98 0.34
N LYS B 61 0.00 -29.99 0.50
CA LYS B 61 -0.39 -28.72 1.11
C LYS B 61 -1.41 -28.01 0.23
N ILE B 62 -1.18 -28.03 -1.07
CA ILE B 62 -2.10 -27.40 -1.97
C ILE B 62 -3.47 -28.06 -1.96
N ALA B 63 -3.52 -29.38 -1.97
CA ALA B 63 -4.76 -30.12 -1.93
C ALA B 63 -5.47 -29.85 -0.65
N HIS B 64 -4.73 -29.81 0.44
CA HIS B 64 -5.30 -29.49 1.71
C HIS B 64 -5.89 -28.08 1.81
N ALA B 65 -5.22 -27.11 1.26
CA ALA B 65 -5.69 -25.76 1.24
C ALA B 65 -6.95 -25.69 0.41
N ALA B 66 -6.99 -26.40 -0.70
CA ALA B 66 -8.19 -26.41 -1.52
C ALA B 66 -9.37 -27.02 -0.77
N LYS B 67 -9.11 -28.11 -0.05
CA LYS B 67 -10.16 -28.77 0.71
C LYS B 67 -10.71 -27.78 1.73
N ALA B 68 -9.80 -27.10 2.44
CA ALA B 68 -10.17 -26.19 3.52
C ALA B 68 -10.94 -24.98 2.97
N VAL B 69 -10.66 -24.55 1.73
CA VAL B 69 -11.37 -23.40 1.20
C VAL B 69 -12.77 -23.82 0.73
N GLY B 70 -13.04 -25.14 0.70
CA GLY B 70 -14.33 -25.61 0.21
C GLY B 70 -14.34 -25.88 -1.31
N ALA B 71 -13.16 -25.89 -1.94
CA ALA B 71 -13.08 -26.20 -3.36
C ALA B 71 -13.25 -27.71 -3.54
N LYS B 72 -13.80 -28.13 -4.68
CA LYS B 72 -14.04 -29.55 -4.94
C LYS B 72 -13.19 -30.03 -6.12
N TYR B 73 -12.51 -29.08 -6.79
CA TYR B 73 -11.56 -29.44 -7.82
C TYR B 73 -10.47 -28.38 -7.89
N ILE B 74 -9.38 -28.73 -8.58
CA ILE B 74 -8.25 -27.85 -8.78
C ILE B 74 -7.87 -27.93 -10.26
N VAL B 75 -7.72 -26.77 -10.89
CA VAL B 75 -7.18 -26.64 -12.22
C VAL B 75 -5.72 -26.20 -12.11
N LEU B 76 -4.78 -27.09 -12.48
CA LEU B 76 -3.37 -26.75 -12.49
C LEU B 76 -2.88 -26.50 -13.92
N THR B 77 -2.07 -25.44 -14.09
CA THR B 77 -1.49 -25.13 -15.40
C THR B 77 -0.41 -26.20 -15.71
N THR B 78 -0.69 -27.11 -16.66
CA THR B 78 0.27 -28.19 -16.97
C THR B 78 1.27 -27.72 -18.03
N LYS B 79 0.83 -26.76 -18.86
CA LYS B 79 1.67 -26.09 -19.84
C LYS B 79 0.97 -24.80 -20.22
N HIS B 80 1.67 -23.67 -20.01
CA HIS B 80 1.12 -22.35 -20.33
C HIS B 80 1.64 -21.94 -21.71
N HIS B 81 1.36 -20.69 -22.12
CA HIS B 81 1.82 -20.21 -23.42
C HIS B 81 3.35 -20.35 -23.56
N GLU B 82 4.09 -20.13 -22.49
CA GLU B 82 5.54 -20.26 -22.49
C GLU B 82 5.93 -21.64 -23.00
N GLY B 83 5.04 -22.64 -22.87
CA GLY B 83 5.23 -23.92 -23.54
C GLY B 83 6.03 -24.92 -22.72
N PHE B 84 6.33 -24.60 -21.45
CA PHE B 84 7.05 -25.49 -20.56
C PHE B 84 6.06 -26.44 -19.88
N PHE B 85 6.37 -27.75 -19.90
CA PHE B 85 5.48 -28.77 -19.36
C PHE B 85 5.87 -29.14 -17.94
N LEU B 86 4.86 -29.18 -17.04
CA LEU B 86 5.09 -29.49 -15.63
C LEU B 86 5.04 -31.00 -15.39
N TYR B 87 5.02 -31.79 -16.47
CA TYR B 87 4.98 -33.24 -16.35
C TYR B 87 5.97 -33.89 -17.32
N ASP B 88 6.18 -35.20 -17.17
CA ASP B 88 7.09 -35.95 -18.04
C ASP B 88 6.42 -36.19 -19.39
N THR B 89 6.94 -35.54 -20.45
CA THR B 89 6.29 -35.69 -21.74
C THR B 89 6.79 -36.94 -22.48
N LYS B 90 7.62 -37.75 -21.80
CA LYS B 90 8.06 -39.05 -22.32
C LYS B 90 8.69 -38.90 -23.71
N GLY B 91 9.56 -37.89 -23.90
CA GLY B 91 10.25 -37.70 -25.14
C GLY B 91 9.58 -36.75 -26.12
N LEU B 92 8.35 -36.29 -25.85
CA LEU B 92 7.73 -35.34 -26.78
C LEU B 92 8.53 -34.04 -26.81
N SER B 93 9.07 -33.61 -25.65
CA SER B 93 9.79 -32.35 -25.60
C SER B 93 10.89 -32.41 -24.54
N ASP B 94 11.94 -31.63 -24.73
CA ASP B 94 12.98 -31.46 -23.73
C ASP B 94 12.67 -30.28 -22.79
N PHE B 95 11.61 -29.53 -23.12
CA PHE B 95 11.28 -28.37 -22.32
C PHE B 95 10.23 -28.77 -21.28
N ASP B 96 10.63 -29.65 -20.35
CA ASP B 96 9.70 -30.23 -19.40
C ASP B 96 10.41 -30.39 -18.06
N VAL B 97 9.64 -30.74 -17.04
CA VAL B 97 10.18 -30.72 -15.70
C VAL B 97 11.22 -31.83 -15.52
N MET B 98 11.19 -32.86 -16.36
CA MET B 98 12.19 -33.91 -16.27
C MET B 98 13.59 -33.43 -16.65
N HIS B 99 13.66 -32.34 -17.37
CA HIS B 99 14.87 -31.70 -17.78
C HIS B 99 15.23 -30.52 -16.93
N ALA B 100 14.53 -30.34 -15.85
CA ALA B 100 14.82 -29.29 -14.92
C ALA B 100 15.42 -29.92 -13.67
N PRO B 101 16.00 -29.13 -12.79
CA PRO B 101 16.56 -29.66 -11.55
C PRO B 101 15.55 -30.34 -10.61
N ALA B 102 14.29 -29.98 -10.67
CA ALA B 102 13.26 -30.58 -9.87
C ALA B 102 13.20 -32.07 -10.09
N ARG B 103 13.25 -32.49 -11.35
CA ARG B 103 13.26 -33.89 -11.79
C ARG B 103 12.11 -34.71 -11.24
N ARG B 104 10.94 -34.12 -11.17
CA ARG B 104 9.79 -34.74 -10.61
C ARG B 104 8.60 -34.54 -11.47
N ASP B 105 7.82 -35.56 -11.68
CA ASP B 105 6.57 -35.37 -12.41
C ASP B 105 5.55 -34.71 -11.46
N LEU B 106 5.39 -33.38 -11.61
CA LEU B 106 4.60 -32.59 -10.68
C LEU B 106 3.12 -32.90 -10.86
N ILE B 107 2.72 -33.23 -12.10
CA ILE B 107 1.35 -33.64 -12.34
C ILE B 107 1.03 -34.94 -11.59
N ALA B 108 1.99 -35.88 -11.51
CA ALA B 108 1.75 -37.13 -10.77
C ALA B 108 1.54 -36.80 -9.30
N GLU B 109 2.38 -35.91 -8.75
CA GLU B 109 2.25 -35.56 -7.34
C GLU B 109 0.88 -34.90 -7.12
N PHE B 110 0.47 -34.08 -8.10
CA PHE B 110 -0.76 -33.31 -7.99
C PHE B 110 -1.97 -34.24 -7.98
N VAL B 111 -1.99 -35.22 -8.88
CA VAL B 111 -3.13 -36.10 -9.03
C VAL B 111 -3.25 -36.97 -7.77
N ALA B 112 -2.13 -37.42 -7.21
CA ALA B 112 -2.17 -38.26 -6.02
C ALA B 112 -2.71 -37.43 -4.85
N ALA B 113 -2.26 -36.18 -4.73
CA ALA B 113 -2.70 -35.32 -3.63
C ALA B 113 -4.19 -35.00 -3.75
N CYS B 114 -4.68 -34.81 -4.98
CA CYS B 114 -6.10 -34.55 -5.18
C CYS B 114 -6.94 -35.76 -4.76
N ARG B 115 -6.51 -36.96 -5.13
CA ARG B 115 -7.25 -38.18 -4.83
C ARG B 115 -7.37 -38.39 -3.33
N GLU B 116 -6.30 -38.13 -2.59
CA GLU B 116 -6.32 -38.34 -1.15
C GLU B 116 -7.26 -37.37 -0.44
N GLU B 117 -7.58 -36.22 -1.06
CA GLU B 117 -8.48 -35.24 -0.45
C GLU B 117 -9.86 -35.30 -1.11
N ASP B 118 -10.05 -36.27 -2.00
CA ASP B 118 -11.32 -36.41 -2.72
C ASP B 118 -11.63 -35.18 -3.58
N LEU B 119 -10.59 -34.59 -4.18
CA LEU B 119 -10.77 -33.48 -5.12
C LEU B 119 -10.53 -33.98 -6.53
N LEU B 120 -11.27 -33.43 -7.49
CA LEU B 120 -11.03 -33.76 -8.90
C LEU B 120 -9.85 -32.96 -9.44
N PRO B 121 -8.82 -33.64 -10.01
CA PRO B 121 -7.73 -32.93 -10.67
C PRO B 121 -8.09 -32.53 -12.09
N PHE B 122 -7.91 -31.27 -12.45
CA PHE B 122 -8.18 -30.76 -13.78
C PHE B 122 -6.87 -30.23 -14.38
N PHE B 123 -6.68 -30.44 -15.66
CA PHE B 123 -5.47 -29.98 -16.30
C PHE B 123 -5.68 -28.83 -17.26
N TYR B 124 -4.97 -27.75 -17.03
CA TYR B 124 -4.99 -26.59 -17.89
C TYR B 124 -3.92 -26.76 -18.94
N MET B 125 -4.30 -26.57 -20.19
CA MET B 125 -3.41 -26.66 -21.31
C MET B 125 -3.58 -25.45 -22.22
N ALA B 126 -2.52 -24.70 -22.47
CA ALA B 126 -2.58 -23.58 -23.41
C ALA B 126 -2.43 -24.09 -24.85
N THR B 127 -3.31 -23.67 -25.76
CA THR B 127 -3.18 -24.18 -27.12
C THR B 127 -2.35 -23.22 -27.96
N TYR B 128 -2.28 -21.94 -27.58
CA TYR B 128 -1.34 -21.01 -28.21
C TYR B 128 0.01 -21.15 -27.50
N ASP B 129 1.01 -21.63 -28.25
CA ASP B 129 2.27 -22.06 -27.67
C ASP B 129 3.39 -21.20 -28.26
N TRP B 130 4.24 -20.62 -27.39
CA TRP B 130 5.32 -19.72 -27.82
C TRP B 130 6.63 -20.49 -27.99
N HIS B 131 6.69 -21.74 -27.50
CA HIS B 131 7.98 -22.42 -27.44
C HIS B 131 8.26 -23.18 -28.75
N THR B 132 7.33 -24.05 -29.19
CA THR B 132 7.57 -24.90 -30.34
C THR B 132 7.41 -24.11 -31.64
N PRO B 133 8.43 -24.11 -32.53
CA PRO B 133 8.28 -23.46 -33.83
C PRO B 133 7.22 -24.11 -34.72
N LEU B 134 6.78 -25.33 -34.37
CA LEU B 134 5.71 -25.99 -35.13
C LEU B 134 4.48 -25.09 -35.22
N TYR B 135 4.26 -24.27 -34.18
CA TYR B 135 3.03 -23.49 -34.09
C TYR B 135 2.84 -22.64 -35.33
N ASP B 136 3.87 -21.87 -35.72
CA ASP B 136 3.79 -21.02 -36.91
C ASP B 136 4.25 -21.74 -38.17
N ASP B 137 5.21 -22.66 -38.05
CA ASP B 137 5.93 -23.20 -39.20
C ASP B 137 5.24 -24.43 -39.81
N ASP B 138 4.45 -25.17 -39.00
CA ASP B 138 3.87 -26.42 -39.45
C ASP B 138 2.67 -26.77 -38.58
N PHE B 139 1.57 -26.06 -38.80
CA PHE B 139 0.43 -26.10 -37.93
C PHE B 139 -0.12 -27.53 -37.81
N PRO B 140 -0.30 -28.31 -38.90
CA PRO B 140 -0.70 -29.70 -38.79
C PRO B 140 0.16 -30.54 -37.85
N ALA B 141 1.48 -30.33 -37.89
CA ALA B 141 2.36 -31.03 -36.97
C ALA B 141 2.18 -30.49 -35.54
N TYR B 142 1.89 -29.18 -35.40
CA TYR B 142 1.61 -28.58 -34.11
C TYR B 142 0.41 -29.29 -33.49
N LEU B 143 -0.65 -29.47 -34.30
CA LEU B 143 -1.85 -30.16 -33.83
C LEU B 143 -1.50 -31.54 -33.27
N THR B 144 -0.61 -32.26 -33.95
CA THR B 144 -0.21 -33.58 -33.52
C THR B 144 0.54 -33.45 -32.19
N TYR B 145 1.39 -32.44 -32.06
CA TYR B 145 2.16 -32.20 -30.84
C TYR B 145 1.22 -31.86 -29.69
N LEU B 146 0.27 -30.97 -29.93
CA LEU B 146 -0.71 -30.61 -28.92
C LEU B 146 -1.45 -31.88 -28.49
N GLN B 147 -1.95 -32.62 -29.47
CA GLN B 147 -2.75 -33.82 -29.21
C GLN B 147 -1.94 -34.85 -28.43
N LYS B 148 -0.68 -35.01 -28.78
CA LYS B 148 0.17 -35.98 -28.10
C LYS B 148 0.40 -35.55 -26.65
N SER B 149 0.52 -34.23 -26.44
CA SER B 149 0.75 -33.73 -25.08
C SER B 149 -0.47 -34.00 -24.21
N VAL B 150 -1.65 -33.96 -24.80
CA VAL B 150 -2.89 -34.25 -24.09
C VAL B 150 -3.02 -35.76 -23.87
N GLU B 151 -2.60 -36.53 -24.88
CA GLU B 151 -2.62 -37.98 -24.79
C GLU B 151 -1.78 -38.45 -23.61
N VAL B 152 -0.61 -37.84 -23.39
CA VAL B 152 0.20 -38.23 -22.24
C VAL B 152 -0.61 -38.04 -20.96
N LEU B 153 -1.32 -36.90 -20.87
CA LEU B 153 -2.09 -36.57 -19.68
C LEU B 153 -3.27 -37.55 -19.52
N CYS B 154 -3.84 -38.01 -20.64
CA CYS B 154 -4.97 -38.93 -20.57
C CYS B 154 -4.55 -40.37 -20.26
N ARG B 155 -3.25 -40.72 -20.32
CA ARG B 155 -2.93 -42.14 -20.25
C ARG B 155 -2.00 -42.49 -19.11
N ASN B 156 -1.46 -41.49 -18.39
CA ASN B 156 -0.35 -41.79 -17.50
C ASN B 156 -0.67 -41.48 -16.05
N TYR B 157 -1.91 -41.04 -15.75
CA TYR B 157 -2.19 -40.51 -14.43
C TYR B 157 -3.50 -41.10 -13.88
N GLY B 158 -4.10 -42.08 -14.56
CA GLY B 158 -5.38 -42.60 -14.10
C GLY B 158 -6.54 -41.68 -14.48
N PRO B 159 -7.74 -41.84 -13.89
CA PRO B 159 -8.89 -41.00 -14.25
C PRO B 159 -8.70 -39.53 -13.86
N VAL B 160 -9.01 -38.65 -14.80
CA VAL B 160 -8.77 -37.22 -14.64
C VAL B 160 -10.14 -36.53 -14.52
N GLY B 161 -10.22 -35.54 -13.64
CA GLY B 161 -11.43 -34.76 -13.50
C GLY B 161 -11.78 -34.05 -14.80
N GLY B 162 -10.78 -33.45 -15.44
CA GLY B 162 -11.14 -32.66 -16.61
C GLY B 162 -9.94 -31.95 -17.21
N PHE B 163 -10.20 -31.31 -18.36
CA PHE B 163 -9.21 -30.57 -19.09
C PHE B 163 -9.76 -29.17 -19.24
N TRP B 164 -8.86 -28.19 -19.16
CA TRP B 164 -9.25 -26.79 -19.26
C TRP B 164 -8.42 -26.17 -20.37
N PHE B 165 -9.04 -26.00 -21.54
CA PHE B 165 -8.32 -25.58 -22.72
C PHE B 165 -8.39 -24.06 -22.87
N ASP B 166 -7.22 -23.46 -23.05
CA ASP B 166 -7.13 -22.02 -23.19
C ASP B 166 -6.60 -21.68 -24.59
N GLY B 167 -7.54 -21.14 -25.34
CA GLY B 167 -7.45 -20.70 -26.70
C GLY B 167 -7.38 -19.21 -26.89
N ASN B 168 -7.04 -18.48 -25.85
CA ASN B 168 -6.86 -17.06 -25.94
C ASN B 168 -5.75 -16.79 -26.96
N TRP B 169 -5.95 -15.81 -27.83
CA TRP B 169 -4.98 -15.44 -28.86
C TRP B 169 -4.56 -16.53 -29.86
N ASN B 170 -5.51 -17.40 -30.14
CA ASN B 170 -5.41 -18.49 -31.07
C ASN B 170 -5.63 -18.00 -32.46
N LYS B 171 -5.48 -18.90 -33.41
CA LYS B 171 -5.82 -18.57 -34.76
C LYS B 171 -7.29 -18.94 -34.81
N LYS B 172 -8.17 -17.95 -34.87
CA LYS B 172 -9.61 -18.22 -34.87
C LYS B 172 -10.22 -18.76 -36.15
N ASP B 173 -9.47 -18.69 -37.24
CA ASP B 173 -9.90 -19.16 -38.55
C ASP B 173 -9.51 -20.62 -38.78
N ALA B 174 -8.44 -21.09 -38.11
CA ALA B 174 -7.81 -22.36 -38.48
C ALA B 174 -8.69 -23.53 -38.09
N ASP B 175 -8.42 -24.69 -38.69
CA ASP B 175 -9.08 -25.93 -38.33
C ASP B 175 -8.25 -26.58 -37.23
N TRP B 176 -8.84 -26.68 -36.02
CA TRP B 176 -8.12 -27.14 -34.84
C TRP B 176 -8.27 -28.64 -34.65
N HIS B 177 -9.06 -29.28 -35.53
CA HIS B 177 -9.23 -30.73 -35.46
C HIS B 177 -9.72 -31.10 -34.06
N LEU B 178 -10.70 -30.35 -33.57
CA LEU B 178 -11.25 -30.58 -32.27
C LEU B 178 -11.91 -31.93 -32.10
N PRO B 179 -12.58 -32.43 -33.14
CA PRO B 179 -13.21 -33.73 -33.03
C PRO B 179 -12.19 -34.80 -32.75
N GLU B 180 -11.04 -34.75 -33.39
CA GLU B 180 -10.00 -35.69 -33.11
C GLU B 180 -9.40 -35.50 -31.73
N LEU B 181 -9.16 -34.28 -31.31
CA LEU B 181 -8.60 -34.04 -29.99
C LEU B 181 -9.50 -34.41 -28.85
N TYR B 182 -10.72 -33.92 -28.91
CA TYR B 182 -11.72 -34.24 -27.91
C TYR B 182 -12.13 -35.69 -27.96
N GLY B 183 -12.18 -36.25 -29.16
CA GLY B 183 -12.52 -37.64 -29.37
C GLY B 183 -11.52 -38.56 -28.72
N MET B 184 -10.27 -38.20 -28.83
CA MET B 184 -9.25 -38.95 -28.19
C MET B 184 -9.41 -38.95 -26.68
N ILE B 185 -9.76 -37.81 -26.12
CA ILE B 185 -9.97 -37.66 -24.70
C ILE B 185 -11.14 -38.52 -24.28
N ARG B 186 -12.19 -38.54 -25.07
CA ARG B 186 -13.33 -39.36 -24.74
C ARG B 186 -12.95 -40.83 -24.68
N HIS B 187 -12.08 -41.28 -25.57
CA HIS B 187 -11.66 -42.63 -25.57
C HIS B 187 -10.92 -43.06 -24.31
N TYR B 188 -9.96 -42.28 -23.87
CA TYR B 188 -9.21 -42.57 -22.65
C TYR B 188 -9.83 -42.19 -21.34
N GLN B 189 -10.55 -41.08 -21.36
CA GLN B 189 -11.19 -40.49 -20.22
C GLN B 189 -12.63 -40.17 -20.54
N PRO B 190 -13.47 -41.18 -20.63
CA PRO B 190 -14.87 -40.93 -21.02
C PRO B 190 -15.57 -39.95 -20.09
N ASN B 191 -15.13 -39.93 -18.83
CA ASN B 191 -15.83 -39.19 -17.78
C ASN B 191 -15.24 -37.79 -17.52
N ALA B 192 -14.21 -37.40 -18.27
CA ALA B 192 -13.50 -36.16 -18.01
C ALA B 192 -14.38 -34.98 -18.44
N ILE B 193 -14.32 -33.89 -17.68
CA ILE B 193 -15.04 -32.68 -18.11
C ILE B 193 -14.13 -31.89 -19.05
N ILE B 194 -14.65 -31.51 -20.22
CA ILE B 194 -13.86 -30.69 -21.12
C ILE B 194 -14.34 -29.25 -21.04
N VAL B 195 -13.46 -28.41 -20.58
CA VAL B 195 -13.70 -26.99 -20.45
C VAL B 195 -12.96 -26.21 -21.51
N SER B 196 -13.63 -25.28 -22.12
CA SER B 196 -13.02 -24.45 -23.12
C SER B 196 -13.16 -22.94 -22.91
N ASN B 197 -12.05 -22.24 -23.06
CA ASN B 197 -11.91 -20.81 -22.99
C ASN B 197 -12.61 -20.12 -24.13
N THR B 198 -12.67 -20.76 -25.28
CA THR B 198 -13.34 -20.19 -26.41
C THR B 198 -14.31 -21.20 -27.00
N GLY B 199 -15.32 -21.62 -26.23
CA GLY B 199 -16.31 -22.60 -26.62
C GLY B 199 -17.49 -21.98 -27.34
N GLY B 204 -24.31 -17.88 -30.20
CA GLY B 204 -23.94 -18.75 -31.33
C GLY B 204 -23.75 -20.20 -30.89
N GLN B 205 -22.99 -20.95 -31.70
CA GLN B 205 -22.76 -22.38 -31.55
C GLN B 205 -21.58 -22.64 -30.61
N VAL B 206 -21.57 -23.81 -29.94
CA VAL B 206 -20.39 -24.34 -29.25
C VAL B 206 -19.34 -24.78 -30.26
N SER B 207 -18.06 -24.74 -29.87
CA SER B 207 -17.01 -24.96 -30.87
C SER B 207 -16.84 -26.45 -31.23
N ASP B 208 -17.34 -27.35 -30.37
CA ASP B 208 -17.33 -28.77 -30.64
C ASP B 208 -18.36 -29.46 -29.77
N PRO B 209 -19.10 -30.48 -30.27
CA PRO B 209 -20.07 -31.22 -29.45
C PRO B 209 -19.51 -31.76 -28.14
N GLU B 210 -18.19 -32.05 -28.08
CA GLU B 210 -17.65 -32.71 -26.92
C GLU B 210 -17.37 -31.77 -25.74
N ILE B 211 -17.43 -30.46 -25.98
CA ILE B 211 -17.23 -29.47 -24.92
C ILE B 211 -18.35 -29.60 -23.91
N ASP B 212 -18.00 -29.67 -22.64
CA ASP B 212 -18.94 -29.74 -21.54
C ASP B 212 -19.16 -28.42 -20.84
N VAL B 213 -18.13 -27.61 -20.73
CA VAL B 213 -18.18 -26.35 -20.05
C VAL B 213 -17.57 -25.23 -20.89
N VAL B 214 -18.19 -24.09 -20.83
CA VAL B 214 -17.77 -22.88 -21.47
C VAL B 214 -17.53 -21.81 -20.39
N THR B 215 -16.53 -20.96 -20.57
CA THR B 215 -16.22 -19.86 -19.67
C THR B 215 -16.97 -18.56 -19.96
N TYR B 216 -17.27 -17.81 -18.93
CA TYR B 216 -18.01 -16.57 -19.03
C TYR B 216 -17.38 -15.50 -18.21
N GLU B 217 -17.65 -14.27 -18.59
CA GLU B 217 -17.16 -13.13 -17.85
C GLU B 217 -17.73 -13.10 -16.47
N ARG B 218 -16.91 -12.64 -15.58
CA ARG B 218 -17.19 -12.53 -14.18
C ARG B 218 -18.41 -11.69 -13.85
N ARG B 219 -18.61 -10.63 -14.57
CA ARG B 219 -19.70 -9.74 -14.33
C ARG B 219 -20.98 -10.01 -15.12
N THR B 220 -21.10 -11.17 -15.78
CA THR B 220 -22.27 -11.51 -16.59
C THR B 220 -23.48 -11.34 -15.69
N PRO B 221 -24.45 -10.52 -16.13
CA PRO B 221 -25.56 -10.15 -15.23
C PRO B 221 -26.60 -11.25 -14.97
N ASP B 222 -26.88 -12.08 -16.01
CA ASP B 222 -28.03 -12.96 -16.03
C ASP B 222 -27.55 -14.41 -16.06
N GLU B 223 -28.48 -15.35 -15.77
CA GLU B 223 -28.21 -16.78 -15.88
C GLU B 223 -27.57 -17.09 -17.24
N ILE B 224 -26.55 -17.95 -17.24
CA ILE B 224 -25.70 -18.13 -18.42
C ILE B 224 -26.42 -18.95 -19.50
N TYR B 225 -25.78 -19.04 -20.68
CA TYR B 225 -26.34 -19.74 -21.83
C TYR B 225 -25.95 -21.22 -21.77
N HIS B 226 -26.94 -22.11 -21.96
CA HIS B 226 -26.67 -23.54 -21.78
C HIS B 226 -26.64 -24.31 -23.10
N GLY B 227 -26.67 -23.60 -24.25
CA GLY B 227 -26.76 -24.19 -25.58
C GLY B 227 -28.20 -24.15 -26.14
N ALA B 228 -28.33 -24.40 -27.45
CA ALA B 228 -29.61 -24.27 -28.16
C ALA B 228 -30.59 -25.34 -27.66
N PRO B 229 -31.88 -25.16 -27.91
CA PRO B 229 -32.95 -25.99 -27.31
C PRO B 229 -32.92 -27.49 -27.51
N ASN B 230 -32.51 -28.02 -28.65
CA ASN B 230 -32.47 -29.46 -28.74
C ASN B 230 -31.07 -30.02 -28.56
N GLU B 231 -30.12 -29.16 -28.30
CA GLU B 231 -28.73 -29.51 -28.12
C GLU B 231 -28.27 -29.90 -26.72
N LYS B 232 -27.09 -30.43 -26.64
CA LYS B 232 -26.51 -30.85 -25.42
C LYS B 232 -26.34 -29.68 -24.48
N TYR B 233 -26.65 -29.88 -23.22
CA TYR B 233 -26.49 -28.85 -22.25
C TYR B 233 -25.02 -28.62 -21.92
N VAL B 234 -24.60 -27.37 -21.99
CA VAL B 234 -23.23 -27.05 -21.60
C VAL B 234 -23.29 -26.17 -20.36
N ALA B 235 -22.41 -26.48 -19.40
CA ALA B 235 -22.32 -25.74 -18.15
C ALA B 235 -21.47 -24.50 -18.37
N GLY B 236 -21.37 -23.68 -17.32
CA GLY B 236 -20.61 -22.43 -17.38
C GLY B 236 -19.70 -22.29 -16.16
N GLU B 237 -18.63 -21.52 -16.35
CA GLU B 237 -17.66 -21.31 -15.28
C GLU B 237 -17.14 -19.87 -15.40
N ILE B 238 -17.03 -19.23 -14.24
CA ILE B 238 -16.36 -17.93 -14.21
C ILE B 238 -15.10 -18.08 -13.37
N SER B 239 -14.19 -17.14 -13.55
CA SER B 239 -12.86 -17.14 -12.95
C SER B 239 -12.59 -15.79 -12.31
N ILE B 240 -11.92 -15.80 -11.17
CA ILE B 240 -11.49 -14.56 -10.57
C ILE B 240 -10.06 -14.76 -10.11
N THR B 241 -9.22 -13.75 -10.39
CA THR B 241 -7.89 -13.76 -9.80
C THR B 241 -7.84 -12.63 -8.76
N LEU B 242 -6.88 -12.70 -7.84
CA LEU B 242 -6.95 -11.85 -6.66
C LEU B 242 -6.49 -10.42 -6.95
N ASN B 243 -5.48 -10.26 -7.81
CA ASN B 243 -5.08 -8.95 -8.30
C ASN B 243 -5.38 -8.89 -9.80
N GLN B 244 -4.51 -8.26 -10.60
CA GLN B 244 -4.76 -8.07 -12.01
C GLN B 244 -4.12 -9.20 -12.84
N HIS B 245 -3.29 -10.05 -12.21
CA HIS B 245 -2.51 -11.03 -12.95
C HIS B 245 -2.86 -12.46 -12.52
N TRP B 246 -2.54 -13.45 -13.37
CA TRP B 246 -2.90 -14.82 -13.03
C TRP B 246 -1.70 -15.55 -12.44
N GLY B 247 -0.52 -15.43 -13.06
CA GLY B 247 0.73 -15.81 -12.41
C GLY B 247 1.09 -14.77 -11.34
N ILE B 248 2.00 -15.13 -10.44
CA ILE B 248 2.36 -14.21 -9.36
C ILE B 248 2.96 -12.91 -9.94
N ALA B 249 2.62 -11.78 -9.33
CA ALA B 249 3.06 -10.46 -9.78
C ALA B 249 3.35 -9.59 -8.53
N ALA B 250 4.62 -9.57 -8.12
CA ALA B 250 5.04 -9.04 -6.83
C ALA B 250 4.66 -7.57 -6.67
N ASN B 251 4.72 -6.77 -7.75
CA ASN B 251 4.38 -5.35 -7.60
C ASN B 251 2.99 -5.04 -8.14
N ASP B 252 2.13 -6.05 -8.19
CA ASP B 252 0.73 -5.79 -8.47
C ASP B 252 0.03 -5.68 -7.12
N LEU B 253 -0.28 -4.44 -6.69
CA LEU B 253 -0.85 -4.17 -5.37
C LEU B 253 -2.36 -4.05 -5.47
N ASN B 254 -2.88 -4.20 -6.69
CA ASN B 254 -4.28 -3.92 -6.97
C ASN B 254 -5.12 -5.17 -6.69
N TYR B 255 -5.13 -5.61 -5.42
CA TYR B 255 -5.95 -6.74 -4.98
C TYR B 255 -7.40 -6.33 -4.76
N LYS B 256 -8.31 -7.25 -5.11
CA LYS B 256 -9.75 -7.12 -4.86
C LYS B 256 -10.01 -7.33 -3.37
N SER B 257 -11.14 -6.81 -2.87
CA SER B 257 -11.46 -7.07 -1.48
C SER B 257 -11.89 -8.52 -1.31
N PRO B 258 -11.58 -9.15 -0.16
CA PRO B 258 -12.18 -10.43 0.17
C PRO B 258 -13.71 -10.41 0.04
N ALA B 259 -14.34 -9.27 0.33
CA ALA B 259 -15.79 -9.16 0.26
C ALA B 259 -16.22 -9.36 -1.20
N GLU B 260 -15.50 -8.74 -2.14
CA GLU B 260 -15.85 -8.88 -3.54
C GLU B 260 -15.64 -10.35 -3.98
N MET B 261 -14.62 -11.01 -3.45
CA MET B 261 -14.41 -12.41 -3.74
C MET B 261 -15.63 -13.23 -3.32
N ILE B 262 -16.13 -13.00 -2.09
CA ILE B 262 -17.29 -13.72 -1.59
C ILE B 262 -18.51 -13.41 -2.46
N GLU B 263 -18.70 -12.14 -2.82
CA GLU B 263 -19.85 -11.79 -3.65
C GLU B 263 -19.75 -12.44 -5.03
N THR B 264 -18.52 -12.64 -5.52
CA THR B 264 -18.34 -13.21 -6.85
C THR B 264 -18.70 -14.69 -6.81
N VAL B 265 -18.29 -15.37 -5.73
CA VAL B 265 -18.62 -16.78 -5.57
C VAL B 265 -20.14 -16.94 -5.53
N ALA B 266 -20.80 -16.11 -4.72
CA ALA B 266 -22.25 -16.19 -4.61
C ALA B 266 -22.90 -15.91 -5.96
N HIS B 267 -22.39 -14.89 -6.67
CA HIS B 267 -22.90 -14.48 -7.96
C HIS B 267 -22.79 -15.62 -8.98
N ALA B 268 -21.71 -16.35 -8.98
CA ALA B 268 -21.53 -17.44 -9.89
C ALA B 268 -22.64 -18.47 -9.69
N ARG B 269 -22.96 -18.80 -8.45
CA ARG B 269 -24.03 -19.72 -8.18
C ARG B 269 -25.38 -19.14 -8.61
N HIS B 270 -25.56 -17.87 -8.41
CA HIS B 270 -26.78 -17.20 -8.77
C HIS B 270 -27.06 -17.29 -10.25
N ILE B 271 -26.04 -17.23 -11.09
CA ILE B 271 -26.26 -17.27 -12.53
C ILE B 271 -26.08 -18.70 -13.05
N GLY B 272 -25.81 -19.66 -12.17
CA GLY B 272 -25.80 -21.04 -12.60
C GLY B 272 -24.46 -21.45 -13.21
N ALA B 273 -23.35 -21.02 -12.58
CA ALA B 273 -22.01 -21.31 -13.06
C ALA B 273 -21.19 -21.81 -11.88
N ASN B 274 -20.10 -22.52 -12.18
CA ASN B 274 -19.06 -22.76 -11.21
C ASN B 274 -18.18 -21.52 -11.15
N ILE B 275 -17.34 -21.47 -10.12
CA ILE B 275 -16.37 -20.40 -10.05
C ILE B 275 -15.01 -20.97 -9.68
N LEU B 276 -13.98 -20.46 -10.37
CA LEU B 276 -12.59 -20.75 -10.07
C LEU B 276 -12.00 -19.53 -9.38
N VAL B 277 -11.36 -19.76 -8.22
CA VAL B 277 -10.55 -18.73 -7.62
C VAL B 277 -9.09 -19.04 -7.90
N ASN B 278 -8.39 -18.06 -8.49
CA ASN B 278 -7.04 -18.30 -8.97
C ASN B 278 -5.99 -17.87 -7.95
N ILE B 279 -4.96 -18.69 -7.80
CA ILE B 279 -3.76 -18.28 -7.09
C ILE B 279 -2.54 -18.55 -7.97
N GLY B 280 -1.55 -17.66 -7.92
CA GLY B 280 -0.29 -17.84 -8.61
C GLY B 280 0.79 -18.26 -7.62
N LEU B 281 1.41 -19.43 -7.83
CA LEU B 281 2.44 -19.90 -6.92
C LEU B 281 3.70 -19.08 -7.12
N THR B 282 4.57 -19.07 -6.08
CA THR B 282 5.92 -18.55 -6.22
C THR B 282 6.73 -19.39 -7.21
N GLY B 283 7.90 -18.86 -7.58
CA GLY B 283 8.82 -19.53 -8.49
C GLY B 283 9.06 -20.99 -8.11
N THR B 284 9.27 -21.25 -6.82
CA THR B 284 9.59 -22.57 -6.30
C THR B 284 8.34 -23.37 -5.95
N GLY B 285 7.14 -22.81 -6.14
CA GLY B 285 5.94 -23.64 -6.01
C GLY B 285 5.15 -23.46 -4.70
N ALA B 286 5.45 -22.42 -3.89
CA ALA B 286 4.71 -22.19 -2.66
C ALA B 286 3.46 -21.37 -2.92
N ILE B 287 2.43 -21.58 -2.09
CA ILE B 287 1.28 -20.69 -2.07
C ILE B 287 1.75 -19.41 -1.39
N PRO B 288 1.66 -18.24 -2.04
CA PRO B 288 2.06 -16.99 -1.37
C PRO B 288 1.15 -16.66 -0.19
N ALA B 289 1.73 -15.96 0.80
CA ALA B 289 1.01 -15.60 2.02
C ALA B 289 -0.28 -14.82 1.69
N ALA B 290 -0.25 -13.96 0.68
CA ALA B 290 -1.43 -13.16 0.34
C ALA B 290 -2.58 -14.09 -0.06
N ALA B 291 -2.27 -15.12 -0.85
CA ALA B 291 -3.29 -16.03 -1.33
C ALA B 291 -3.88 -16.83 -0.15
N GLN B 292 -3.01 -17.21 0.80
CA GLN B 292 -3.45 -17.89 2.01
C GLN B 292 -4.50 -17.05 2.76
N THR B 293 -4.27 -15.73 2.89
CA THR B 293 -5.23 -14.87 3.58
C THR B 293 -6.61 -14.95 2.93
N TYR B 294 -6.64 -14.85 1.60
CA TYR B 294 -7.91 -14.89 0.87
C TYR B 294 -8.56 -16.25 1.02
N MET B 295 -7.76 -17.31 0.97
CA MET B 295 -8.31 -18.65 1.12
C MET B 295 -8.91 -18.87 2.51
N HIS B 296 -8.22 -18.36 3.56
CA HIS B 296 -8.77 -18.48 4.92
C HIS B 296 -10.13 -17.77 5.03
N LEU B 297 -10.22 -16.57 4.46
CA LEU B 297 -11.49 -15.83 4.58
C LEU B 297 -12.58 -16.53 3.77
N LEU B 298 -12.26 -16.93 2.53
CA LEU B 298 -13.26 -17.58 1.70
C LEU B 298 -13.69 -18.89 2.36
N GLY B 299 -12.73 -19.61 2.97
CA GLY B 299 -13.04 -20.89 3.62
C GLY B 299 -14.04 -20.74 4.76
N ARG B 300 -13.99 -19.63 5.49
CA ARG B 300 -14.98 -19.45 6.55
C ARG B 300 -16.35 -19.27 5.90
N TRP B 301 -16.41 -18.56 4.77
CA TRP B 301 -17.72 -18.34 4.16
C TRP B 301 -18.25 -19.65 3.59
N THR B 302 -17.39 -20.41 2.88
CA THR B 302 -17.90 -21.59 2.20
C THR B 302 -18.30 -22.66 3.23
N ALA B 303 -17.62 -22.72 4.38
CA ALA B 303 -18.06 -23.68 5.41
C ALA B 303 -19.47 -23.31 5.88
N MET B 304 -19.74 -22.01 6.07
CA MET B 304 -21.08 -21.58 6.49
C MET B 304 -22.09 -21.89 5.37
N ALA B 305 -21.69 -21.73 4.09
CA ALA B 305 -22.61 -21.82 2.97
C ALA B 305 -22.76 -23.27 2.44
N ALA B 306 -22.06 -24.23 3.04
CA ALA B 306 -22.03 -25.63 2.55
C ALA B 306 -23.42 -26.19 2.24
N PRO B 307 -24.49 -25.95 3.04
CA PRO B 307 -25.80 -26.49 2.70
C PRO B 307 -26.31 -26.11 1.32
N VAL B 308 -25.79 -25.03 0.71
CA VAL B 308 -26.40 -24.57 -0.53
C VAL B 308 -25.35 -24.41 -1.62
N LEU B 309 -24.07 -24.22 -1.25
CA LEU B 309 -23.07 -23.84 -2.23
C LEU B 309 -22.96 -24.87 -3.35
N TYR B 310 -22.95 -26.13 -3.00
CA TYR B 310 -22.89 -27.21 -3.96
C TYR B 310 -24.14 -27.61 -4.72
N LYS B 311 -25.23 -27.81 -4.02
CA LYS B 311 -26.45 -28.23 -4.65
C LYS B 311 -27.41 -27.16 -5.09
N GLY B 312 -27.27 -25.95 -4.58
CA GLY B 312 -28.16 -24.89 -4.93
C GLY B 312 -28.11 -24.48 -6.38
N ARG B 313 -29.27 -24.19 -6.91
CA ARG B 313 -29.42 -23.80 -8.27
C ARG B 313 -30.30 -22.59 -8.36
N PRO B 314 -30.22 -21.88 -9.48
CA PRO B 314 -31.03 -20.73 -9.82
C PRO B 314 -32.47 -21.17 -10.00
N VAL B 315 -33.39 -20.28 -9.72
CA VAL B 315 -34.79 -20.62 -9.73
C VAL B 315 -35.53 -19.32 -10.03
N PRO B 316 -36.69 -19.33 -10.72
CA PRO B 316 -37.37 -18.10 -11.10
C PRO B 316 -38.02 -17.37 -9.92
N VAL B 317 -37.20 -16.95 -8.97
CA VAL B 317 -37.65 -16.20 -7.80
C VAL B 317 -36.80 -14.95 -7.80
N THR B 318 -37.45 -13.78 -7.90
CA THR B 318 -36.68 -12.54 -7.97
C THR B 318 -36.79 -11.79 -6.64
N SER B 319 -35.89 -10.83 -6.46
CA SER B 319 -35.88 -10.01 -5.26
C SER B 319 -36.55 -8.68 -5.56
N ALA B 320 -37.00 -7.99 -4.53
CA ALA B 320 -37.67 -6.69 -4.66
C ALA B 320 -36.75 -5.62 -5.26
N HIS B 321 -37.35 -4.55 -5.70
CA HIS B 321 -36.66 -3.46 -6.27
C HIS B 321 -35.62 -2.87 -5.35
N GLY B 322 -34.46 -2.66 -5.93
CA GLY B 322 -33.37 -2.07 -5.22
C GLY B 322 -32.50 -2.94 -4.38
N THR B 323 -32.65 -4.23 -4.46
CA THR B 323 -31.80 -5.12 -3.72
C THR B 323 -31.10 -6.08 -4.65
N ARG B 324 -29.99 -6.57 -4.18
CA ARG B 324 -29.17 -7.50 -4.88
C ARG B 324 -29.38 -8.91 -4.37
N ASP B 325 -30.40 -9.13 -3.59
CA ASP B 325 -30.68 -10.44 -3.03
C ASP B 325 -31.12 -11.49 -4.05
N PHE B 326 -30.91 -12.75 -3.77
CA PHE B 326 -31.34 -13.76 -4.72
C PHE B 326 -31.63 -15.07 -4.00
N VAL B 327 -32.17 -16.05 -4.75
CA VAL B 327 -32.61 -17.30 -4.16
C VAL B 327 -31.91 -18.45 -4.86
N LEU B 328 -31.54 -19.48 -4.11
CA LEU B 328 -31.04 -20.73 -4.66
C LEU B 328 -31.91 -21.87 -4.14
N HIS B 329 -32.15 -22.87 -5.00
CA HIS B 329 -33.06 -23.97 -4.75
C HIS B 329 -32.26 -25.28 -4.66
N THR B 330 -32.48 -26.06 -3.60
CA THR B 330 -32.13 -27.48 -3.61
C THR B 330 -33.42 -28.29 -3.60
N SER B 331 -33.31 -29.62 -3.60
CA SER B 331 -34.52 -30.44 -3.68
C SER B 331 -35.37 -30.30 -2.41
N LYS B 332 -34.75 -30.09 -1.25
CA LYS B 332 -35.49 -29.97 0.01
C LYS B 332 -35.73 -28.52 0.46
N HIS B 333 -34.92 -27.55 0.02
CA HIS B 333 -35.03 -26.21 0.59
C HIS B 333 -34.83 -25.10 -0.44
N ASP B 334 -35.35 -23.91 -0.13
CA ASP B 334 -34.89 -22.69 -0.77
C ASP B 334 -33.99 -21.93 0.20
N PHE B 335 -33.08 -21.13 -0.36
CA PHE B 335 -32.17 -20.32 0.43
C PHE B 335 -32.18 -18.89 -0.10
N LEU B 336 -32.39 -17.94 0.82
CA LEU B 336 -32.28 -16.51 0.52
C LEU B 336 -30.84 -16.08 0.76
N CYS B 337 -30.21 -15.55 -0.30
CA CYS B 337 -28.87 -14.99 -0.23
C CYS B 337 -29.00 -13.48 -0.17
N ILE B 338 -28.62 -12.91 0.97
CA ILE B 338 -28.97 -11.54 1.27
C ILE B 338 -27.69 -10.71 1.40
N LEU B 339 -27.63 -9.61 0.64
CA LEU B 339 -26.47 -8.73 0.56
C LEU B 339 -26.79 -7.38 1.22
N ASP B 340 -25.73 -6.60 1.51
CA ASP B 340 -25.85 -5.22 1.97
C ASP B 340 -26.48 -5.18 3.35
N LEU B 341 -26.17 -6.14 4.21
CA LEU B 341 -26.60 -6.08 5.60
C LEU B 341 -25.55 -5.33 6.42
N GLN B 342 -25.98 -4.75 7.54
CA GLN B 342 -25.03 -4.14 8.46
C GLN B 342 -24.93 -4.90 9.78
N VAL B 343 -23.90 -4.57 10.56
CA VAL B 343 -23.69 -5.11 11.90
C VAL B 343 -24.63 -4.40 12.88
N VAL B 344 -25.15 -5.16 13.84
CA VAL B 344 -26.07 -4.67 14.86
C VAL B 344 -25.29 -4.22 16.09
N GLY B 345 -25.49 -2.97 16.53
CA GLY B 345 -25.05 -2.46 17.84
C GLY B 345 -26.05 -2.79 18.97
N LYS B 346 -26.21 -1.88 19.95
CA LYS B 346 -27.18 -2.10 21.02
C LYS B 346 -27.63 -0.77 21.62
N ASP B 347 -28.95 -0.52 21.59
CA ASP B 347 -29.58 0.66 22.16
C ASP B 347 -29.07 1.94 21.50
N ASN B 348 -28.24 2.70 22.24
CA ASN B 348 -27.71 3.99 21.82
C ASN B 348 -26.51 3.81 20.88
N VAL B 349 -25.84 2.65 20.92
CA VAL B 349 -24.70 2.35 20.05
C VAL B 349 -25.21 1.75 18.73
N VAL B 350 -25.30 2.60 17.71
CA VAL B 350 -25.93 2.34 16.42
C VAL B 350 -24.83 2.02 15.40
N LEU B 351 -24.83 0.77 14.91
CA LEU B 351 -23.87 0.35 13.89
C LEU B 351 -24.51 0.22 12.50
N GLY B 352 -25.85 0.25 12.42
CA GLY B 352 -26.55 0.32 11.14
C GLY B 352 -27.64 -0.74 10.93
N GLY B 353 -27.55 -1.89 11.61
CA GLY B 353 -28.37 -3.05 11.27
C GLY B 353 -29.62 -3.27 12.13
N GLU B 354 -29.92 -2.36 13.08
CA GLU B 354 -30.81 -2.70 14.21
C GLU B 354 -32.32 -2.54 13.91
N GLY B 355 -32.68 -1.69 12.94
CA GLY B 355 -34.08 -1.53 12.57
C GLY B 355 -34.58 -2.75 11.78
N VAL B 356 -35.90 -2.95 11.77
CA VAL B 356 -36.48 -4.00 10.96
C VAL B 356 -36.12 -3.76 9.49
N ASN B 357 -35.79 -4.85 8.78
CA ASN B 357 -35.17 -4.75 7.47
C ASN B 357 -35.93 -5.66 6.50
N PRO B 358 -37.12 -5.24 6.02
CA PRO B 358 -37.92 -6.10 5.16
C PRO B 358 -37.27 -6.32 3.80
N ARG B 359 -36.95 -7.58 3.48
CA ARG B 359 -36.43 -7.94 2.17
C ARG B 359 -37.46 -8.88 1.54
N SER B 360 -37.89 -8.56 0.33
CA SER B 360 -38.94 -9.31 -0.35
C SER B 360 -38.44 -10.07 -1.57
N PHE B 361 -39.17 -11.14 -1.92
CA PHE B 361 -38.92 -12.01 -3.05
C PHE B 361 -40.26 -12.35 -3.70
N VAL B 362 -40.25 -12.55 -5.01
CA VAL B 362 -41.44 -12.87 -5.76
C VAL B 362 -41.19 -14.18 -6.49
N GLY B 363 -42.04 -15.19 -6.25
CA GLY B 363 -41.96 -16.45 -6.96
C GLY B 363 -42.06 -17.64 -6.00
N ILE B 364 -42.23 -17.37 -4.70
CA ILE B 364 -42.45 -18.48 -3.76
C ILE B 364 -43.95 -18.63 -3.48
N GLY B 365 -44.50 -19.77 -3.91
CA GLY B 365 -45.93 -20.01 -3.85
C GLY B 365 -46.36 -21.02 -2.77
N GLN B 366 -45.40 -21.62 -2.05
CA GLN B 366 -45.71 -22.65 -1.07
C GLN B 366 -45.66 -22.08 0.34
N PRO B 367 -46.56 -22.52 1.26
CA PRO B 367 -46.49 -22.04 2.65
C PRO B 367 -45.20 -22.41 3.36
N ILE B 368 -44.66 -21.47 4.14
CA ILE B 368 -43.36 -21.70 4.77
C ILE B 368 -43.59 -22.00 6.25
N GLN B 369 -42.82 -22.92 6.79
CA GLN B 369 -42.89 -23.22 8.20
C GLN B 369 -41.88 -22.38 9.00
N ARG B 370 -40.62 -22.32 8.53
CA ARG B 370 -39.57 -21.65 9.29
C ARG B 370 -38.49 -21.11 8.35
N ILE B 371 -37.86 -19.99 8.75
CA ILE B 371 -36.72 -19.46 8.03
C ILE B 371 -35.64 -19.12 9.05
N HIS B 372 -34.38 -19.50 8.78
CA HIS B 372 -33.33 -19.20 9.74
C HIS B 372 -31.99 -18.97 9.05
N TRP B 373 -31.17 -18.11 9.67
CA TRP B 373 -29.85 -17.81 9.15
C TRP B 373 -28.95 -19.03 9.34
N LEU B 374 -28.17 -19.37 8.32
CA LEU B 374 -27.20 -20.46 8.41
C LEU B 374 -26.10 -20.16 9.43
N ASP B 375 -25.72 -18.90 9.61
CA ASP B 375 -24.54 -18.63 10.40
C ASP B 375 -24.81 -18.81 11.90
N ASN B 376 -26.06 -18.56 12.37
CA ASN B 376 -26.25 -18.62 13.81
C ASN B 376 -27.59 -19.27 14.18
N ASP B 377 -28.37 -19.75 13.19
CA ASP B 377 -29.65 -20.41 13.41
C ASP B 377 -30.74 -19.48 13.97
N GLU B 378 -30.57 -18.16 13.91
CA GLU B 378 -31.64 -17.28 14.33
C GLU B 378 -32.85 -17.44 13.41
N VAL B 379 -34.05 -17.56 13.99
CA VAL B 379 -35.30 -17.69 13.26
C VAL B 379 -35.72 -16.29 12.83
N LEU B 380 -36.13 -16.15 11.57
CA LEU B 380 -36.54 -14.85 11.03
C LEU B 380 -38.07 -14.76 11.02
N SER B 381 -38.62 -13.59 11.27
CA SER B 381 -40.03 -13.43 11.02
C SER B 381 -40.28 -13.11 9.54
N PHE B 382 -41.45 -13.48 9.03
CA PHE B 382 -41.75 -13.34 7.61
C PHE B 382 -43.27 -13.28 7.44
N THR B 383 -43.73 -12.81 6.27
CA THR B 383 -45.13 -12.86 5.89
C THR B 383 -45.15 -13.33 4.44
N GLN B 384 -46.26 -13.91 4.00
CA GLN B 384 -46.37 -14.35 2.62
C GLN B 384 -47.69 -13.87 2.07
N ASP B 385 -47.72 -13.58 0.77
CA ASP B 385 -48.95 -13.57 -0.01
C ASP B 385 -48.83 -14.67 -1.05
N LEU B 386 -49.51 -15.80 -0.81
CA LEU B 386 -49.39 -16.99 -1.64
C LEU B 386 -49.97 -16.74 -3.03
N ASP B 387 -51.01 -15.91 -3.15
CA ASP B 387 -51.59 -15.70 -4.46
C ASP B 387 -50.62 -14.98 -5.39
N LYS B 388 -49.89 -13.97 -4.86
CA LYS B 388 -48.97 -13.19 -5.66
C LYS B 388 -47.55 -13.75 -5.55
N LYS B 389 -47.37 -14.75 -4.67
CA LYS B 389 -46.10 -15.43 -4.51
C LYS B 389 -45.04 -14.47 -3.93
N VAL B 390 -45.46 -13.64 -2.97
CA VAL B 390 -44.56 -12.72 -2.33
C VAL B 390 -44.15 -13.29 -0.99
N LEU B 391 -42.84 -13.21 -0.69
CA LEU B 391 -42.32 -13.49 0.63
C LEU B 391 -41.57 -12.25 1.10
N THR B 392 -41.82 -11.83 2.35
CA THR B 392 -41.09 -10.73 2.94
C THR B 392 -40.51 -11.19 4.26
N VAL B 393 -39.19 -11.02 4.45
CA VAL B 393 -38.58 -11.46 5.70
C VAL B 393 -37.99 -10.23 6.37
N ASP B 394 -37.90 -10.26 7.70
CA ASP B 394 -37.10 -9.28 8.39
C ASP B 394 -35.67 -9.80 8.46
N ALA B 395 -34.79 -9.29 7.59
CA ALA B 395 -33.41 -9.74 7.52
C ALA B 395 -32.57 -9.02 8.58
N THR B 396 -32.48 -9.60 9.78
CA THR B 396 -31.75 -8.97 10.88
C THR B 396 -30.27 -8.82 10.50
N GLY B 397 -29.61 -7.80 11.06
CA GLY B 397 -28.23 -7.51 10.75
C GLY B 397 -27.32 -8.47 11.50
N TYR B 398 -26.01 -8.39 11.20
CA TYR B 398 -25.06 -9.32 11.78
C TYR B 398 -24.93 -9.09 13.28
N PRO B 399 -24.77 -10.15 14.08
CA PRO B 399 -24.28 -9.97 15.44
C PRO B 399 -22.95 -9.22 15.42
N TYR B 400 -22.81 -8.26 16.34
CA TYR B 400 -21.54 -7.58 16.54
C TYR B 400 -20.43 -8.63 16.53
N GLY B 401 -19.33 -8.29 15.84
CA GLY B 401 -18.17 -9.15 15.78
C GLY B 401 -18.19 -10.08 14.56
N SER B 402 -19.26 -10.05 13.76
CA SER B 402 -19.25 -10.86 12.56
C SER B 402 -19.80 -10.07 11.37
N ASP B 403 -19.51 -10.54 10.15
CA ASP B 403 -20.00 -9.93 8.91
C ASP B 403 -19.70 -10.90 7.76
N TRP B 404 -20.74 -11.54 7.25
CA TRP B 404 -20.60 -12.68 6.34
C TRP B 404 -20.61 -12.19 4.90
N VAL B 405 -20.91 -10.90 4.68
CA VAL B 405 -20.91 -10.29 3.34
C VAL B 405 -22.14 -10.77 2.55
N VAL B 406 -22.25 -12.09 2.34
CA VAL B 406 -23.46 -12.66 1.78
C VAL B 406 -24.03 -13.61 2.84
N ARG B 407 -25.16 -13.21 3.43
CA ARG B 407 -25.79 -13.97 4.49
C ARG B 407 -26.87 -14.85 3.87
N ILE B 408 -27.01 -16.08 4.40
CA ILE B 408 -27.88 -17.05 3.78
C ILE B 408 -28.92 -17.53 4.79
N ALA B 409 -30.19 -17.44 4.39
CA ALA B 409 -31.30 -17.94 5.19
C ALA B 409 -31.87 -19.18 4.53
N GLN B 410 -32.03 -20.24 5.33
CA GLN B 410 -32.66 -21.46 4.84
C GLN B 410 -34.17 -21.41 5.07
N ILE B 411 -34.94 -21.70 4.02
CA ILE B 411 -36.39 -21.83 4.12
C ILE B 411 -36.76 -23.32 4.29
N ASP B 412 -37.53 -23.63 5.35
CA ASP B 412 -38.15 -24.95 5.55
C ASP B 412 -39.65 -24.87 5.23
N TYR B 413 -40.08 -25.67 4.26
CA TYR B 413 -41.48 -25.70 3.84
C TYR B 413 -42.34 -26.55 4.76
N GLU B 414 -43.62 -26.15 4.85
CA GLU B 414 -44.66 -26.94 5.51
C GLU B 414 -44.84 -28.27 4.77
N MET C 1 -15.26 -1.21 -45.54
CA MET C 1 -16.48 -0.41 -45.83
C MET C 1 -16.35 0.28 -47.18
N THR C 2 -17.33 0.00 -48.06
CA THR C 2 -17.54 0.66 -49.35
C THR C 2 -17.87 2.13 -49.11
N GLU C 3 -18.02 2.90 -50.19
CA GLU C 3 -18.46 4.28 -50.09
C GLU C 3 -19.98 4.32 -50.21
N PRO C 4 -20.69 5.12 -49.36
CA PRO C 4 -22.14 5.20 -49.45
C PRO C 4 -22.66 5.62 -50.82
N LEU C 5 -23.79 5.07 -51.19
CA LEU C 5 -24.45 5.47 -52.41
C LEU C 5 -24.85 6.93 -52.21
N PRO C 6 -25.03 7.66 -53.29
CA PRO C 6 -25.34 9.08 -53.10
C PRO C 6 -26.60 9.37 -52.31
N ARG C 7 -27.66 8.61 -52.46
CA ARG C 7 -28.85 8.86 -51.69
C ARG C 7 -28.59 8.68 -50.20
N ILE C 8 -27.81 7.69 -49.82
CA ILE C 8 -27.44 7.42 -48.47
C ILE C 8 -26.55 8.51 -47.92
N GLN C 9 -25.69 9.01 -48.77
CA GLN C 9 -24.80 10.10 -48.45
C GLN C 9 -25.60 11.34 -48.15
N HIS C 10 -26.64 11.59 -48.93
CA HIS C 10 -27.53 12.69 -48.74
C HIS C 10 -28.29 12.52 -47.42
N TYR C 11 -28.68 11.30 -47.13
CA TYR C 11 -29.37 11.01 -45.91
C TYR C 11 -28.54 11.30 -44.66
N GLU C 12 -27.26 10.95 -44.68
CA GLU C 12 -26.42 11.18 -43.51
C GLU C 12 -26.23 12.69 -43.29
N ASP C 13 -26.36 13.47 -44.38
CA ASP C 13 -26.23 14.92 -44.26
C ASP C 13 -27.49 15.54 -43.69
N LEU C 14 -28.61 14.79 -43.67
CA LEU C 14 -29.85 15.33 -43.14
C LEU C 14 -29.70 15.58 -41.63
N GLY C 15 -29.02 14.66 -40.94
CA GLY C 15 -28.67 14.82 -39.54
C GLY C 15 -29.83 14.56 -38.58
N LEU C 16 -30.82 15.45 -38.64
CA LEU C 16 -31.91 15.51 -37.71
C LEU C 16 -33.23 15.45 -38.49
N GLY C 17 -34.14 14.59 -38.04
CA GLY C 17 -35.49 14.61 -38.54
C GLY C 17 -36.52 14.71 -37.41
N LEU C 18 -37.72 15.10 -37.80
CA LEU C 18 -38.86 15.10 -36.89
C LEU C 18 -39.71 13.87 -37.18
N PHE C 19 -40.02 13.11 -36.13
CA PHE C 19 -40.94 11.98 -36.24
C PHE C 19 -42.30 12.44 -35.73
N ILE C 20 -43.35 12.16 -36.51
CA ILE C 20 -44.69 12.60 -36.11
C ILE C 20 -45.59 11.39 -35.99
N HIS C 21 -46.11 11.14 -34.78
CA HIS C 21 -47.12 10.12 -34.53
C HIS C 21 -48.50 10.77 -34.47
N TRP C 22 -49.36 10.31 -35.39
CA TRP C 22 -50.74 10.76 -35.41
C TRP C 22 -51.61 9.69 -36.03
N GLY C 23 -52.67 9.30 -35.31
CA GLY C 23 -53.58 8.27 -35.77
C GLY C 23 -54.88 8.37 -35.00
N LEU C 24 -55.72 7.32 -35.08
CA LEU C 24 -56.96 7.34 -34.33
C LEU C 24 -56.63 7.34 -32.83
N TYR C 25 -55.56 6.65 -32.44
CA TYR C 25 -55.17 6.58 -31.04
C TYR C 25 -55.00 7.96 -30.43
N SER C 26 -54.64 8.95 -31.24
CA SER C 26 -54.38 10.30 -30.74
C SER C 26 -55.60 10.87 -30.02
N GLN C 27 -56.80 10.49 -30.42
CA GLN C 27 -58.02 10.93 -29.78
C GLN C 27 -58.12 10.49 -28.32
N MET C 28 -57.69 9.29 -28.02
CA MET C 28 -57.68 8.76 -26.66
C MET C 28 -56.62 9.36 -25.74
N ALA C 29 -55.50 9.74 -26.33
CA ALA C 29 -54.38 10.32 -25.62
C ALA C 29 -53.87 9.47 -24.51
N VAL C 30 -53.81 8.19 -24.74
CA VAL C 30 -53.24 7.23 -23.79
C VAL C 30 -52.26 6.33 -24.53
N GLY C 31 -51.52 6.88 -25.52
CA GLY C 31 -50.47 6.11 -26.18
C GLY C 31 -50.95 5.43 -27.47
N GLU C 32 -50.01 5.21 -28.41
CA GLU C 32 -50.33 4.69 -29.74
C GLU C 32 -50.65 3.20 -29.69
N TRP C 33 -50.24 2.47 -28.64
CA TRP C 33 -50.54 1.04 -28.61
C TRP C 33 -51.84 0.73 -27.86
N THR C 34 -52.68 1.74 -27.62
CA THR C 34 -53.82 1.60 -26.72
C THR C 34 -54.75 0.43 -27.10
N GLU C 35 -55.02 0.27 -28.39
CA GLU C 35 -55.98 -0.73 -28.83
C GLU C 35 -55.58 -2.13 -28.35
N LEU C 36 -54.30 -2.51 -28.54
CA LEU C 36 -53.85 -3.80 -28.09
C LEU C 36 -53.64 -3.80 -26.57
N ILE C 37 -52.91 -2.80 -26.02
CA ILE C 37 -52.45 -2.94 -24.64
C ILE C 37 -53.59 -2.80 -23.64
N HIS C 38 -54.57 -1.95 -23.95
CA HIS C 38 -55.73 -1.82 -23.08
C HIS C 38 -56.85 -2.82 -23.48
N HIS C 39 -56.56 -3.77 -24.39
CA HIS C 39 -57.46 -4.84 -24.77
C HIS C 39 -58.81 -4.26 -25.19
N ARG C 40 -58.81 -3.28 -26.08
CA ARG C 40 -60.06 -2.63 -26.41
C ARG C 40 -60.85 -3.53 -27.36
N ASN C 41 -62.14 -3.30 -27.44
CA ASN C 41 -62.98 -4.02 -28.38
C ASN C 41 -62.64 -3.41 -29.71
N GLN C 42 -62.33 -4.22 -30.68
CA GLN C 42 -61.92 -3.70 -31.97
C GLN C 42 -62.97 -2.89 -32.68
N HIS C 43 -64.21 -3.31 -32.62
CA HIS C 43 -65.23 -2.59 -33.28
C HIS C 43 -65.44 -1.20 -32.69
N ASP C 44 -65.45 -1.11 -31.37
CA ASP C 44 -65.65 0.15 -30.71
C ASP C 44 -64.53 1.13 -30.96
N TYR C 45 -63.30 0.64 -30.92
CA TYR C 45 -62.13 1.45 -31.15
C TYR C 45 -62.10 1.99 -32.57
N GLU C 46 -62.47 1.17 -33.54
CA GLU C 46 -62.49 1.60 -34.92
C GLU C 46 -63.50 2.67 -35.20
N GLN C 47 -64.50 2.81 -34.34
CA GLN C 47 -65.47 3.89 -34.46
C GLN C 47 -64.81 5.27 -34.38
N LEU C 48 -63.58 5.33 -33.84
CA LEU C 48 -62.85 6.60 -33.75
C LEU C 48 -62.70 7.24 -35.13
N ILE C 49 -62.77 6.44 -36.21
CA ILE C 49 -62.75 6.99 -37.56
C ILE C 49 -63.84 8.06 -37.73
N LYS C 50 -64.96 7.93 -37.02
CA LYS C 50 -66.11 8.80 -37.25
C LYS C 50 -65.88 10.20 -36.71
N THR C 51 -64.90 10.35 -35.79
CA THR C 51 -64.62 11.65 -35.21
C THR C 51 -63.22 12.12 -35.62
N PHE C 52 -62.59 11.45 -36.60
CA PHE C 52 -61.32 11.88 -37.15
C PHE C 52 -61.51 13.02 -38.16
N THR C 53 -61.56 14.27 -37.67
CA THR C 53 -61.87 15.43 -38.49
C THR C 53 -60.61 16.04 -39.09
N ALA C 54 -59.46 15.80 -38.43
CA ALA C 54 -58.21 16.50 -38.73
C ALA C 54 -58.42 18.02 -38.72
N ALA C 55 -59.32 18.52 -37.86
CA ALA C 55 -59.71 19.93 -37.88
C ALA C 55 -58.53 20.87 -37.59
N GLN C 56 -57.49 20.39 -36.91
CA GLN C 56 -56.39 21.30 -36.59
C GLN C 56 -55.10 20.87 -37.25
N PHE C 57 -55.18 19.94 -38.21
CA PHE C 57 -53.97 19.54 -38.89
C PHE C 57 -53.62 20.57 -39.95
N ASP C 58 -52.44 21.16 -39.81
CA ASP C 58 -51.92 22.10 -40.78
C ASP C 58 -50.50 21.68 -41.15
N ALA C 59 -50.37 21.05 -42.32
CA ALA C 59 -49.11 20.47 -42.73
C ALA C 59 -48.06 21.57 -42.89
N LYS C 60 -48.50 22.78 -43.28
CA LYS C 60 -47.60 23.90 -43.44
C LYS C 60 -47.00 24.31 -42.11
N LYS C 61 -47.81 24.33 -41.03
CA LYS C 61 -47.29 24.66 -39.72
C LYS C 61 -46.30 23.58 -39.27
N ILE C 62 -46.61 22.32 -39.55
CA ILE C 62 -45.73 21.24 -39.15
C ILE C 62 -44.40 21.34 -39.90
N ALA C 63 -44.45 21.62 -41.20
CA ALA C 63 -43.23 21.73 -41.99
C ALA C 63 -42.41 22.92 -41.52
N HIS C 64 -43.09 24.02 -41.17
CA HIS C 64 -42.45 25.23 -40.67
C HIS C 64 -41.74 24.92 -39.34
N ALA C 65 -42.43 24.25 -38.43
CA ALA C 65 -41.86 23.89 -37.15
C ALA C 65 -40.62 23.01 -37.35
N ALA C 66 -40.69 22.06 -38.30
CA ALA C 66 -39.53 21.20 -38.55
C ALA C 66 -38.35 22.02 -39.09
N LYS C 67 -38.66 22.96 -39.99
CA LYS C 67 -37.62 23.79 -40.56
C LYS C 67 -36.94 24.56 -39.43
N ALA C 68 -37.76 25.16 -38.54
CA ALA C 68 -37.26 26.01 -37.48
C ALA C 68 -36.43 25.21 -36.49
N VAL C 69 -36.75 23.93 -36.28
CA VAL C 69 -35.99 23.16 -35.30
C VAL C 69 -34.66 22.72 -35.91
N GLY C 70 -34.47 22.93 -37.23
CA GLY C 70 -33.25 22.48 -37.91
C GLY C 70 -33.35 21.04 -38.44
N ALA C 71 -34.56 20.48 -38.48
CA ALA C 71 -34.74 19.16 -39.07
C ALA C 71 -34.70 19.29 -40.61
N LYS C 72 -34.25 18.22 -41.28
CA LYS C 72 -34.14 18.24 -42.73
C LYS C 72 -35.10 17.24 -43.37
N TYR C 73 -35.76 16.42 -42.53
CA TYR C 73 -36.79 15.52 -43.02
C TYR C 73 -37.81 15.29 -41.91
N ILE C 74 -38.97 14.75 -42.31
CA ILE C 74 -40.06 14.43 -41.40
C ILE C 74 -40.55 13.03 -41.74
N VAL C 75 -40.65 12.19 -40.72
CA VAL C 75 -41.25 10.87 -40.82
C VAL C 75 -42.66 10.95 -40.24
N LEU C 76 -43.68 10.80 -41.10
CA LEU C 76 -45.06 10.82 -40.65
C LEU C 76 -45.64 9.41 -40.65
N THR C 77 -46.38 9.07 -39.59
CA THR C 77 -47.03 7.77 -39.49
C THR C 77 -48.19 7.71 -40.51
N THR C 78 -48.02 6.95 -41.61
CA THR C 78 -49.07 6.91 -42.64
C THR C 78 -50.10 5.82 -42.31
N LYS C 79 -49.65 4.78 -41.60
CA LYS C 79 -50.49 3.74 -41.04
C LYS C 79 -49.74 3.11 -39.88
N HIS C 80 -50.34 3.15 -38.69
CA HIS C 80 -49.72 2.55 -37.51
C HIS C 80 -50.28 1.13 -37.31
N HIS C 81 -49.94 0.48 -36.19
CA HIS C 81 -50.44 -0.85 -35.90
C HIS C 81 -51.97 -0.90 -35.93
N GLU C 82 -52.63 0.17 -35.47
CA GLU C 82 -54.08 0.20 -35.48
C GLU C 82 -54.60 -0.02 -36.91
N GLY C 83 -53.78 0.28 -37.92
CA GLY C 83 -54.09 -0.14 -39.29
C GLY C 83 -54.91 0.89 -40.07
N PHE C 84 -55.13 2.07 -39.49
CA PHE C 84 -55.86 3.15 -40.16
C PHE C 84 -54.91 3.97 -41.04
N PHE C 85 -55.30 4.20 -42.31
CA PHE C 85 -54.46 4.88 -43.27
C PHE C 85 -54.78 6.37 -43.32
N LEU C 86 -53.72 7.21 -43.27
CA LEU C 86 -53.90 8.66 -43.30
C LEU C 86 -53.91 9.18 -44.74
N TYR C 87 -53.97 8.26 -45.72
CA TYR C 87 -54.05 8.65 -47.11
C TYR C 87 -55.14 7.86 -47.85
N ASP C 88 -55.42 8.25 -49.10
CA ASP C 88 -56.42 7.58 -49.91
C ASP C 88 -55.86 6.25 -50.43
N THR C 89 -56.38 5.12 -49.95
CA THR C 89 -55.84 3.83 -50.40
C THR C 89 -56.45 3.38 -51.73
N LYS C 90 -57.29 4.24 -52.34
CA LYS C 90 -57.83 3.99 -53.69
C LYS C 90 -58.47 2.60 -53.79
N GLY C 91 -59.32 2.23 -52.82
CA GLY C 91 -60.06 0.98 -52.88
C GLY C 91 -59.41 -0.16 -52.08
N LEU C 92 -58.16 -0.01 -51.63
CA LEU C 92 -57.56 -1.11 -50.88
C LEU C 92 -58.31 -1.35 -49.56
N SER C 93 -58.76 -0.26 -48.92
CA SER C 93 -59.37 -0.38 -47.61
C SER C 93 -60.39 0.73 -47.41
N ASP C 94 -61.41 0.47 -46.60
CA ASP C 94 -62.36 1.49 -46.20
C ASP C 94 -61.91 2.17 -44.90
N PHE C 95 -60.85 1.63 -44.28
CA PHE C 95 -60.40 2.18 -43.01
C PHE C 95 -59.31 3.23 -43.28
N ASP C 96 -59.70 4.34 -43.94
CA ASP C 96 -58.75 5.34 -44.37
C ASP C 96 -59.38 6.72 -44.24
N VAL C 97 -58.57 7.75 -44.45
CA VAL C 97 -59.01 9.10 -44.13
C VAL C 97 -60.10 9.54 -45.11
N MET C 98 -60.20 8.89 -46.28
CA MET C 98 -61.25 9.30 -47.23
C MET C 98 -62.63 8.87 -46.73
N HIS C 99 -62.68 7.96 -45.74
CA HIS C 99 -63.93 7.49 -45.16
C HIS C 99 -64.14 8.10 -43.79
N ALA C 100 -63.32 9.09 -43.43
CA ALA C 100 -63.48 9.81 -42.17
C ALA C 100 -64.04 11.17 -42.51
N PRO C 101 -64.65 11.91 -41.57
CA PRO C 101 -65.11 13.27 -41.86
C PRO C 101 -64.03 14.19 -42.44
N ALA C 102 -62.74 13.95 -42.15
CA ALA C 102 -61.65 14.74 -42.70
C ALA C 102 -61.75 14.82 -44.23
N ARG C 103 -61.91 13.67 -44.89
CA ARG C 103 -62.10 13.58 -46.34
C ARG C 103 -60.99 14.32 -47.08
N ARG C 104 -59.77 14.23 -46.57
CA ARG C 104 -58.64 14.88 -47.21
C ARG C 104 -57.50 13.87 -47.22
N ASP C 105 -56.75 13.83 -48.33
CA ASP C 105 -55.55 13.02 -48.35
C ASP C 105 -54.43 13.75 -47.60
N LEU C 106 -54.21 13.36 -46.33
CA LEU C 106 -53.32 14.08 -45.44
C LEU C 106 -51.88 13.91 -45.90
N ILE C 107 -51.57 12.74 -46.46
CA ILE C 107 -50.24 12.51 -47.00
C ILE C 107 -49.95 13.48 -48.15
N ALA C 108 -50.96 13.78 -48.99
CA ALA C 108 -50.75 14.72 -50.09
C ALA C 108 -50.42 16.10 -49.52
N GLU C 109 -51.17 16.52 -48.49
CA GLU C 109 -50.93 17.82 -47.88
C GLU C 109 -49.51 17.83 -47.28
N PHE C 110 -49.11 16.69 -46.70
CA PHE C 110 -47.84 16.59 -46.01
C PHE C 110 -46.69 16.72 -47.01
N VAL C 111 -46.81 16.02 -48.16
CA VAL C 111 -45.70 16.00 -49.10
C VAL C 111 -45.54 17.39 -49.71
N ALA C 112 -46.66 18.06 -49.99
CA ALA C 112 -46.59 19.40 -50.57
C ALA C 112 -45.93 20.35 -49.58
N ALA C 113 -46.31 20.26 -48.29
CA ALA C 113 -45.75 21.15 -47.28
C ALA C 113 -44.25 20.91 -47.09
N CYS C 114 -43.81 19.64 -47.17
CA CYS C 114 -42.40 19.34 -47.05
C CYS C 114 -41.61 19.94 -48.22
N ARG C 115 -42.11 19.77 -49.42
CA ARG C 115 -41.41 20.24 -50.58
C ARG C 115 -41.18 21.72 -50.60
N GLU C 116 -42.17 22.47 -50.18
CA GLU C 116 -42.04 23.90 -50.15
C GLU C 116 -41.05 24.46 -49.13
N GLU C 117 -40.81 23.70 -48.08
CA GLU C 117 -39.90 24.04 -47.04
C GLU C 117 -38.56 23.31 -47.22
N ASP C 118 -38.41 22.67 -48.37
CA ASP C 118 -37.24 21.90 -48.75
C ASP C 118 -36.85 20.76 -47.82
N LEU C 119 -37.84 20.04 -47.35
CA LEU C 119 -37.64 18.95 -46.46
C LEU C 119 -38.02 17.66 -47.12
N LEU C 120 -37.32 16.60 -46.82
CA LEU C 120 -37.67 15.30 -47.38
C LEU C 120 -38.86 14.68 -46.63
N PRO C 121 -39.94 14.30 -47.33
CA PRO C 121 -41.04 13.56 -46.71
C PRO C 121 -40.74 12.08 -46.61
N PHE C 122 -40.88 11.49 -45.45
CA PHE C 122 -40.67 10.09 -45.24
C PHE C 122 -41.96 9.51 -44.77
N PHE C 123 -42.24 8.29 -45.16
CA PHE C 123 -43.46 7.65 -44.77
C PHE C 123 -43.21 6.49 -43.85
N TYR C 124 -43.87 6.51 -42.70
CA TYR C 124 -43.78 5.47 -41.74
C TYR C 124 -44.93 4.52 -42.01
N MET C 125 -44.63 3.24 -42.11
CA MET C 125 -45.58 2.20 -42.32
C MET C 125 -45.36 1.08 -41.36
N ALA C 126 -46.39 0.71 -40.61
CA ALA C 126 -46.29 -0.37 -39.65
C ALA C 126 -46.57 -1.69 -40.34
N THR C 127 -45.75 -2.69 -40.12
CA THR C 127 -45.95 -3.92 -40.85
C THR C 127 -46.73 -4.90 -39.97
N TYR C 128 -46.70 -4.73 -38.65
CA TYR C 128 -47.59 -5.45 -37.77
C TYR C 128 -48.92 -4.71 -37.69
N ASP C 129 -49.99 -5.32 -38.20
CA ASP C 129 -51.25 -4.62 -38.42
C ASP C 129 -52.33 -5.31 -37.58
N TRP C 130 -53.11 -4.54 -36.80
CA TRP C 130 -54.16 -5.07 -35.92
C TRP C 130 -55.52 -5.01 -36.61
N HIS C 131 -55.61 -4.35 -37.77
CA HIS C 131 -56.92 -4.09 -38.36
C HIS C 131 -57.38 -5.24 -39.24
N THR C 132 -56.55 -5.61 -40.22
CA THR C 132 -56.97 -6.58 -41.23
C THR C 132 -56.82 -7.98 -40.63
N PRO C 133 -57.88 -8.83 -40.71
CA PRO C 133 -57.77 -10.22 -40.26
C PRO C 133 -56.74 -11.05 -41.03
N LEU C 134 -56.32 -10.53 -42.20
CA LEU C 134 -55.33 -11.21 -43.02
C LEU C 134 -54.06 -11.42 -42.20
N TYR C 135 -53.75 -10.50 -41.27
CA TYR C 135 -52.45 -10.54 -40.60
C TYR C 135 -52.24 -11.90 -39.92
N ASP C 136 -53.22 -12.34 -39.12
CA ASP C 136 -53.07 -13.62 -38.42
C ASP C 136 -53.61 -14.78 -39.26
N ASP C 137 -54.68 -14.51 -40.04
CA ASP C 137 -55.49 -15.55 -40.64
C ASP C 137 -55.03 -15.95 -42.04
N ASP C 138 -54.22 -15.14 -42.73
CA ASP C 138 -53.78 -15.41 -44.09
C ASP C 138 -52.56 -14.57 -44.44
N PHE C 139 -51.42 -14.93 -43.85
CA PHE C 139 -50.25 -14.06 -43.87
C PHE C 139 -49.82 -13.76 -45.31
N PRO C 140 -49.74 -14.74 -46.24
CA PRO C 140 -49.40 -14.45 -47.63
C PRO C 140 -50.28 -13.38 -48.26
N ALA C 141 -51.60 -13.42 -47.97
CA ALA C 141 -52.47 -12.38 -48.48
C ALA C 141 -52.20 -11.03 -47.79
N TYR C 142 -51.83 -11.08 -46.50
CA TYR C 142 -51.46 -9.88 -45.75
C TYR C 142 -50.27 -9.22 -46.46
N LEU C 143 -49.27 -10.02 -46.83
CA LEU C 143 -48.11 -9.51 -47.53
C LEU C 143 -48.51 -8.72 -48.78
N THR C 144 -49.49 -9.25 -49.52
CA THR C 144 -49.97 -8.60 -50.74
C THR C 144 -50.63 -7.28 -50.36
N TYR C 145 -51.40 -7.28 -49.27
CA TYR C 145 -52.09 -6.08 -48.82
C TYR C 145 -51.06 -5.02 -48.38
N LEU C 146 -50.07 -5.44 -47.60
CA LEU C 146 -49.01 -4.53 -47.18
C LEU C 146 -48.34 -3.92 -48.40
N GLN C 147 -47.95 -4.79 -49.33
CA GLN C 147 -47.24 -4.37 -50.53
C GLN C 147 -48.06 -3.38 -51.35
N LYS C 148 -49.37 -3.63 -51.46
CA LYS C 148 -50.21 -2.74 -52.25
C LYS C 148 -50.31 -1.38 -51.56
N SER C 149 -50.35 -1.40 -50.21
CA SER C 149 -50.50 -0.15 -49.48
C SER C 149 -49.25 0.71 -49.69
N VAL C 150 -48.09 0.06 -49.81
CA VAL C 150 -46.85 0.78 -50.06
C VAL C 150 -46.79 1.27 -51.51
N GLU C 151 -47.30 0.43 -52.43
CA GLU C 151 -47.34 0.79 -53.84
C GLU C 151 -48.15 2.07 -54.04
N VAL C 152 -49.28 2.22 -53.32
CA VAL C 152 -50.04 3.46 -53.43
C VAL C 152 -49.15 4.66 -53.07
N LEU C 153 -48.35 4.51 -52.00
CA LEU C 153 -47.51 5.59 -51.53
C LEU C 153 -46.38 5.87 -52.54
N CYS C 154 -45.92 4.82 -53.23
CA CYS C 154 -44.86 4.99 -54.22
C CYS C 154 -45.35 5.60 -55.54
N ARG C 155 -46.66 5.67 -55.78
CA ARG C 155 -47.10 6.02 -57.13
C ARG C 155 -47.96 7.28 -57.17
N ASN C 156 -48.34 7.83 -56.01
CA ASN C 156 -49.39 8.84 -56.06
C ASN C 156 -48.95 10.20 -55.52
N TYR C 157 -47.68 10.33 -55.14
CA TYR C 157 -47.27 11.51 -54.38
C TYR C 157 -45.99 12.13 -54.92
N GLY C 158 -45.51 11.66 -56.08
CA GLY C 158 -44.26 12.15 -56.63
C GLY C 158 -43.07 11.51 -55.91
N PRO C 159 -41.84 12.06 -56.04
CA PRO C 159 -40.67 11.45 -55.40
C PRO C 159 -40.73 11.55 -53.87
N VAL C 160 -40.44 10.45 -53.21
CA VAL C 160 -40.61 10.34 -51.76
C VAL C 160 -39.22 10.28 -51.15
N GLY C 161 -39.02 10.98 -50.03
CA GLY C 161 -37.73 10.93 -49.35
C GLY C 161 -37.41 9.51 -48.92
N GLY C 162 -38.40 8.83 -48.34
CA GLY C 162 -38.06 7.51 -47.81
C GLY C 162 -39.24 6.83 -47.14
N PHE C 163 -39.04 5.57 -46.80
CA PHE C 163 -40.01 4.74 -46.13
C PHE C 163 -39.35 4.28 -44.84
N TRP C 164 -40.16 4.24 -43.77
CA TRP C 164 -39.68 3.87 -42.45
C TRP C 164 -40.53 2.69 -41.97
N PHE C 165 -39.98 1.48 -42.08
CA PHE C 165 -40.74 0.27 -41.85
C PHE C 165 -40.57 -0.20 -40.41
N ASP C 166 -41.71 -0.37 -39.74
CA ASP C 166 -41.68 -0.71 -38.33
C ASP C 166 -42.35 -2.09 -38.14
N GLY C 167 -41.60 -3.15 -37.84
CA GLY C 167 -42.39 -4.19 -37.13
C GLY C 167 -42.40 -5.58 -37.73
N ASN C 168 -41.39 -5.85 -38.57
CA ASN C 168 -41.20 -7.23 -38.99
C ASN C 168 -40.79 -8.06 -37.78
N TRP C 169 -40.34 -7.42 -36.67
CA TRP C 169 -39.91 -8.07 -35.43
C TRP C 169 -41.03 -8.86 -34.75
N ASN C 170 -42.27 -8.58 -35.12
CA ASN C 170 -43.39 -9.29 -34.59
C ASN C 170 -43.35 -10.75 -35.00
N LYS C 171 -42.92 -11.01 -36.22
CA LYS C 171 -42.81 -12.36 -36.74
C LYS C 171 -41.40 -12.55 -37.27
N LYS C 172 -40.45 -12.74 -36.38
CA LYS C 172 -39.07 -12.87 -36.82
C LYS C 172 -38.76 -14.13 -37.60
N ASP C 173 -39.63 -15.12 -37.53
CA ASP C 173 -39.32 -16.33 -38.26
C ASP C 173 -39.87 -16.30 -39.69
N ALA C 174 -40.95 -15.55 -39.91
CA ALA C 174 -41.73 -15.65 -41.13
C ALA C 174 -40.95 -15.09 -42.33
N ASP C 175 -41.36 -15.49 -43.52
CA ASP C 175 -40.85 -14.94 -44.75
C ASP C 175 -41.69 -13.72 -45.11
N TRP C 176 -41.03 -12.55 -45.12
CA TRP C 176 -41.72 -11.27 -45.31
C TRP C 176 -41.65 -10.84 -46.77
N HIS C 177 -41.00 -11.61 -47.60
CA HIS C 177 -40.90 -11.30 -49.02
C HIS C 177 -40.40 -9.89 -49.25
N LEU C 178 -39.32 -9.57 -48.60
CA LEU C 178 -38.69 -8.28 -48.67
C LEU C 178 -38.17 -7.93 -50.05
N PRO C 179 -37.60 -8.90 -50.75
CA PRO C 179 -37.11 -8.59 -52.08
C PRO C 179 -38.21 -8.12 -52.99
N GLU C 180 -39.37 -8.74 -52.95
CA GLU C 180 -40.44 -8.21 -53.77
C GLU C 180 -40.96 -6.86 -53.30
N LEU C 181 -41.06 -6.66 -52.00
CA LEU C 181 -41.53 -5.39 -51.48
C LEU C 181 -40.59 -4.24 -51.74
N TYR C 182 -39.32 -4.46 -51.42
CA TYR C 182 -38.30 -3.44 -51.62
C TYR C 182 -38.02 -3.22 -53.08
N GLY C 183 -38.08 -4.28 -53.86
CA GLY C 183 -37.90 -4.23 -55.28
C GLY C 183 -38.98 -3.39 -55.91
N MET C 184 -40.19 -3.54 -55.42
CA MET C 184 -41.27 -2.75 -55.93
C MET C 184 -41.01 -1.27 -55.63
N ILE C 185 -40.51 -0.97 -54.43
CA ILE C 185 -40.20 0.40 -54.06
C ILE C 185 -39.08 0.95 -54.92
N ARG C 186 -38.07 0.14 -55.17
CA ARG C 186 -36.96 0.52 -56.00
C ARG C 186 -37.41 0.83 -57.40
N HIS C 187 -38.36 0.08 -57.91
CA HIS C 187 -38.86 0.31 -59.23
C HIS C 187 -39.53 1.64 -59.37
N TYR C 188 -40.39 2.00 -58.45
CA TYR C 188 -41.07 3.26 -58.59
C TYR C 188 -40.43 4.44 -57.92
N GLN C 189 -39.61 4.16 -56.92
CA GLN C 189 -38.95 5.19 -56.15
C GLN C 189 -37.52 4.80 -55.98
N PRO C 190 -36.75 4.88 -57.04
CA PRO C 190 -35.38 4.46 -57.01
C PRO C 190 -34.54 5.22 -56.00
N ASN C 191 -34.79 6.49 -55.83
CA ASN C 191 -34.06 7.29 -54.91
C ASN C 191 -34.55 7.32 -53.46
N ALA C 192 -35.64 6.67 -53.14
CA ALA C 192 -36.15 6.67 -51.80
C ALA C 192 -35.26 5.94 -50.80
N ILE C 193 -35.17 6.45 -49.59
CA ILE C 193 -34.41 5.81 -48.56
C ILE C 193 -35.28 4.76 -47.89
N ILE C 194 -34.79 3.55 -47.72
CA ILE C 194 -35.52 2.54 -47.03
C ILE C 194 -34.93 2.31 -45.65
N VAL C 195 -35.73 2.57 -44.65
CA VAL C 195 -35.34 2.42 -43.27
C VAL C 195 -36.09 1.27 -42.64
N SER C 196 -35.36 0.42 -41.97
CA SER C 196 -35.93 -0.69 -41.28
C SER C 196 -35.62 -0.70 -39.79
N ASN C 197 -36.67 -0.77 -39.00
CA ASN C 197 -36.65 -0.79 -37.57
C ASN C 197 -36.62 -2.20 -36.99
N GLN C 205 -25.78 -9.74 -40.30
CA GLN C 205 -26.33 -9.45 -41.61
C GLN C 205 -27.57 -8.60 -41.53
N VAL C 206 -27.78 -7.84 -42.59
CA VAL C 206 -28.91 -6.96 -42.77
C VAL C 206 -30.03 -7.76 -43.37
N SER C 207 -31.26 -7.42 -43.08
CA SER C 207 -32.42 -8.16 -43.57
C SER C 207 -32.62 -8.24 -45.08
N ASP C 208 -32.31 -7.18 -45.79
CA ASP C 208 -32.42 -7.19 -47.22
C ASP C 208 -31.45 -6.20 -47.78
N PRO C 209 -30.89 -6.52 -48.94
CA PRO C 209 -29.92 -5.70 -49.63
C PRO C 209 -30.45 -4.33 -49.97
N GLU C 210 -31.73 -4.18 -50.22
CA GLU C 210 -32.26 -2.88 -50.51
C GLU C 210 -32.38 -1.94 -49.32
N ILE C 211 -32.23 -2.44 -48.11
CA ILE C 211 -32.29 -1.56 -46.94
C ILE C 211 -31.13 -0.58 -46.99
N ASP C 212 -31.42 0.71 -46.75
CA ASP C 212 -30.43 1.78 -46.75
C ASP C 212 -30.01 2.19 -45.33
N VAL C 213 -30.94 2.05 -44.38
CA VAL C 213 -30.72 2.55 -43.03
C VAL C 213 -31.30 1.54 -42.05
N VAL C 214 -30.60 1.37 -40.96
CA VAL C 214 -31.00 0.52 -39.88
C VAL C 214 -31.05 1.36 -38.61
N THR C 215 -32.03 1.13 -37.77
CA THR C 215 -32.20 1.81 -36.51
C THR C 215 -31.40 1.22 -35.38
N TYR C 216 -30.93 2.06 -34.48
CA TYR C 216 -30.15 1.61 -33.38
C TYR C 216 -30.71 2.21 -32.14
N GLU C 217 -30.51 1.57 -31.01
CA GLU C 217 -31.02 2.17 -29.82
C GLU C 217 -30.27 3.43 -29.50
N ARG C 218 -30.97 4.28 -28.80
CA ARG C 218 -30.54 5.60 -28.39
C ARG C 218 -29.25 5.60 -27.57
N ARG C 219 -29.06 4.60 -26.74
CA ARG C 219 -27.91 4.52 -25.91
C ARG C 219 -26.67 3.83 -26.46
N THR C 220 -26.63 3.48 -27.73
CA THR C 220 -25.47 2.83 -28.27
C THR C 220 -24.25 3.72 -28.06
N PRO C 221 -23.25 3.17 -27.40
CA PRO C 221 -21.97 3.77 -27.01
C PRO C 221 -20.99 4.07 -28.10
N ASP C 222 -20.89 3.17 -29.06
CA ASP C 222 -19.91 3.28 -30.10
C ASP C 222 -20.44 3.53 -31.45
N GLU C 223 -19.55 3.98 -32.31
CA GLU C 223 -19.87 4.21 -33.71
C GLU C 223 -20.56 2.97 -34.31
N ILE C 224 -21.62 3.20 -35.09
CA ILE C 224 -22.54 2.13 -35.48
C ILE C 224 -21.93 1.26 -36.60
N TYR C 225 -22.62 0.16 -36.89
CA TYR C 225 -22.18 -0.81 -37.90
C TYR C 225 -22.70 -0.39 -39.29
N HIS C 226 -21.80 -0.38 -40.27
CA HIS C 226 -22.17 0.10 -41.60
C HIS C 226 -22.27 -1.00 -42.65
N GLY C 227 -22.23 -2.28 -42.25
CA GLY C 227 -22.24 -3.43 -43.15
C GLY C 227 -20.85 -4.01 -43.38
N ALA C 228 -20.78 -5.25 -43.92
CA ALA C 228 -19.51 -5.95 -44.10
C ALA C 228 -18.64 -5.26 -45.16
N PRO C 229 -17.29 -5.39 -45.10
CA PRO C 229 -16.44 -4.97 -46.22
C PRO C 229 -16.70 -5.82 -47.47
N ASN C 230 -16.90 -5.11 -48.59
CA ASN C 230 -17.31 -5.53 -49.92
C ASN C 230 -18.82 -5.50 -50.11
N GLU C 231 -19.57 -5.04 -49.09
CA GLU C 231 -21.01 -4.99 -49.19
C GLU C 231 -21.50 -3.54 -49.22
N LYS C 232 -22.79 -3.36 -49.53
CA LYS C 232 -23.40 -2.03 -49.52
C LYS C 232 -23.21 -1.39 -48.14
N TYR C 233 -22.78 -0.13 -48.11
CA TYR C 233 -22.78 0.65 -46.89
C TYR C 233 -24.22 0.96 -46.47
N VAL C 234 -24.57 0.69 -45.22
CA VAL C 234 -25.88 1.06 -44.68
C VAL C 234 -25.68 2.09 -43.56
N ALA C 235 -26.52 3.13 -43.57
CA ALA C 235 -26.49 4.17 -42.55
C ALA C 235 -27.25 3.71 -41.31
N GLY C 236 -27.25 4.58 -40.27
CA GLY C 236 -27.91 4.29 -39.00
C GLY C 236 -28.74 5.47 -38.52
N GLU C 237 -29.75 5.20 -37.68
CA GLU C 237 -30.62 6.23 -37.16
C GLU C 237 -31.05 5.87 -35.74
N ILE C 238 -31.10 6.86 -34.85
CA ILE C 238 -31.67 6.62 -33.53
C ILE C 238 -32.86 7.54 -33.37
N SER C 239 -33.72 7.24 -32.39
CA SER C 239 -34.98 7.93 -32.15
C SER C 239 -35.10 8.30 -30.68
N ILE C 240 -35.73 9.44 -30.41
CA ILE C 240 -36.07 9.76 -29.04
C ILE C 240 -37.48 10.33 -29.03
N THR C 241 -38.28 9.96 -28.03
CA THR C 241 -39.55 10.62 -27.81
C THR C 241 -39.44 11.39 -26.48
N LEU C 242 -40.32 12.36 -26.26
CA LEU C 242 -40.12 13.34 -25.20
C LEU C 242 -40.52 12.79 -23.83
N ASN C 243 -41.58 11.98 -23.78
CA ASN C 243 -41.96 11.26 -22.56
C ASN C 243 -41.76 9.75 -22.82
N GLN C 244 -42.65 8.91 -22.30
CA GLN C 244 -42.48 7.47 -22.43
C GLN C 244 -43.25 6.93 -23.65
N HIS C 245 -44.06 7.77 -24.30
CA HIS C 245 -44.97 7.29 -25.34
C HIS C 245 -44.69 8.01 -26.65
N TRP C 246 -45.09 7.42 -27.77
CA TRP C 246 -44.82 7.99 -29.08
C TRP C 246 -46.03 8.77 -29.57
N GLY C 247 -47.24 8.19 -29.48
CA GLY C 247 -48.48 8.96 -29.64
C GLY C 247 -48.71 9.81 -28.38
N ILE C 248 -49.56 10.85 -28.47
CA ILE C 248 -49.80 11.71 -27.34
C ILE C 248 -50.36 10.91 -26.15
N ALA C 249 -49.93 11.27 -24.93
CA ALA C 249 -50.30 10.59 -23.71
C ALA C 249 -50.42 11.63 -22.60
N ALA C 250 -51.67 12.09 -22.38
CA ALA C 250 -51.93 13.28 -21.61
C ALA C 250 -51.43 13.16 -20.17
N ASN C 251 -51.52 11.98 -19.57
CA ASN C 251 -51.11 11.78 -18.19
C ASN C 251 -49.74 11.10 -18.10
N ASP C 252 -48.96 11.17 -19.18
CA ASP C 252 -47.55 10.79 -19.07
C ASP C 252 -46.77 12.06 -18.77
N LEU C 253 -46.36 12.21 -17.49
CA LEU C 253 -45.69 13.41 -17.01
C LEU C 253 -44.18 13.18 -17.02
N ASN C 254 -43.77 11.96 -17.42
CA ASN C 254 -42.38 11.57 -17.30
C ASN C 254 -41.59 12.05 -18.53
N TYR C 255 -41.55 13.37 -18.74
CA TYR C 255 -40.76 13.97 -19.81
C TYR C 255 -39.29 14.02 -19.45
N LYS C 256 -38.44 13.80 -20.47
CA LYS C 256 -37.00 13.95 -20.38
C LYS C 256 -36.65 15.43 -20.30
N SER C 257 -35.46 15.74 -19.79
CA SER C 257 -35.04 17.13 -19.80
C SER C 257 -34.70 17.56 -21.22
N PRO C 258 -34.95 18.84 -21.57
CA PRO C 258 -34.41 19.40 -22.80
C PRO C 258 -32.90 19.15 -22.94
N ALA C 259 -32.18 19.14 -21.81
CA ALA C 259 -30.74 18.93 -21.84
C ALA C 259 -30.45 17.52 -22.39
N GLU C 260 -31.20 16.52 -21.93
CA GLU C 260 -30.97 15.16 -22.39
C GLU C 260 -31.31 15.06 -23.89
N MET C 261 -32.33 15.81 -24.33
CA MET C 261 -32.66 15.83 -25.74
C MET C 261 -31.47 16.33 -26.56
N ILE C 262 -30.87 17.46 -26.12
CA ILE C 262 -29.74 18.04 -26.82
C ILE C 262 -28.56 17.05 -26.81
N GLU C 263 -28.31 16.40 -25.65
CA GLU C 263 -27.20 15.47 -25.58
C GLU C 263 -27.44 14.28 -26.51
N THR C 264 -28.67 13.87 -26.68
CA THR C 264 -29.00 12.77 -27.53
C THR C 264 -28.74 13.05 -28.98
N VAL C 265 -29.10 14.23 -29.43
CA VAL C 265 -28.86 14.67 -30.78
C VAL C 265 -27.37 14.75 -31.02
N ALA C 266 -26.63 15.28 -30.07
CA ALA C 266 -25.20 15.37 -30.19
C ALA C 266 -24.57 14.00 -30.28
N HIS C 267 -25.06 13.09 -29.47
CA HIS C 267 -24.66 11.72 -29.39
C HIS C 267 -24.89 10.94 -30.66
N ALA C 268 -26.01 11.19 -31.31
CA ALA C 268 -26.31 10.53 -32.55
C ALA C 268 -25.24 10.85 -33.56
N ARG C 269 -24.84 12.10 -33.68
CA ARG C 269 -23.79 12.49 -34.61
C ARG C 269 -22.45 11.86 -34.27
N HIS C 270 -22.16 11.77 -33.00
CA HIS C 270 -20.94 11.20 -32.52
C HIS C 270 -20.80 9.75 -32.92
N ILE C 271 -21.88 9.00 -32.93
CA ILE C 271 -21.75 7.60 -33.29
C ILE C 271 -22.05 7.40 -34.77
N GLY C 272 -22.32 8.48 -35.51
CA GLY C 272 -22.42 8.36 -36.95
C GLY C 272 -23.82 7.94 -37.38
N ALA C 273 -24.85 8.50 -36.73
CA ALA C 273 -26.24 8.16 -37.02
C ALA C 273 -27.01 9.46 -37.19
N ASN C 274 -28.15 9.36 -37.89
CA ASN C 274 -29.15 10.41 -37.84
C ASN C 274 -29.92 10.29 -36.54
N ILE C 275 -30.70 11.32 -36.20
CA ILE C 275 -31.57 11.23 -35.07
C ILE C 275 -32.94 11.76 -35.45
N LEU C 276 -33.97 11.02 -35.01
CA LEU C 276 -35.36 11.47 -35.10
C LEU C 276 -35.81 11.94 -33.72
N VAL C 277 -36.36 13.15 -33.64
CA VAL C 277 -37.05 13.57 -32.43
C VAL C 277 -38.56 13.46 -32.67
N ASN C 278 -39.24 12.70 -31.78
CA ASN C 278 -40.63 12.38 -32.00
C ASN C 278 -41.58 13.35 -31.29
N ILE C 279 -42.66 13.72 -31.97
CA ILE C 279 -43.77 14.39 -31.32
C ILE C 279 -45.07 13.66 -31.68
N GLY C 280 -46.00 13.59 -30.71
CA GLY C 280 -47.32 13.03 -30.94
C GLY C 280 -48.34 14.16 -31.09
N LEU C 281 -49.06 14.20 -32.23
CA LEU C 281 -50.07 15.24 -32.42
C LEU C 281 -51.28 14.93 -31.55
N THR C 282 -52.08 15.97 -31.29
CA THR C 282 -53.40 15.80 -30.69
C THR C 282 -54.32 15.04 -31.63
N GLY C 283 -55.48 14.63 -31.11
CA GLY C 283 -56.52 13.94 -31.85
C GLY C 283 -56.79 14.60 -33.19
N THR C 284 -56.92 15.94 -33.18
CA THR C 284 -57.30 16.71 -34.36
C THR C 284 -56.09 17.15 -35.17
N GLY C 285 -54.87 16.78 -34.76
CA GLY C 285 -53.73 17.00 -35.64
C GLY C 285 -52.84 18.21 -35.26
N ALA C 286 -53.01 18.79 -34.07
CA ALA C 286 -52.20 19.94 -33.65
C ALA C 286 -50.91 19.47 -32.99
N ILE C 287 -49.86 20.29 -33.11
CA ILE C 287 -48.67 20.11 -32.30
C ILE C 287 -49.01 20.53 -30.88
N PRO C 288 -48.87 19.66 -29.87
CA PRO C 288 -49.09 20.07 -28.49
C PRO C 288 -48.10 21.14 -28.01
N ALA C 289 -48.56 21.98 -27.07
CA ALA C 289 -47.76 23.06 -26.51
C ALA C 289 -46.46 22.52 -25.91
N ALA C 290 -46.51 21.35 -25.27
CA ALA C 290 -45.32 20.79 -24.64
C ALA C 290 -44.25 20.51 -25.69
N ALA C 291 -44.67 19.98 -26.85
CA ALA C 291 -43.73 19.64 -27.90
C ALA C 291 -43.11 20.92 -28.47
N GLN C 292 -43.91 21.99 -28.58
CA GLN C 292 -43.43 23.28 -29.02
C GLN C 292 -42.28 23.78 -28.13
N THR C 293 -42.42 23.66 -26.80
CA THR C 293 -41.36 24.10 -25.90
C THR C 293 -40.06 23.37 -26.22
N TYR C 294 -40.11 22.04 -26.38
CA TYR C 294 -38.91 21.26 -26.67
C TYR C 294 -38.32 21.65 -28.03
N MET C 295 -39.20 21.90 -29.01
CA MET C 295 -38.72 22.28 -30.33
C MET C 295 -38.05 23.65 -30.30
N HIS C 296 -38.60 24.60 -29.54
CA HIS C 296 -37.98 25.92 -29.42
C HIS C 296 -36.58 25.80 -28.82
N LEU C 297 -36.43 24.97 -27.79
CA LEU C 297 -35.12 24.84 -27.14
C LEU C 297 -34.15 24.14 -28.07
N LEU C 298 -34.60 23.04 -28.70
CA LEU C 298 -33.72 22.31 -29.61
C LEU C 298 -33.31 23.22 -30.77
N GLY C 299 -34.26 24.04 -31.26
CA GLY C 299 -34.00 24.92 -32.39
C GLY C 299 -32.89 25.93 -32.07
N ARG C 300 -32.81 26.40 -30.82
CA ARG C 300 -31.72 27.31 -30.49
C ARG C 300 -30.40 26.57 -30.57
N TRP C 301 -30.38 25.30 -30.11
CA TRP C 301 -29.13 24.57 -30.14
C TRP C 301 -28.73 24.27 -31.59
N THR C 302 -29.69 23.81 -32.41
CA THR C 302 -29.31 23.38 -33.75
C THR C 302 -28.89 24.57 -34.60
N ALA C 303 -29.48 25.76 -34.38
CA ALA C 303 -29.02 26.94 -35.10
C ALA C 303 -27.54 27.22 -34.74
N MET C 304 -27.17 27.08 -33.46
CA MET C 304 -25.78 27.32 -33.07
C MET C 304 -24.89 26.23 -33.66
N ALA C 305 -25.37 24.99 -33.75
CA ALA C 305 -24.56 23.87 -34.17
C ALA C 305 -24.55 23.64 -35.69
N ALA C 306 -25.26 24.49 -36.45
CA ALA C 306 -25.40 24.34 -37.90
C ALA C 306 -24.08 24.04 -38.63
N PRO C 307 -22.92 24.69 -38.29
CA PRO C 307 -21.68 24.40 -39.00
C PRO C 307 -21.26 22.93 -38.97
N VAL C 308 -21.77 22.14 -38.02
CA VAL C 308 -21.21 20.81 -37.87
C VAL C 308 -22.32 19.76 -37.86
N LEU C 309 -23.56 20.17 -37.53
CA LEU C 309 -24.62 19.20 -37.29
C LEU C 309 -24.85 18.32 -38.52
N TYR C 310 -24.80 18.90 -39.72
CA TYR C 310 -25.15 18.22 -40.97
C TYR C 310 -23.96 17.45 -41.54
N LYS C 311 -22.80 18.11 -41.65
CA LYS C 311 -21.66 17.52 -42.36
C LYS C 311 -20.70 16.83 -41.41
N GLY C 312 -20.79 17.08 -40.11
CA GLY C 312 -19.84 16.54 -39.16
C GLY C 312 -19.92 15.01 -39.10
N ARG C 313 -18.76 14.36 -39.07
CA ARG C 313 -18.70 12.90 -39.04
C ARG C 313 -17.76 12.48 -37.92
N PRO C 314 -17.94 11.26 -37.36
CA PRO C 314 -17.04 10.73 -36.35
C PRO C 314 -15.64 10.58 -36.93
N VAL C 315 -14.64 10.55 -36.06
CA VAL C 315 -13.25 10.54 -36.49
C VAL C 315 -12.46 9.91 -35.35
N PRO C 316 -11.33 9.20 -35.60
CA PRO C 316 -10.64 8.48 -34.53
C PRO C 316 -9.85 9.41 -33.58
N VAL C 317 -10.59 10.29 -32.91
CA VAL C 317 -10.01 11.23 -31.97
C VAL C 317 -10.78 11.02 -30.67
N THR C 318 -10.08 10.66 -29.60
CA THR C 318 -10.76 10.37 -28.36
C THR C 318 -10.52 11.50 -27.35
N SER C 319 -11.36 11.53 -26.31
CA SER C 319 -11.25 12.55 -25.30
C SER C 319 -10.53 11.96 -24.10
N ALA C 320 -10.00 12.83 -23.22
CA ALA C 320 -9.26 12.41 -22.04
C ALA C 320 -10.14 11.63 -21.06
N HIS C 321 -9.50 10.85 -20.19
CA HIS C 321 -10.14 10.13 -19.10
C HIS C 321 -11.11 11.05 -18.33
N GLY C 322 -12.34 10.53 -18.16
CA GLY C 322 -13.30 11.12 -17.25
C GLY C 322 -14.13 12.23 -17.90
N THR C 323 -14.07 12.39 -19.22
CA THR C 323 -14.89 13.39 -19.86
C THR C 323 -15.78 12.69 -20.89
N ARG C 324 -16.86 13.35 -21.29
CA ARG C 324 -17.75 12.79 -22.29
C ARG C 324 -17.56 13.55 -23.61
N ASP C 325 -16.47 14.31 -23.73
CA ASP C 325 -16.28 15.18 -24.89
C ASP C 325 -16.02 14.32 -26.14
N PHE C 326 -16.29 14.90 -27.32
CA PHE C 326 -15.98 14.17 -28.53
C PHE C 326 -15.70 15.14 -29.69
N VAL C 327 -15.28 14.59 -30.83
CA VAL C 327 -14.86 15.40 -31.97
C VAL C 327 -15.67 15.00 -33.20
N LEU C 328 -16.03 15.98 -34.02
CA LEU C 328 -16.66 15.74 -35.31
C LEU C 328 -15.81 16.43 -36.37
N HIS C 329 -15.70 15.80 -37.55
CA HIS C 329 -14.84 16.22 -38.64
C HIS C 329 -15.71 16.63 -39.83
N THR C 330 -15.47 17.81 -40.39
CA THR C 330 -15.91 18.13 -41.75
C THR C 330 -14.64 18.23 -42.62
N SER C 331 -14.83 18.51 -43.92
CA SER C 331 -13.68 18.56 -44.82
C SER C 331 -12.77 19.74 -44.48
N LYS C 332 -13.32 20.86 -43.96
CA LYS C 332 -12.50 22.03 -43.65
C LYS C 332 -12.11 22.13 -42.17
N HIS C 333 -12.88 21.53 -41.24
CA HIS C 333 -12.64 21.79 -39.82
C HIS C 333 -12.83 20.54 -38.96
N ASP C 334 -12.23 20.57 -37.76
CA ASP C 334 -12.66 19.71 -36.68
C ASP C 334 -13.45 20.55 -35.66
N PHE C 335 -14.33 19.87 -34.91
CA PHE C 335 -15.17 20.53 -33.91
C PHE C 335 -15.11 19.72 -32.64
N LEU C 336 -14.76 20.40 -31.53
CA LEU C 336 -14.82 19.80 -30.20
C LEU C 336 -16.23 20.03 -29.64
N CYS C 337 -16.88 18.92 -29.29
CA CYS C 337 -18.17 18.95 -28.63
C CYS C 337 -17.92 18.68 -27.16
N ILE C 338 -18.17 19.71 -26.33
CA ILE C 338 -17.75 19.67 -24.95
C ILE C 338 -18.97 19.68 -24.03
N LEU C 339 -19.03 18.69 -23.13
CA LEU C 339 -20.12 18.47 -22.21
C LEU C 339 -19.69 18.80 -20.77
N ASP C 340 -20.66 18.98 -19.89
CA ASP C 340 -20.44 19.13 -18.46
C ASP C 340 -19.70 20.43 -18.18
N LEU C 341 -20.02 21.49 -18.92
CA LEU C 341 -19.49 22.80 -18.59
C LEU C 341 -20.41 23.49 -17.59
N GLN C 342 -19.83 24.40 -16.80
CA GLN C 342 -20.64 25.22 -15.91
C GLN C 342 -20.66 26.68 -16.35
N VAL C 343 -21.60 27.43 -15.76
CA VAL C 343 -21.73 28.86 -15.97
C VAL C 343 -20.66 29.60 -15.17
N VAL C 344 -20.12 30.68 -15.75
CA VAL C 344 -19.10 31.50 -15.09
C VAL C 344 -19.76 32.64 -14.31
N GLY C 345 -19.46 32.75 -12.99
CA GLY C 345 -19.78 33.91 -12.16
C GLY C 345 -18.70 35.00 -12.23
N LYS C 346 -18.44 35.68 -11.10
CA LYS C 346 -17.52 36.81 -11.07
C LYS C 346 -17.19 37.15 -9.61
N ASP C 347 -15.88 37.21 -9.29
CA ASP C 347 -15.37 37.60 -7.97
C ASP C 347 -15.82 36.63 -6.88
N ASN C 348 -16.76 37.09 -6.04
CA ASN C 348 -17.30 36.37 -4.90
C ASN C 348 -18.32 35.31 -5.35
N VAL C 349 -19.00 35.59 -6.48
CA VAL C 349 -20.10 34.78 -6.97
C VAL C 349 -19.53 33.68 -7.87
N VAL C 350 -19.40 32.48 -7.28
CA VAL C 350 -18.83 31.28 -7.86
C VAL C 350 -19.97 30.38 -8.34
N LEU C 351 -20.08 30.22 -9.66
CA LEU C 351 -21.13 29.40 -10.27
C LEU C 351 -20.58 28.06 -10.79
N GLY C 352 -19.24 27.92 -10.85
CA GLY C 352 -18.61 26.62 -11.12
C GLY C 352 -17.61 26.63 -12.29
N GLY C 353 -17.74 27.58 -13.23
CA GLY C 353 -17.02 27.50 -14.50
C GLY C 353 -15.77 28.38 -14.60
N GLU C 354 -15.33 29.06 -13.51
CA GLU C 354 -14.43 30.20 -13.64
C GLU C 354 -12.94 29.82 -13.67
N GLY C 355 -12.56 28.65 -13.11
CA GLY C 355 -11.18 28.21 -13.18
C GLY C 355 -10.84 27.75 -14.61
N VAL C 356 -9.55 27.73 -14.93
CA VAL C 356 -9.11 27.12 -16.18
C VAL C 356 -9.57 25.66 -16.20
N ASN C 357 -10.03 25.21 -17.38
CA ASN C 357 -10.71 23.94 -17.50
C ASN C 357 -10.07 23.13 -18.63
N PRO C 358 -8.91 22.51 -18.40
CA PRO C 358 -8.23 21.79 -19.47
C PRO C 358 -8.98 20.54 -19.91
N ARG C 359 -9.36 20.48 -21.18
CA ARG C 359 -10.01 19.32 -21.76
C ARG C 359 -9.11 18.86 -22.89
N SER C 360 -8.75 17.59 -22.88
CA SER C 360 -7.80 17.01 -23.82
C SER C 360 -8.45 16.02 -24.78
N PHE C 361 -7.80 15.85 -25.93
CA PHE C 361 -8.18 14.94 -27.01
C PHE C 361 -6.90 14.32 -27.56
N VAL C 362 -7.01 13.07 -28.00
CA VAL C 362 -5.88 12.35 -28.57
C VAL C 362 -6.26 11.94 -29.98
N GLY C 363 -5.44 12.33 -30.96
CA GLY C 363 -5.64 11.90 -32.35
C GLY C 363 -5.56 13.11 -33.30
N ILE C 364 -5.29 14.31 -32.78
CA ILE C 364 -5.07 15.45 -33.66
C ILE C 364 -3.57 15.68 -33.86
N GLY C 365 -3.10 15.46 -35.11
CA GLY C 365 -1.68 15.48 -35.43
C GLY C 365 -1.22 16.74 -36.17
N GLN C 366 -2.15 17.62 -36.56
CA GLN C 366 -1.85 18.75 -37.41
C GLN C 366 -1.78 20.02 -36.56
N PRO C 367 -0.85 20.97 -36.85
CA PRO C 367 -0.79 22.22 -36.10
C PRO C 367 -2.06 23.07 -36.24
N ILE C 368 -2.49 23.66 -35.13
CA ILE C 368 -3.75 24.40 -35.13
C ILE C 368 -3.42 25.90 -35.12
N GLN C 369 -4.21 26.67 -35.86
CA GLN C 369 -4.05 28.11 -35.84
C GLN C 369 -4.95 28.76 -34.79
N ARG C 370 -6.23 28.39 -34.75
CA ARG C 370 -7.18 29.02 -33.84
C ARG C 370 -8.31 28.05 -33.46
N ILE C 371 -8.86 28.21 -32.26
CA ILE C 371 -10.04 27.47 -31.83
C ILE C 371 -11.00 28.48 -31.22
N HIS C 372 -12.30 28.38 -31.56
CA HIS C 372 -13.25 29.32 -30.99
C HIS C 372 -14.62 28.68 -30.79
N TRP C 373 -15.33 29.13 -29.76
CA TRP C 373 -16.67 28.65 -29.47
C TRP C 373 -17.62 29.15 -30.54
N LEU C 374 -18.50 28.27 -31.06
CA LEU C 374 -19.52 28.66 -32.04
C LEU C 374 -20.52 29.64 -31.46
N ASP C 375 -20.81 29.57 -30.15
CA ASP C 375 -21.91 30.36 -29.64
C ASP C 375 -21.53 31.84 -29.52
N ASN C 376 -20.26 32.17 -29.26
CA ASN C 376 -19.96 33.58 -29.02
C ASN C 376 -18.64 34.01 -29.68
N ASP C 377 -17.97 33.09 -30.41
CA ASP C 377 -16.72 33.37 -31.12
C ASP C 377 -15.53 33.63 -30.20
N GLU C 378 -15.63 33.31 -28.90
CA GLU C 378 -14.46 33.49 -28.04
C GLU C 378 -13.33 32.54 -28.48
N VAL C 379 -12.11 33.08 -28.58
CA VAL C 379 -10.93 32.31 -28.94
C VAL C 379 -10.44 31.57 -27.69
N LEU C 380 -10.10 30.29 -27.83
CA LEU C 380 -9.70 29.46 -26.70
C LEU C 380 -8.18 29.31 -26.71
N SER C 381 -7.56 29.28 -25.54
CA SER C 381 -6.15 28.94 -25.55
C SER C 381 -5.99 27.42 -25.56
N PHE C 382 -4.86 26.94 -26.08
CA PHE C 382 -4.66 25.50 -26.28
C PHE C 382 -3.17 25.25 -26.36
N THR C 383 -2.77 23.98 -26.17
CA THR C 383 -1.41 23.53 -26.41
C THR C 383 -1.54 22.23 -27.18
N GLN C 384 -0.50 21.89 -27.96
CA GLN C 384 -0.51 20.61 -28.64
C GLN C 384 0.80 19.90 -28.35
N ASP C 385 0.76 18.57 -28.32
CA ASP C 385 1.94 17.74 -28.53
C ASP C 385 1.68 16.95 -29.82
N LEU C 386 2.32 17.38 -30.91
CA LEU C 386 2.07 16.82 -32.23
C LEU C 386 2.59 15.38 -32.32
N ASP C 387 3.65 15.03 -31.60
CA ASP C 387 4.16 13.67 -31.70
C ASP C 387 3.17 12.66 -31.12
N LYS C 388 2.53 13.01 -29.99
CA LYS C 388 1.57 12.11 -29.36
C LYS C 388 0.15 12.42 -29.80
N LYS C 389 -0.02 13.50 -30.56
CA LYS C 389 -1.31 13.88 -31.11
C LYS C 389 -2.27 14.31 -29.99
N VAL C 390 -1.73 15.04 -29.01
CA VAL C 390 -2.55 15.52 -27.91
C VAL C 390 -2.90 16.98 -28.17
N LEU C 391 -4.17 17.31 -27.96
CA LEU C 391 -4.63 18.71 -27.94
C LEU C 391 -5.29 18.95 -26.58
N THR C 392 -4.90 20.03 -25.92
CA THR C 392 -5.54 20.41 -24.67
C THR C 392 -6.05 21.84 -24.84
N VAL C 393 -7.35 22.04 -24.59
CA VAL C 393 -7.88 23.39 -24.66
C VAL C 393 -8.31 23.82 -23.27
N ASP C 394 -8.27 25.14 -23.00
CA ASP C 394 -8.99 25.64 -21.85
C ASP C 394 -10.43 25.92 -22.27
N ALA C 395 -11.34 25.00 -21.90
CA ALA C 395 -12.75 25.12 -22.23
C ALA C 395 -13.44 26.05 -21.22
N THR C 396 -13.50 27.34 -21.53
CA THR C 396 -14.09 28.31 -20.62
C THR C 396 -15.56 27.97 -20.44
N GLY C 397 -16.11 28.35 -19.27
CA GLY C 397 -17.48 28.03 -18.94
C GLY C 397 -18.40 29.01 -19.65
N TYR C 398 -19.71 28.78 -19.53
CA TYR C 398 -20.68 29.62 -20.24
C TYR C 398 -20.67 31.03 -19.67
N PRO C 399 -20.83 32.06 -20.52
CA PRO C 399 -21.16 33.38 -20.01
C PRO C 399 -22.45 33.29 -19.18
N TYR C 400 -22.43 33.96 -18.01
CA TYR C 400 -23.63 34.07 -17.21
C TYR C 400 -24.83 34.35 -18.13
N GLY C 401 -25.95 33.67 -17.86
CA GLY C 401 -27.16 33.93 -18.65
C GLY C 401 -27.30 32.96 -19.83
N SER C 402 -26.31 32.07 -20.03
CA SER C 402 -26.49 31.09 -21.08
C SER C 402 -25.98 29.71 -20.63
N ASP C 403 -26.38 28.66 -21.36
CA ASP C 403 -25.98 27.29 -21.07
C ASP C 403 -26.43 26.42 -22.24
N TRP C 404 -25.48 25.98 -23.06
CA TRP C 404 -25.79 25.36 -24.35
C TRP C 404 -25.85 23.85 -24.19
N VAL C 405 -25.49 23.33 -23.00
CA VAL C 405 -25.55 21.90 -22.69
C VAL C 405 -24.42 21.16 -23.42
N VAL C 406 -24.41 21.22 -24.76
CA VAL C 406 -23.29 20.74 -25.53
C VAL C 406 -22.69 21.94 -26.26
N ARG C 407 -21.49 22.36 -25.83
CA ARG C 407 -20.82 23.51 -26.40
C ARG C 407 -19.86 23.04 -27.49
N ILE C 408 -19.74 23.82 -28.56
CA ILE C 408 -18.99 23.37 -29.72
C ILE C 408 -17.90 24.39 -30.06
N ALA C 409 -16.66 23.90 -30.13
CA ALA C 409 -15.52 24.72 -30.52
C ALA C 409 -15.07 24.31 -31.92
N GLN C 410 -14.93 25.31 -32.81
CA GLN C 410 -14.42 25.06 -34.14
C GLN C 410 -12.89 25.19 -34.17
N ILE C 411 -12.22 24.17 -34.74
CA ILE C 411 -10.78 24.21 -34.94
C ILE C 411 -10.46 24.68 -36.36
N ASP C 412 -9.63 25.73 -36.49
CA ASP C 412 -9.08 26.18 -37.76
C ASP C 412 -7.60 25.78 -37.86
N TYR C 413 -7.27 24.97 -38.88
CA TYR C 413 -5.92 24.48 -39.07
C TYR C 413 -5.03 25.51 -39.77
N GLU C 414 -3.73 25.44 -39.46
CA GLU C 414 -2.69 26.17 -40.17
C GLU C 414 -2.65 25.70 -41.64
N THR D 2 -42.03 22.35 20.14
CA THR D 2 -43.14 23.31 20.35
C THR D 2 -44.16 23.10 19.24
N GLU D 3 -45.34 23.72 19.42
CA GLU D 3 -46.35 23.74 18.37
C GLU D 3 -46.15 24.98 17.51
N PRO D 4 -46.24 24.87 16.16
CA PRO D 4 -46.20 26.05 15.31
C PRO D 4 -47.27 27.08 15.67
N LEU D 5 -46.90 28.37 15.61
CA LEU D 5 -47.88 29.44 15.67
C LEU D 5 -48.92 29.23 14.57
N PRO D 6 -50.13 29.71 14.75
CA PRO D 6 -51.13 29.45 13.72
C PRO D 6 -50.77 29.94 12.33
N ARG D 7 -50.15 31.10 12.20
CA ARG D 7 -49.76 31.56 10.89
C ARG D 7 -48.74 30.62 10.24
N ILE D 8 -47.82 30.04 11.01
CA ILE D 8 -46.88 29.06 10.53
C ILE D 8 -47.51 27.72 10.09
N GLN D 9 -48.51 27.26 10.84
CA GLN D 9 -49.27 26.04 10.52
C GLN D 9 -49.97 26.24 9.18
N HIS D 10 -50.52 27.42 8.97
CA HIS D 10 -51.15 27.80 7.75
C HIS D 10 -50.15 27.81 6.58
N TYR D 11 -48.95 28.27 6.85
CA TYR D 11 -47.92 28.33 5.86
C TYR D 11 -47.52 26.95 5.38
N GLU D 12 -47.41 26.03 6.31
CA GLU D 12 -47.06 24.68 6.02
C GLU D 12 -48.12 24.01 5.19
N ASP D 13 -49.36 24.43 5.36
CA ASP D 13 -50.46 23.88 4.59
C ASP D 13 -50.46 24.42 3.15
N LEU D 14 -49.70 25.49 2.89
CA LEU D 14 -49.67 26.06 1.56
C LEU D 14 -49.01 25.06 0.61
N GLY D 15 -47.92 24.42 1.07
CA GLY D 15 -47.26 23.36 0.34
C GLY D 15 -46.36 23.88 -0.78
N LEU D 16 -47.01 24.46 -1.80
CA LEU D 16 -46.36 24.84 -3.04
C LEU D 16 -46.63 26.32 -3.29
N GLY D 17 -45.58 27.05 -3.66
CA GLY D 17 -45.76 28.41 -4.14
C GLY D 17 -45.07 28.62 -5.48
N LEU D 18 -45.47 29.69 -6.15
CA LEU D 18 -44.85 30.12 -7.39
C LEU D 18 -43.95 31.31 -7.07
N PHE D 19 -42.69 31.23 -7.50
CA PHE D 19 -41.75 32.33 -7.37
C PHE D 19 -41.67 33.04 -8.71
N ILE D 20 -41.79 34.37 -8.70
CA ILE D 20 -41.75 35.11 -9.96
C ILE D 20 -40.61 36.11 -9.95
N HIS D 21 -39.65 35.94 -10.86
CA HIS D 21 -38.57 36.87 -11.08
C HIS D 21 -38.89 37.77 -12.26
N TRP D 22 -38.95 39.07 -11.95
CA TRP D 22 -39.16 40.05 -12.99
C TRP D 22 -38.57 41.39 -12.53
N GLY D 23 -37.72 41.96 -13.37
CA GLY D 23 -37.06 43.24 -13.07
C GLY D 23 -36.53 43.84 -14.34
N LEU D 24 -35.66 44.85 -14.23
CA LEU D 24 -35.09 45.45 -15.44
C LEU D 24 -34.25 44.41 -16.17
N TYR D 25 -33.58 43.52 -15.41
CA TYR D 25 -32.74 42.49 -16.01
C TYR D 25 -33.52 41.66 -17.03
N SER D 26 -34.83 41.52 -16.84
CA SER D 26 -35.65 40.68 -17.71
C SER D 26 -35.53 41.11 -19.18
N GLN D 27 -35.34 42.39 -19.41
CA GLN D 27 -35.19 42.92 -20.75
C GLN D 27 -33.98 42.35 -21.48
N MET D 28 -32.89 42.17 -20.79
CA MET D 28 -31.68 41.58 -21.31
C MET D 28 -31.73 40.07 -21.60
N ALA D 29 -32.50 39.36 -20.80
CA ALA D 29 -32.67 37.94 -20.89
C ALA D 29 -31.38 37.19 -20.81
N VAL D 30 -30.49 37.64 -19.95
CA VAL D 30 -29.23 36.95 -19.69
C VAL D 30 -29.06 36.81 -18.18
N GLY D 31 -30.15 36.55 -17.44
CA GLY D 31 -30.04 36.26 -16.00
C GLY D 31 -30.23 37.52 -15.14
N GLU D 32 -30.71 37.31 -13.90
CA GLU D 32 -31.02 38.42 -13.00
C GLU D 32 -29.76 39.06 -12.42
N TRP D 33 -28.62 38.41 -12.42
CA TRP D 33 -27.44 39.03 -11.88
C TRP D 33 -26.59 39.68 -12.93
N THR D 34 -27.13 39.96 -14.10
CA THR D 34 -26.35 40.49 -15.20
C THR D 34 -25.57 41.78 -14.94
N GLU D 35 -26.13 42.71 -14.19
CA GLU D 35 -25.45 43.95 -13.94
C GLU D 35 -24.12 43.75 -13.24
N LEU D 36 -24.10 42.94 -12.23
CA LEU D 36 -22.83 42.68 -11.55
C LEU D 36 -21.98 41.69 -12.36
N ILE D 37 -22.54 40.56 -12.81
CA ILE D 37 -21.67 39.49 -13.31
C ILE D 37 -21.09 39.84 -14.68
N HIS D 38 -21.83 40.60 -15.46
CA HIS D 38 -21.40 41.04 -16.76
C HIS D 38 -20.65 42.36 -16.71
N HIS D 39 -20.43 42.88 -15.52
CA HIS D 39 -19.67 44.09 -15.30
C HIS D 39 -20.16 45.27 -16.09
N ARG D 40 -21.45 45.46 -16.08
CA ARG D 40 -22.09 46.54 -16.81
C ARG D 40 -21.88 47.91 -16.19
N ASN D 41 -21.89 48.91 -17.02
CA ASN D 41 -21.78 50.27 -16.55
C ASN D 41 -23.11 50.52 -15.88
N GLN D 42 -23.08 51.01 -14.66
CA GLN D 42 -24.31 51.21 -13.93
C GLN D 42 -25.27 52.19 -14.54
N HIS D 43 -24.76 53.28 -15.07
CA HIS D 43 -25.59 54.27 -15.65
C HIS D 43 -26.33 53.76 -16.88
N ASP D 44 -25.63 53.06 -17.73
CA ASP D 44 -26.21 52.50 -18.93
C ASP D 44 -27.25 51.46 -18.63
N TYR D 45 -26.99 50.60 -17.67
CA TYR D 45 -27.91 49.55 -17.26
C TYR D 45 -29.21 50.08 -16.71
N GLU D 46 -29.12 51.14 -15.93
CA GLU D 46 -30.25 51.78 -15.31
C GLU D 46 -31.21 52.48 -16.26
N GLN D 47 -30.75 52.81 -17.44
CA GLN D 47 -31.53 53.37 -18.48
C GLN D 47 -32.62 52.39 -18.86
N LEU D 48 -32.46 51.10 -18.56
CA LEU D 48 -33.49 50.11 -18.84
C LEU D 48 -34.83 50.54 -18.23
N ILE D 49 -34.81 51.37 -17.19
CA ILE D 49 -36.04 51.92 -16.64
C ILE D 49 -36.90 52.59 -17.73
N LYS D 50 -36.25 53.16 -18.76
CA LYS D 50 -36.98 53.96 -19.74
C LYS D 50 -37.81 53.09 -20.68
N THR D 51 -37.51 51.78 -20.74
CA THR D 51 -38.22 50.89 -21.63
C THR D 51 -38.98 49.84 -20.82
N PHE D 52 -39.08 50.02 -19.50
CA PHE D 52 -39.90 49.17 -18.65
C PHE D 52 -41.39 49.55 -18.75
N THR D 53 -42.10 48.99 -19.74
CA THR D 53 -43.48 49.37 -20.03
C THR D 53 -44.47 48.51 -19.25
N ALA D 54 -44.02 47.31 -18.84
CA ALA D 54 -44.90 46.27 -18.32
C ALA D 54 -46.07 46.00 -19.25
N ALA D 55 -45.88 46.14 -20.57
CA ALA D 55 -46.99 46.10 -21.52
C ALA D 55 -47.70 44.73 -21.51
N GLN D 56 -47.03 43.66 -21.07
CA GLN D 56 -47.69 42.36 -21.12
C GLN D 56 -47.88 41.78 -19.73
N PHE D 57 -47.67 42.60 -18.70
CA PHE D 57 -47.88 42.08 -17.37
C PHE D 57 -49.37 42.10 -17.05
N ASP D 58 -49.89 40.91 -16.76
CA ASP D 58 -51.25 40.75 -16.30
C ASP D 58 -51.24 39.94 -15.01
N ALA D 59 -51.49 40.62 -13.88
CA ALA D 59 -51.37 39.94 -12.60
C ALA D 59 -52.42 38.83 -12.46
N LYS D 60 -53.56 39.01 -13.13
CA LYS D 60 -54.60 38.00 -13.18
C LYS D 60 -54.09 36.73 -13.88
N LYS D 61 -53.35 36.85 -14.97
CA LYS D 61 -52.78 35.66 -15.62
C LYS D 61 -51.74 34.98 -14.71
N ILE D 62 -50.96 35.78 -13.99
CA ILE D 62 -50.00 35.19 -13.06
C ILE D 62 -50.73 34.41 -11.97
N ALA D 63 -51.77 35.02 -11.39
CA ALA D 63 -52.53 34.40 -10.32
C ALA D 63 -53.21 33.12 -10.83
N HIS D 64 -53.71 33.18 -12.08
CA HIS D 64 -54.37 32.05 -12.71
C HIS D 64 -53.38 30.91 -12.89
N ALA D 65 -52.19 31.20 -13.41
CA ALA D 65 -51.18 30.17 -13.61
C ALA D 65 -50.84 29.51 -12.26
N ALA D 66 -50.73 30.34 -11.19
CA ALA D 66 -50.44 29.75 -9.88
C ALA D 66 -51.57 28.83 -9.41
N LYS D 67 -52.79 29.28 -9.64
CA LYS D 67 -53.94 28.50 -9.21
C LYS D 67 -53.94 27.16 -9.91
N ALA D 68 -53.72 27.21 -11.23
CA ALA D 68 -53.78 26.02 -12.07
C ALA D 68 -52.65 25.05 -11.70
N VAL D 69 -51.49 25.55 -11.26
CA VAL D 69 -50.41 24.63 -10.96
C VAL D 69 -50.65 24.01 -9.57
N GLY D 70 -51.64 24.51 -8.81
CA GLY D 70 -51.85 24.04 -7.44
C GLY D 70 -51.03 24.79 -6.38
N ALA D 71 -50.45 25.93 -6.74
CA ALA D 71 -49.76 26.79 -5.77
C ALA D 71 -50.77 27.53 -4.90
N LYS D 72 -50.38 27.83 -3.67
CA LYS D 72 -51.27 28.49 -2.72
C LYS D 72 -50.76 29.87 -2.34
N TYR D 73 -49.54 30.20 -2.82
CA TYR D 73 -48.99 31.55 -2.65
C TYR D 73 -48.05 31.85 -3.80
N ILE D 74 -47.73 33.15 -3.94
CA ILE D 74 -46.83 33.64 -4.97
C ILE D 74 -45.86 34.59 -4.31
N VAL D 75 -44.56 34.38 -4.57
CA VAL D 75 -43.51 35.28 -4.14
C VAL D 75 -43.09 36.08 -5.38
N LEU D 76 -43.35 37.39 -5.38
CA LEU D 76 -42.94 38.27 -6.47
C LEU D 76 -41.73 39.12 -6.05
N THR D 77 -40.76 39.25 -6.96
CA THR D 77 -39.58 40.07 -6.72
C THR D 77 -40.01 41.55 -6.74
N THR D 78 -40.06 42.22 -5.57
CA THR D 78 -40.50 43.61 -5.52
C THR D 78 -39.31 44.54 -5.75
N LYS D 79 -38.12 44.06 -5.37
CA LYS D 79 -36.87 44.74 -5.64
C LYS D 79 -35.76 43.71 -5.57
N HIS D 80 -35.03 43.55 -6.69
CA HIS D 80 -33.93 42.60 -6.74
C HIS D 80 -32.62 43.34 -6.45
N HIS D 81 -31.48 42.66 -6.57
CA HIS D 81 -30.18 43.28 -6.32
C HIS D 81 -29.98 44.54 -7.17
N GLU D 82 -30.47 44.52 -8.42
CA GLU D 82 -30.35 45.69 -9.29
C GLU D 82 -30.96 46.93 -8.59
N GLY D 83 -31.88 46.73 -7.65
CA GLY D 83 -32.32 47.80 -6.77
C GLY D 83 -33.51 48.59 -7.31
N PHE D 84 -34.10 48.15 -8.42
CA PHE D 84 -35.27 48.80 -9.00
C PHE D 84 -36.54 48.27 -8.35
N PHE D 85 -37.44 49.18 -7.92
CA PHE D 85 -38.64 48.81 -7.20
C PHE D 85 -39.84 48.69 -8.14
N LEU D 86 -40.59 47.59 -8.02
CA LEU D 86 -41.75 47.36 -8.87
C LEU D 86 -43.02 47.99 -8.27
N TYR D 87 -42.85 48.80 -7.23
CA TYR D 87 -43.99 49.48 -6.61
C TYR D 87 -43.66 50.97 -6.38
N ASP D 88 -44.69 51.73 -5.98
CA ASP D 88 -44.52 53.16 -5.72
C ASP D 88 -43.81 53.36 -4.36
N THR D 89 -42.57 53.84 -4.37
CA THR D 89 -41.86 53.98 -3.10
C THR D 89 -42.22 55.31 -2.41
N LYS D 90 -43.15 56.10 -2.99
CA LYS D 90 -43.70 57.28 -2.33
C LYS D 90 -42.58 58.23 -1.87
N GLY D 91 -41.61 58.51 -2.75
CA GLY D 91 -40.56 59.47 -2.46
C GLY D 91 -39.27 58.83 -1.98
N LEU D 92 -39.25 57.53 -1.61
CA LEU D 92 -37.98 56.96 -1.16
C LEU D 92 -36.94 56.97 -2.29
N SER D 93 -37.38 56.69 -3.52
CA SER D 93 -36.44 56.52 -4.61
C SER D 93 -37.10 56.94 -5.92
N ASP D 94 -36.29 57.41 -6.87
CA ASP D 94 -36.78 57.67 -8.23
C ASP D 94 -36.61 56.44 -9.12
N PHE D 95 -35.95 55.40 -8.60
CA PHE D 95 -35.68 54.22 -9.40
C PHE D 95 -36.79 53.20 -9.14
N ASP D 96 -38.02 53.55 -9.54
CA ASP D 96 -39.19 52.75 -9.25
C ASP D 96 -40.14 52.80 -10.43
N VAL D 97 -41.18 51.96 -10.38
CA VAL D 97 -42.03 51.79 -11.53
C VAL D 97 -42.83 53.07 -11.80
N MET D 98 -42.98 53.95 -10.80
CA MET D 98 -43.74 55.17 -11.05
C MET D 98 -42.97 56.14 -11.95
N HIS D 99 -41.66 55.91 -12.11
CA HIS D 99 -40.81 56.74 -12.95
C HIS D 99 -40.47 56.00 -14.24
N ALA D 100 -41.14 54.88 -14.50
CA ALA D 100 -40.96 54.13 -15.73
C ALA D 100 -42.20 54.38 -16.58
N PRO D 101 -42.16 54.15 -17.90
CA PRO D 101 -43.38 54.27 -18.71
C PRO D 101 -44.58 53.46 -18.20
N ALA D 102 -44.37 52.40 -17.47
CA ALA D 102 -45.50 51.63 -16.99
C ALA D 102 -46.45 52.44 -16.11
N ARG D 103 -45.90 53.21 -15.19
CA ARG D 103 -46.66 54.08 -14.30
C ARG D 103 -47.78 53.44 -13.53
N ARG D 104 -47.59 52.23 -13.08
CA ARG D 104 -48.59 51.60 -12.30
C ARG D 104 -47.92 50.85 -11.20
N ASP D 105 -48.56 50.77 -10.06
CA ASP D 105 -47.98 50.06 -8.97
C ASP D 105 -48.32 48.61 -9.19
N LEU D 106 -47.33 47.87 -9.63
CA LEU D 106 -47.44 46.48 -9.94
C LEU D 106 -47.76 45.59 -8.75
N ILE D 107 -47.23 45.94 -7.61
CA ILE D 107 -47.49 45.24 -6.37
C ILE D 107 -48.96 45.32 -6.01
N ALA D 108 -49.58 46.46 -6.22
CA ALA D 108 -50.99 46.61 -5.95
C ALA D 108 -51.81 45.70 -6.85
N GLU D 109 -51.46 45.62 -8.12
CA GLU D 109 -52.12 44.72 -9.05
C GLU D 109 -51.93 43.29 -8.63
N PHE D 110 -50.73 42.96 -8.21
CA PHE D 110 -50.39 41.65 -7.76
C PHE D 110 -51.15 41.22 -6.51
N VAL D 111 -51.30 42.12 -5.56
CA VAL D 111 -51.96 41.76 -4.32
C VAL D 111 -53.46 41.54 -4.62
N ALA D 112 -54.04 42.40 -5.46
CA ALA D 112 -55.46 42.26 -5.77
C ALA D 112 -55.70 40.94 -6.50
N ALA D 113 -54.82 40.58 -7.45
CA ALA D 113 -54.98 39.36 -8.23
C ALA D 113 -54.84 38.13 -7.34
N CYS D 114 -53.93 38.18 -6.35
CA CYS D 114 -53.78 37.05 -5.45
C CYS D 114 -55.03 36.87 -4.60
N ARG D 115 -55.58 37.98 -4.08
CA ARG D 115 -56.73 37.90 -3.18
C ARG D 115 -57.92 37.31 -3.93
N GLU D 116 -58.11 37.66 -5.20
CA GLU D 116 -59.24 37.18 -5.97
C GLU D 116 -59.13 35.69 -6.27
N GLU D 117 -57.93 35.09 -6.20
CA GLU D 117 -57.78 33.67 -6.44
C GLU D 117 -57.56 32.94 -5.12
N ASP D 118 -57.70 33.66 -4.00
CA ASP D 118 -57.48 33.06 -2.68
C ASP D 118 -56.03 32.56 -2.51
N LEU D 119 -55.06 33.30 -3.08
CA LEU D 119 -53.64 33.00 -2.91
C LEU D 119 -53.06 34.03 -1.96
N LEU D 120 -52.05 33.65 -1.17
CA LEU D 120 -51.33 34.60 -0.36
C LEU D 120 -50.27 35.34 -1.17
N PRO D 121 -50.27 36.69 -1.19
CA PRO D 121 -49.20 37.43 -1.86
C PRO D 121 -47.98 37.60 -0.95
N PHE D 122 -46.79 37.21 -1.46
CA PHE D 122 -45.57 37.39 -0.67
C PHE D 122 -44.65 38.31 -1.45
N PHE D 123 -43.89 39.09 -0.71
CA PHE D 123 -42.97 40.00 -1.30
C PHE D 123 -41.52 39.63 -1.13
N TYR D 124 -40.83 39.47 -2.23
CA TYR D 124 -39.42 39.22 -2.22
C TYR D 124 -38.71 40.55 -2.22
N MET D 125 -37.77 40.70 -1.32
CA MET D 125 -36.93 41.87 -1.18
C MET D 125 -35.43 41.52 -1.07
N ALA D 126 -34.60 42.03 -1.98
CA ALA D 126 -33.16 41.76 -1.91
C ALA D 126 -32.52 42.72 -0.92
N THR D 127 -31.70 42.21 -0.01
CA THR D 127 -31.11 43.08 0.98
C THR D 127 -29.73 43.53 0.49
N TYR D 128 -29.10 42.77 -0.40
CA TYR D 128 -27.91 43.20 -1.08
C TYR D 128 -28.29 44.03 -2.29
N ASP D 129 -27.98 45.31 -2.30
CA ASP D 129 -28.52 46.27 -3.26
C ASP D 129 -27.38 46.90 -4.04
N TRP D 130 -27.44 46.91 -5.38
CA TRP D 130 -26.37 47.45 -6.23
C TRP D 130 -26.68 48.88 -6.65
N HIS D 131 -27.89 49.37 -6.35
CA HIS D 131 -28.29 50.66 -6.90
C HIS D 131 -27.83 51.81 -6.00
N THR D 132 -28.21 51.76 -4.73
CA THR D 132 -28.01 52.88 -3.84
C THR D 132 -26.55 52.88 -3.37
N PRO D 133 -25.83 54.02 -3.47
CA PRO D 133 -24.48 54.13 -2.93
C PRO D 133 -24.41 53.93 -1.42
N LEU D 134 -25.55 54.03 -0.73
CA LEU D 134 -25.59 53.84 0.70
C LEU D 134 -25.06 52.44 1.04
N TYR D 135 -25.28 51.46 0.15
CA TYR D 135 -24.99 50.07 0.52
C TYR D 135 -23.51 49.94 0.93
N ASP D 136 -22.60 50.44 0.07
CA ASP D 136 -21.17 50.35 0.39
C ASP D 136 -20.69 51.53 1.22
N ASP D 137 -21.26 52.71 0.97
CA ASP D 137 -20.71 53.97 1.45
C ASP D 137 -21.26 54.39 2.80
N ASP D 138 -22.39 53.83 3.27
CA ASP D 138 -23.01 54.25 4.52
C ASP D 138 -24.01 53.20 4.98
N PHE D 139 -23.48 52.07 5.45
CA PHE D 139 -24.29 50.88 5.70
C PHE D 139 -25.43 51.17 6.69
N PRO D 140 -25.18 51.85 7.84
CA PRO D 140 -26.27 52.22 8.73
C PRO D 140 -27.42 52.97 8.05
N ALA D 141 -27.07 53.89 7.15
CA ALA D 141 -28.12 54.59 6.42
C ALA D 141 -28.81 53.66 5.41
N TYR D 142 -28.05 52.71 4.84
CA TYR D 142 -28.61 51.69 3.96
C TYR D 142 -29.69 50.92 4.72
N LEU D 143 -29.39 50.53 5.96
CA LEU D 143 -30.35 49.81 6.78
C LEU D 143 -31.66 50.59 6.89
N THR D 144 -31.55 51.91 7.07
CA THR D 144 -32.73 52.76 7.20
C THR D 144 -33.49 52.75 5.86
N TYR D 145 -32.75 52.79 4.76
CA TYR D 145 -33.37 52.79 3.42
C TYR D 145 -34.07 51.45 3.17
N LEU D 146 -33.40 50.35 3.50
CA LEU D 146 -33.99 49.04 3.35
C LEU D 146 -35.28 48.99 4.16
N GLN D 147 -35.18 49.39 5.43
CA GLN D 147 -36.32 49.33 6.34
C GLN D 147 -37.48 50.18 5.84
N LYS D 148 -37.19 51.36 5.28
CA LYS D 148 -38.26 52.21 4.78
C LYS D 148 -38.91 51.57 3.57
N SER D 149 -38.11 50.88 2.74
CA SER D 149 -38.66 50.27 1.54
C SER D 149 -39.62 49.15 1.93
N VAL D 150 -39.31 48.46 3.05
CA VAL D 150 -40.18 47.40 3.54
C VAL D 150 -41.42 48.00 4.19
N GLU D 151 -41.22 49.13 4.89
CA GLU D 151 -42.32 49.85 5.53
C GLU D 151 -43.37 50.24 4.49
N VAL D 152 -42.96 50.70 3.32
CA VAL D 152 -43.91 51.03 2.29
C VAL D 152 -44.76 49.80 1.94
N LEU D 153 -44.13 48.63 1.84
CA LEU D 153 -44.82 47.39 1.52
C LEU D 153 -45.75 46.98 2.65
N CYS D 154 -45.38 47.28 3.90
CA CYS D 154 -46.21 46.93 5.03
C CYS D 154 -47.40 47.89 5.23
N ARG D 155 -47.42 49.04 4.56
CA ARG D 155 -48.41 50.05 4.97
C ARG D 155 -49.35 50.47 3.85
N ASN D 156 -49.11 50.00 2.61
CA ASN D 156 -49.81 50.59 1.51
C ASN D 156 -50.69 49.60 0.77
N TYR D 157 -50.78 48.34 1.23
CA TYR D 157 -51.41 47.30 0.39
C TYR D 157 -52.41 46.45 1.20
N GLY D 158 -52.58 46.79 2.49
CA GLY D 158 -53.42 45.96 3.34
C GLY D 158 -52.65 44.73 3.82
N PRO D 159 -53.33 43.71 4.42
CA PRO D 159 -52.64 42.53 4.92
C PRO D 159 -51.95 41.70 3.84
N VAL D 160 -50.68 41.35 4.09
CA VAL D 160 -49.94 40.60 3.10
C VAL D 160 -49.56 39.22 3.64
N GLY D 161 -49.37 38.29 2.73
CA GLY D 161 -49.04 36.91 3.10
C GLY D 161 -47.68 36.86 3.79
N GLY D 162 -46.70 37.54 3.22
CA GLY D 162 -45.37 37.37 3.80
C GLY D 162 -44.30 38.15 3.05
N PHE D 163 -43.09 38.10 3.62
CA PHE D 163 -41.92 38.75 3.07
C PHE D 163 -40.87 37.68 2.91
N TRP D 164 -40.08 37.78 1.84
CA TRP D 164 -39.09 36.80 1.50
C TRP D 164 -37.76 37.54 1.34
N PHE D 165 -36.91 37.47 2.36
CA PHE D 165 -35.71 38.28 2.41
C PHE D 165 -34.52 37.50 1.86
N ASP D 166 -33.84 38.10 0.88
CA ASP D 166 -32.73 37.46 0.24
C ASP D 166 -31.45 38.25 0.51
N GLY D 167 -30.51 37.76 1.31
CA GLY D 167 -29.19 38.30 0.97
C GLY D 167 -28.38 39.03 2.05
N ASN D 168 -28.76 38.74 3.29
CA ASN D 168 -27.92 39.19 4.38
C ASN D 168 -26.59 38.46 4.32
N TRP D 169 -26.50 37.35 3.56
CA TRP D 169 -25.29 36.53 3.37
C TRP D 169 -24.14 37.30 2.72
N ASN D 170 -24.47 38.38 1.99
CA ASN D 170 -23.50 39.34 1.52
C ASN D 170 -22.58 39.87 2.62
N LYS D 171 -23.10 40.58 3.62
CA LYS D 171 -22.25 40.93 4.76
C LYS D 171 -22.58 40.05 5.97
N LYS D 172 -21.86 38.93 6.12
CA LYS D 172 -22.20 37.93 7.13
C LYS D 172 -21.82 38.41 8.53
N ASP D 173 -20.91 39.39 8.62
CA ASP D 173 -20.41 39.87 9.90
C ASP D 173 -21.23 41.05 10.44
N ALA D 174 -21.85 41.82 9.54
CA ALA D 174 -22.41 43.12 9.89
C ALA D 174 -23.66 42.95 10.76
N ASP D 175 -24.06 44.00 11.43
CA ASP D 175 -25.24 44.01 12.24
C ASP D 175 -26.32 44.56 11.35
N TRP D 176 -27.28 43.72 11.04
CA TRP D 176 -28.35 44.08 10.14
C TRP D 176 -29.57 44.67 10.80
N HIS D 177 -29.56 44.81 12.10
CA HIS D 177 -30.66 45.40 12.83
C HIS D 177 -31.99 44.75 12.52
N LEU D 178 -31.98 43.43 12.59
CA LEU D 178 -33.14 42.62 12.33
C LEU D 178 -34.26 42.84 13.33
N PRO D 179 -33.94 43.07 14.60
CA PRO D 179 -35.02 43.32 15.54
C PRO D 179 -35.85 44.53 15.16
N GLU D 180 -35.23 45.56 14.64
CA GLU D 180 -35.98 46.74 14.27
C GLU D 180 -36.73 46.50 12.95
N LEU D 181 -36.11 45.77 12.01
CA LEU D 181 -36.74 45.58 10.71
C LEU D 181 -37.97 44.67 10.91
N TYR D 182 -37.75 43.52 11.51
CA TYR D 182 -38.79 42.56 11.76
C TYR D 182 -39.85 43.06 12.73
N GLY D 183 -39.43 43.83 13.72
CA GLY D 183 -40.34 44.43 14.67
C GLY D 183 -41.29 45.37 13.99
N MET D 184 -40.80 46.13 13.03
CA MET D 184 -41.61 47.03 12.28
C MET D 184 -42.67 46.25 11.50
N ILE D 185 -42.28 45.14 10.91
CA ILE D 185 -43.16 44.29 10.13
C ILE D 185 -44.26 43.71 10.98
N ARG D 186 -43.91 43.27 12.16
CA ARG D 186 -44.85 42.73 13.10
C ARG D 186 -45.85 43.78 13.51
N HIS D 187 -45.40 45.01 13.68
CA HIS D 187 -46.26 46.07 14.02
C HIS D 187 -47.33 46.36 12.98
N TYR D 188 -46.98 46.42 11.72
CA TYR D 188 -47.98 46.65 10.70
C TYR D 188 -48.64 45.39 10.13
N GLN D 189 -47.92 44.30 10.14
CA GLN D 189 -48.37 43.08 9.58
C GLN D 189 -48.15 41.95 10.54
N PRO D 190 -48.91 41.89 11.60
CA PRO D 190 -48.64 40.86 12.60
C PRO D 190 -48.78 39.45 12.11
N ASN D 191 -49.56 39.26 11.08
CA ASN D 191 -49.85 37.92 10.61
C ASN D 191 -48.97 37.50 9.41
N ALA D 192 -48.03 38.36 8.98
CA ALA D 192 -47.25 38.11 7.79
C ALA D 192 -46.21 37.01 8.10
N ILE D 193 -45.94 36.13 7.12
CA ILE D 193 -44.86 35.17 7.29
C ILE D 193 -43.53 35.83 6.92
N ILE D 194 -42.53 35.74 7.81
CA ILE D 194 -41.22 36.26 7.45
C ILE D 194 -40.30 35.10 7.08
N VAL D 195 -39.89 35.08 5.81
CA VAL D 195 -38.97 34.08 5.31
C VAL D 195 -37.60 34.72 5.15
N SER D 196 -36.60 33.96 5.46
CA SER D 196 -35.26 34.41 5.29
C SER D 196 -34.35 33.39 4.60
N ASN D 197 -33.64 33.90 3.62
CA ASN D 197 -32.63 33.20 2.84
C ASN D 197 -31.39 32.85 3.65
N THR D 198 -31.13 33.59 4.70
CA THR D 198 -30.04 33.31 5.59
C THR D 198 -30.57 33.39 7.03
N GLY D 199 -31.46 32.50 7.40
CA GLY D 199 -32.05 32.50 8.73
C GLY D 199 -31.35 31.78 9.85
N GLY D 204 -26.88 26.31 13.59
CA GLY D 204 -28.02 25.74 14.33
C GLY D 204 -28.66 26.76 15.28
N GLN D 205 -28.78 28.01 14.80
CA GLN D 205 -29.42 29.12 15.50
C GLN D 205 -30.09 30.04 14.46
N VAL D 206 -31.34 30.47 14.73
CA VAL D 206 -32.07 31.38 13.84
C VAL D 206 -31.50 32.79 13.99
N SER D 207 -31.53 33.58 12.92
CA SER D 207 -30.85 34.85 12.96
C SER D 207 -31.66 35.90 13.73
N ASP D 208 -32.97 35.66 13.91
CA ASP D 208 -33.81 36.57 14.68
C ASP D 208 -35.06 35.82 15.14
N PRO D 209 -35.55 36.04 16.38
CA PRO D 209 -36.77 35.39 16.85
C PRO D 209 -37.98 35.58 15.94
N GLU D 210 -38.02 36.65 15.15
CA GLU D 210 -39.22 36.95 14.38
C GLU D 210 -39.30 36.17 13.06
N ILE D 211 -38.20 35.50 12.67
CA ILE D 211 -38.20 34.70 11.46
C ILE D 211 -39.15 33.51 11.65
N ASP D 212 -40.01 33.26 10.64
CA ASP D 212 -40.97 32.18 10.66
C ASP D 212 -40.51 30.98 9.82
N VAL D 213 -39.79 31.25 8.75
CA VAL D 213 -39.32 30.26 7.82
C VAL D 213 -37.88 30.47 7.39
N VAL D 214 -37.16 29.38 7.28
CA VAL D 214 -35.80 29.36 6.85
C VAL D 214 -35.69 28.55 5.55
N THR D 215 -34.94 29.02 4.58
CA THR D 215 -34.71 28.28 3.36
C THR D 215 -33.66 27.16 3.45
N TYR D 216 -33.79 26.15 2.64
CA TYR D 216 -32.88 25.06 2.64
C TYR D 216 -32.57 24.67 1.25
N GLU D 217 -31.44 24.01 1.11
CA GLU D 217 -30.99 23.51 -0.14
C GLU D 217 -31.98 22.49 -0.59
N ARG D 218 -32.18 22.47 -1.89
CA ARG D 218 -33.08 21.61 -2.61
C ARG D 218 -32.78 20.15 -2.39
N ARG D 219 -31.52 19.80 -2.30
CA ARG D 219 -31.13 18.45 -2.13
C ARG D 219 -30.99 17.95 -0.70
N THR D 220 -31.46 18.70 0.30
CA THR D 220 -31.33 18.30 1.69
C THR D 220 -31.92 16.89 1.86
N PRO D 221 -31.12 15.95 2.39
CA PRO D 221 -31.60 14.55 2.43
C PRO D 221 -32.69 14.25 3.46
N ASP D 222 -32.62 14.90 4.63
CA ASP D 222 -33.39 14.51 5.81
C ASP D 222 -34.38 15.63 6.19
N GLU D 223 -35.38 15.26 7.01
CA GLU D 223 -36.35 16.20 7.56
C GLU D 223 -35.62 17.41 8.16
N ILE D 224 -36.14 18.60 7.89
CA ILE D 224 -35.43 19.85 8.18
C ILE D 224 -35.47 20.17 9.67
N TYR D 225 -34.70 21.20 10.03
CA TYR D 225 -34.59 21.62 11.42
C TYR D 225 -35.67 22.65 11.77
N HIS D 226 -36.39 22.41 12.88
CA HIS D 226 -37.51 23.28 13.22
C HIS D 226 -37.23 24.19 14.42
N GLY D 227 -35.98 24.24 14.89
CA GLY D 227 -35.56 25.10 15.99
C GLY D 227 -35.39 24.33 17.30
N ALA D 228 -34.65 24.96 18.23
CA ALA D 228 -34.23 24.38 19.50
C ALA D 228 -35.44 24.01 20.36
N PRO D 229 -35.31 23.04 21.31
CA PRO D 229 -36.47 22.31 21.82
C PRO D 229 -37.47 23.12 22.65
N ASN D 230 -37.04 24.28 23.18
CA ASN D 230 -37.92 25.08 24.02
C ASN D 230 -38.38 26.35 23.31
N GLU D 231 -38.08 26.48 22.02
CA GLU D 231 -38.12 27.75 21.31
C GLU D 231 -39.19 27.72 20.22
N LYS D 232 -39.40 28.86 19.57
CA LYS D 232 -40.35 29.00 18.49
C LYS D 232 -40.06 27.96 17.40
N TYR D 233 -41.09 27.25 16.97
CA TYR D 233 -40.99 26.39 15.79
C TYR D 233 -40.84 27.25 14.53
N VAL D 234 -39.83 26.95 13.72
CA VAL D 234 -39.64 27.61 12.44
C VAL D 234 -39.84 26.59 11.32
N ALA D 235 -40.56 26.99 10.28
CA ALA D 235 -40.81 26.15 9.12
C ALA D 235 -39.63 26.23 8.16
N GLY D 236 -39.71 25.45 7.06
CA GLY D 236 -38.64 25.39 6.06
C GLY D 236 -39.22 25.45 4.65
N GLU D 237 -38.38 25.89 3.70
CA GLU D 237 -38.80 26.04 2.31
C GLU D 237 -37.61 25.74 1.40
N ILE D 238 -37.86 25.06 0.28
CA ILE D 238 -36.84 24.90 -0.73
C ILE D 238 -37.35 25.53 -2.02
N SER D 239 -36.42 25.76 -2.97
CA SER D 239 -36.68 26.50 -4.20
C SER D 239 -36.13 25.74 -5.38
N ILE D 240 -36.82 25.80 -6.53
CA ILE D 240 -36.23 25.25 -7.74
C ILE D 240 -36.55 26.20 -8.88
N THR D 241 -35.57 26.42 -9.77
CA THR D 241 -35.86 27.14 -11.00
C THR D 241 -35.72 26.13 -12.15
N LEU D 242 -36.28 26.45 -13.31
CA LEU D 242 -36.47 25.48 -14.37
C LEU D 242 -35.18 25.23 -15.15
N ASN D 243 -34.38 26.29 -15.39
CA ASN D 243 -33.05 26.13 -15.97
C ASN D 243 -32.00 26.49 -14.92
N GLN D 244 -30.92 27.15 -15.32
CA GLN D 244 -29.84 27.48 -14.39
C GLN D 244 -30.04 28.89 -13.81
N HIS D 245 -31.01 29.66 -14.32
CA HIS D 245 -31.14 31.07 -13.93
C HIS D 245 -32.53 31.33 -13.36
N TRP D 246 -32.68 32.41 -12.59
CA TRP D 246 -33.93 32.74 -11.93
C TRP D 246 -34.71 33.75 -12.77
N GLY D 247 -34.06 34.82 -13.22
CA GLY D 247 -34.61 35.68 -14.26
C GLY D 247 -34.53 34.98 -15.60
N ILE D 248 -35.32 35.42 -16.59
CA ILE D 248 -35.32 34.78 -17.89
C ILE D 248 -33.91 34.83 -18.51
N ALA D 249 -33.53 33.73 -19.18
CA ALA D 249 -32.24 33.58 -19.82
C ALA D 249 -32.43 32.82 -21.13
N ALA D 250 -32.50 33.59 -22.23
CA ALA D 250 -32.97 33.10 -23.51
C ALA D 250 -32.11 31.95 -24.02
N ASN D 251 -30.78 32.01 -23.82
CA ASN D 251 -29.92 30.96 -24.34
C ASN D 251 -29.46 30.01 -23.21
N ASP D 252 -30.28 29.91 -22.16
CA ASP D 252 -30.03 28.86 -21.18
C ASP D 252 -30.97 27.72 -21.58
N LEU D 253 -30.41 26.66 -22.19
CA LEU D 253 -31.18 25.55 -22.72
C LEU D 253 -31.17 24.42 -21.71
N ASN D 254 -30.50 24.64 -20.58
CA ASN D 254 -30.25 23.57 -19.63
C ASN D 254 -31.42 23.46 -18.65
N TYR D 255 -32.61 23.14 -19.18
CA TYR D 255 -33.80 22.93 -18.38
C TYR D 255 -33.80 21.54 -17.75
N LYS D 256 -34.32 21.47 -16.52
CA LYS D 256 -34.51 20.23 -15.78
C LYS D 256 -35.69 19.47 -16.40
N SER D 257 -35.74 18.16 -16.16
CA SER D 257 -36.89 17.43 -16.65
C SER D 257 -38.11 17.78 -15.81
N PRO D 258 -39.31 17.80 -16.42
CA PRO D 258 -40.53 17.85 -15.63
C PRO D 258 -40.56 16.77 -14.54
N ALA D 259 -39.98 15.60 -14.80
CA ALA D 259 -39.99 14.50 -13.84
C ALA D 259 -39.22 14.94 -12.59
N GLU D 260 -38.06 15.59 -12.79
CA GLU D 260 -37.26 16.03 -11.65
C GLU D 260 -38.03 17.10 -10.86
N MET D 261 -38.77 17.95 -11.58
CA MET D 261 -39.59 18.95 -10.90
C MET D 261 -40.60 18.29 -9.98
N ILE D 262 -41.31 17.27 -10.50
CA ILE D 262 -42.30 16.55 -9.69
C ILE D 262 -41.61 15.87 -8.50
N GLU D 263 -40.44 15.25 -8.72
CA GLU D 263 -39.76 14.58 -7.63
C GLU D 263 -39.31 15.59 -6.57
N THR D 264 -39.00 16.83 -6.99
CA THR D 264 -38.52 17.84 -6.05
C THR D 264 -39.68 18.29 -5.18
N VAL D 265 -40.86 18.47 -5.81
CA VAL D 265 -42.03 18.89 -5.05
C VAL D 265 -42.36 17.81 -4.01
N ALA D 266 -42.37 16.54 -4.43
CA ALA D 266 -42.66 15.46 -3.49
C ALA D 266 -41.61 15.44 -2.37
N HIS D 267 -40.36 15.65 -2.72
CA HIS D 267 -39.26 15.67 -1.80
C HIS D 267 -39.37 16.73 -0.72
N ALA D 268 -39.85 17.91 -1.07
CA ALA D 268 -40.03 18.96 -0.15
C ALA D 268 -41.00 18.53 0.94
N ARG D 269 -42.10 17.94 0.54
CA ARG D 269 -43.09 17.44 1.44
C ARG D 269 -42.54 16.33 2.32
N HIS D 270 -41.74 15.46 1.78
CA HIS D 270 -41.13 14.40 2.52
C HIS D 270 -40.22 14.95 3.64
N ILE D 271 -39.50 16.01 3.36
CA ILE D 271 -38.65 16.59 4.35
C ILE D 271 -39.33 17.64 5.22
N GLY D 272 -40.62 17.84 5.06
CA GLY D 272 -41.34 18.82 5.82
C GLY D 272 -41.12 20.27 5.51
N ALA D 273 -41.03 20.58 4.23
CA ALA D 273 -40.79 21.93 3.77
C ALA D 273 -41.83 22.26 2.72
N ASN D 274 -42.03 23.57 2.51
CA ASN D 274 -42.72 24.06 1.35
C ASN D 274 -41.74 24.04 0.17
N ILE D 275 -42.28 24.20 -1.04
CA ILE D 275 -41.42 24.33 -2.19
C ILE D 275 -41.93 25.50 -3.05
N LEU D 276 -40.96 26.30 -3.54
CA LEU D 276 -41.24 27.36 -4.51
C LEU D 276 -40.75 26.91 -5.87
N VAL D 277 -41.62 26.99 -6.87
CA VAL D 277 -41.19 26.76 -8.24
C VAL D 277 -41.08 28.11 -8.92
N ASN D 278 -39.90 28.39 -9.49
CA ASN D 278 -39.62 29.72 -10.01
C ASN D 278 -39.89 29.84 -11.50
N ILE D 279 -40.44 30.98 -11.90
CA ILE D 279 -40.54 31.35 -13.30
C ILE D 279 -39.99 32.77 -13.49
N GLY D 280 -39.31 33.00 -14.60
CA GLY D 280 -38.78 34.33 -14.93
C GLY D 280 -39.65 34.94 -16.03
N LEU D 281 -40.26 36.11 -15.77
CA LEU D 281 -41.09 36.74 -16.80
C LEU D 281 -40.21 37.34 -17.88
N THR D 282 -40.80 37.57 -19.05
CA THR D 282 -40.15 38.34 -20.11
C THR D 282 -39.99 39.79 -19.67
N GLY D 283 -39.22 40.55 -20.47
CA GLY D 283 -38.97 41.97 -20.25
C GLY D 283 -40.25 42.73 -19.93
N THR D 284 -41.31 42.49 -20.71
CA THR D 284 -42.56 43.21 -20.61
C THR D 284 -43.54 42.51 -19.64
N GLY D 285 -43.14 41.40 -19.00
CA GLY D 285 -43.97 40.88 -17.92
C GLY D 285 -44.82 39.65 -18.26
N ALA D 286 -44.58 38.99 -19.40
CA ALA D 286 -45.35 37.81 -19.79
C ALA D 286 -44.73 36.53 -19.20
N ILE D 287 -45.56 35.54 -18.92
CA ILE D 287 -45.08 34.20 -18.61
C ILE D 287 -44.59 33.58 -19.91
N PRO D 288 -43.32 33.17 -20.04
CA PRO D 288 -42.88 32.50 -21.25
C PRO D 288 -43.54 31.15 -21.47
N ALA D 289 -43.69 30.78 -22.76
CA ALA D 289 -44.34 29.52 -23.15
C ALA D 289 -43.67 28.32 -22.48
N ALA D 290 -42.34 28.34 -22.33
CA ALA D 290 -41.64 27.23 -21.71
C ALA D 290 -42.12 27.00 -20.28
N ALA D 291 -42.34 28.11 -19.54
CA ALA D 291 -42.77 28.00 -18.14
C ALA D 291 -44.19 27.42 -18.09
N GLN D 292 -45.03 27.82 -19.06
CA GLN D 292 -46.39 27.30 -19.16
C GLN D 292 -46.38 25.77 -19.31
N THR D 293 -45.49 25.22 -20.11
CA THR D 293 -45.41 23.80 -20.27
C THR D 293 -45.11 23.08 -18.96
N TYR D 294 -44.17 23.60 -18.19
CA TYR D 294 -43.86 23.02 -16.93
C TYR D 294 -45.01 23.11 -15.94
N MET D 295 -45.68 24.24 -15.95
CA MET D 295 -46.81 24.46 -15.10
C MET D 295 -47.92 23.52 -15.39
N HIS D 296 -48.20 23.27 -16.65
CA HIS D 296 -49.22 22.34 -17.00
C HIS D 296 -48.90 20.93 -16.58
N LEU D 297 -47.68 20.51 -16.74
CA LEU D 297 -47.32 19.16 -16.32
C LEU D 297 -47.38 19.05 -14.81
N LEU D 298 -46.82 20.04 -14.09
CA LEU D 298 -46.84 19.98 -12.63
C LEU D 298 -48.27 20.03 -12.14
N GLY D 299 -49.10 20.85 -12.79
CA GLY D 299 -50.51 20.99 -12.41
C GLY D 299 -51.27 19.67 -12.52
N ARG D 300 -50.94 18.81 -13.48
CA ARG D 300 -51.63 17.53 -13.54
C ARG D 300 -51.22 16.72 -12.32
N TRP D 301 -49.95 16.79 -11.92
CA TRP D 301 -49.53 15.99 -10.78
C TRP D 301 -50.17 16.54 -9.50
N THR D 302 -50.16 17.87 -9.32
CA THR D 302 -50.62 18.40 -8.04
C THR D 302 -52.13 18.21 -7.91
N ALA D 303 -52.88 18.24 -9.03
CA ALA D 303 -54.31 17.95 -8.95
C ALA D 303 -54.51 16.51 -8.45
N MET D 304 -53.72 15.56 -8.94
CA MET D 304 -53.85 14.16 -8.51
C MET D 304 -53.43 14.05 -7.03
N ALA D 305 -52.42 14.83 -6.61
CA ALA D 305 -51.85 14.69 -5.27
C ALA D 305 -52.56 15.56 -4.22
N ALA D 306 -53.60 16.34 -4.62
CA ALA D 306 -54.31 17.25 -3.73
C ALA D 306 -54.66 16.66 -2.36
N PRO D 307 -55.15 15.39 -2.24
CA PRO D 307 -55.48 14.85 -0.92
C PRO D 307 -54.32 14.88 0.08
N VAL D 308 -53.06 14.97 -0.39
CA VAL D 308 -51.98 14.83 0.57
C VAL D 308 -50.99 16.00 0.44
N LEU D 309 -50.95 16.67 -0.71
CA LEU D 309 -49.94 17.68 -0.96
C LEU D 309 -49.95 18.79 0.10
N TYR D 310 -51.15 19.21 0.52
CA TYR D 310 -51.31 20.34 1.44
C TYR D 310 -51.18 19.92 2.90
N LYS D 311 -51.91 18.88 3.31
CA LYS D 311 -51.97 18.52 4.73
C LYS D 311 -50.95 17.44 5.10
N GLY D 312 -50.36 16.77 4.11
CA GLY D 312 -49.47 15.64 4.40
C GLY D 312 -48.21 16.11 5.13
N ARG D 313 -47.81 15.34 6.16
CA ARG D 313 -46.64 15.69 6.95
C ARG D 313 -45.74 14.47 7.06
N PRO D 314 -44.42 14.67 7.27
CA PRO D 314 -43.52 13.56 7.49
C PRO D 314 -43.89 12.79 8.75
N VAL D 315 -43.47 11.54 8.84
CA VAL D 315 -43.89 10.66 9.92
C VAL D 315 -42.80 9.60 10.04
N PRO D 316 -42.51 9.05 11.24
CA PRO D 316 -41.43 8.08 11.38
C PRO D 316 -41.76 6.71 10.79
N VAL D 317 -41.95 6.69 9.48
CA VAL D 317 -42.21 5.47 8.73
C VAL D 317 -41.18 5.47 7.62
N THR D 318 -40.33 4.42 7.58
CA THR D 318 -39.30 4.41 6.57
C THR D 318 -39.63 3.36 5.50
N SER D 319 -38.96 3.46 4.36
CA SER D 319 -39.16 2.53 3.27
C SER D 319 -38.05 1.48 3.30
N ALA D 320 -38.27 0.35 2.63
CA ALA D 320 -37.30 -0.74 2.57
C ALA D 320 -36.00 -0.32 1.89
N HIS D 321 -34.93 -1.07 2.16
CA HIS D 321 -33.63 -0.92 1.54
C HIS D 321 -33.74 -0.80 0.02
N GLY D 322 -33.09 0.26 -0.51
CA GLY D 322 -32.91 0.40 -1.95
C GLY D 322 -34.11 1.01 -2.67
N THR D 323 -35.06 1.62 -1.94
CA THR D 323 -36.14 2.31 -2.61
C THR D 323 -36.10 3.76 -2.15
N ARG D 324 -36.73 4.64 -2.91
CA ARG D 324 -36.77 6.06 -2.54
C ARG D 324 -38.18 6.39 -2.06
N ASP D 325 -38.98 5.37 -1.75
CA ASP D 325 -40.39 5.59 -1.38
C ASP D 325 -40.47 6.28 -0.02
N PHE D 326 -41.59 6.97 0.22
CA PHE D 326 -41.75 7.54 1.56
C PHE D 326 -43.23 7.67 1.90
N VAL D 327 -43.50 8.09 3.15
CA VAL D 327 -44.88 8.15 3.62
C VAL D 327 -45.19 9.57 4.09
N LEU D 328 -46.41 10.04 3.84
CA LEU D 328 -46.90 11.27 4.42
C LEU D 328 -48.19 10.95 5.20
N HIS D 329 -48.38 11.67 6.31
CA HIS D 329 -49.48 11.47 7.24
C HIS D 329 -50.41 12.67 7.22
N THR D 330 -51.73 12.43 7.09
CA THR D 330 -52.72 13.42 7.47
C THR D 330 -53.48 12.85 8.68
N SER D 331 -54.43 13.61 9.22
CA SER D 331 -55.10 13.16 10.44
C SER D 331 -55.96 11.92 10.16
N LYS D 332 -56.50 11.78 8.95
CA LYS D 332 -57.35 10.63 8.61
C LYS D 332 -56.62 9.51 7.86
N HIS D 333 -55.50 9.79 7.17
CA HIS D 333 -54.90 8.77 6.29
C HIS D 333 -53.38 8.80 6.33
N ASP D 334 -52.75 7.68 5.95
CA ASP D 334 -51.37 7.70 5.50
C ASP D 334 -51.37 7.54 3.98
N PHE D 335 -50.29 8.05 3.34
CA PHE D 335 -50.14 7.97 1.91
C PHE D 335 -48.72 7.48 1.61
N LEU D 336 -48.64 6.45 0.75
CA LEU D 336 -47.38 5.94 0.24
C LEU D 336 -47.08 6.70 -1.04
N CYS D 337 -45.90 7.35 -1.05
CA CYS D 337 -45.39 8.01 -2.25
C CYS D 337 -44.34 7.12 -2.85
N ILE D 338 -44.63 6.60 -4.05
CA ILE D 338 -43.85 5.52 -4.61
C ILE D 338 -43.18 5.98 -5.90
N LEU D 339 -41.85 5.80 -5.95
CA LEU D 339 -41.01 6.26 -7.06
C LEU D 339 -40.49 5.06 -7.85
N ASP D 340 -39.98 5.33 -9.06
CA ASP D 340 -39.28 4.33 -9.87
C ASP D 340 -40.25 3.22 -10.28
N LEU D 341 -41.50 3.59 -10.60
CA LEU D 341 -42.40 2.62 -11.20
C LEU D 341 -42.25 2.64 -12.71
N GLN D 342 -42.60 1.53 -13.34
CA GLN D 342 -42.62 1.46 -14.80
C GLN D 342 -44.06 1.29 -15.30
N VAL D 343 -44.22 1.53 -16.61
CA VAL D 343 -45.46 1.34 -17.32
C VAL D 343 -45.71 -0.14 -17.56
N VAL D 344 -46.99 -0.56 -17.46
CA VAL D 344 -47.38 -1.94 -17.69
C VAL D 344 -47.74 -2.13 -19.17
N GLY D 345 -47.09 -3.10 -19.84
CA GLY D 345 -47.49 -3.60 -21.15
C GLY D 345 -48.53 -4.72 -21.05
N LYS D 346 -48.50 -5.64 -22.02
CA LYS D 346 -49.50 -6.70 -22.07
C LYS D 346 -48.95 -7.89 -22.88
N ASP D 347 -48.95 -9.07 -22.24
CA ASP D 347 -48.52 -10.33 -22.83
C ASP D 347 -47.06 -10.28 -23.25
N ASN D 348 -46.82 -10.21 -24.58
CA ASN D 348 -45.48 -10.23 -25.17
C ASN D 348 -44.84 -8.84 -25.13
N VAL D 349 -45.66 -7.77 -25.03
CA VAL D 349 -45.17 -6.40 -24.96
C VAL D 349 -44.86 -6.03 -23.51
N VAL D 350 -43.56 -6.11 -23.16
CA VAL D 350 -43.01 -5.93 -21.83
C VAL D 350 -42.42 -4.52 -21.74
N LEU D 351 -43.04 -3.68 -20.90
CA LEU D 351 -42.62 -2.30 -20.72
C LEU D 351 -41.90 -2.10 -19.38
N GLY D 352 -41.96 -3.08 -18.46
CA GLY D 352 -41.15 -3.09 -17.25
C GLY D 352 -41.95 -3.27 -15.94
N GLY D 353 -43.25 -2.93 -15.93
CA GLY D 353 -43.98 -2.83 -14.68
C GLY D 353 -44.89 -4.02 -14.33
N GLU D 354 -44.83 -5.14 -15.09
CA GLU D 354 -45.90 -6.14 -15.08
C GLU D 354 -45.78 -7.18 -13.95
N GLY D 355 -44.57 -7.43 -13.45
CA GLY D 355 -44.42 -8.40 -12.37
C GLY D 355 -44.91 -7.80 -11.04
N VAL D 356 -45.24 -8.66 -10.08
CA VAL D 356 -45.52 -8.18 -8.74
C VAL D 356 -44.33 -7.38 -8.20
N ASN D 357 -44.63 -6.27 -7.52
CA ASN D 357 -43.63 -5.29 -7.17
C ASN D 357 -43.74 -4.96 -5.69
N PRO D 358 -43.24 -5.83 -4.80
CA PRO D 358 -43.39 -5.60 -3.36
C PRO D 358 -42.58 -4.41 -2.88
N ARG D 359 -43.26 -3.41 -2.31
CA ARG D 359 -42.61 -2.25 -1.74
C ARG D 359 -43.00 -2.24 -0.27
N SER D 360 -42.00 -2.17 0.61
CA SER D 360 -42.22 -2.30 2.04
C SER D 360 -41.91 -0.99 2.77
N PHE D 361 -42.53 -0.85 3.95
CA PHE D 361 -42.41 0.29 4.85
C PHE D 361 -42.39 -0.25 6.28
N VAL D 362 -41.67 0.44 7.14
CA VAL D 362 -41.53 0.05 8.53
C VAL D 362 -42.02 1.23 9.37
N GLY D 363 -43.01 0.99 10.22
CA GLY D 363 -43.45 1.99 11.19
C GLY D 363 -44.98 2.11 11.17
N ILE D 364 -45.66 1.27 10.39
CA ILE D 364 -47.13 1.25 10.44
C ILE D 364 -47.59 0.10 11.34
N GLY D 365 -48.21 0.44 12.47
CA GLY D 365 -48.59 -0.52 13.50
C GLY D 365 -50.08 -0.84 13.55
N GLN D 366 -50.91 -0.15 12.76
CA GLN D 366 -52.36 -0.27 12.84
C GLN D 366 -52.86 -1.13 11.69
N PRO D 367 -53.89 -1.99 11.91
CA PRO D 367 -54.46 -2.78 10.81
C PRO D 367 -55.06 -1.91 9.70
N ILE D 368 -54.82 -2.31 8.45
CA ILE D 368 -55.26 -1.53 7.32
C ILE D 368 -56.49 -2.21 6.71
N GLN D 369 -57.44 -1.41 6.26
CA GLN D 369 -58.61 -1.95 5.58
C GLN D 369 -58.38 -1.99 4.07
N ARG D 370 -57.88 -0.89 3.48
CA ARG D 370 -57.80 -0.77 2.03
C ARG D 370 -56.66 0.18 1.64
N ILE D 371 -56.03 -0.07 0.49
CA ILE D 371 -55.03 0.82 -0.07
C ILE D 371 -55.36 0.99 -1.54
N HIS D 372 -55.32 2.23 -2.04
CA HIS D 372 -55.62 2.44 -3.44
C HIS D 372 -54.81 3.60 -4.03
N TRP D 373 -54.49 3.49 -5.31
CA TRP D 373 -53.79 4.55 -6.01
C TRP D 373 -54.72 5.75 -6.19
N LEU D 374 -54.22 6.96 -5.93
CA LEU D 374 -54.99 8.19 -6.14
C LEU D 374 -55.32 8.40 -7.62
N ASP D 375 -54.47 7.96 -8.53
CA ASP D 375 -54.67 8.36 -9.93
C ASP D 375 -55.82 7.60 -10.56
N ASN D 376 -56.09 6.34 -10.16
CA ASN D 376 -57.11 5.58 -10.87
C ASN D 376 -57.95 4.75 -9.92
N ASP D 377 -57.73 4.86 -8.59
CA ASP D 377 -58.52 4.13 -7.59
C ASP D 377 -58.32 2.61 -7.60
N GLU D 378 -57.27 2.11 -8.26
CA GLU D 378 -57.02 0.67 -8.19
C GLU D 378 -56.67 0.26 -6.75
N VAL D 379 -57.28 -0.82 -6.26
CA VAL D 379 -57.04 -1.36 -4.94
C VAL D 379 -55.76 -2.20 -5.00
N LEU D 380 -54.86 -2.02 -4.04
CA LEU D 380 -53.60 -2.73 -4.01
C LEU D 380 -53.68 -3.88 -3.01
N SER D 381 -53.01 -4.98 -3.31
CA SER D 381 -52.94 -6.00 -2.30
C SER D 381 -51.75 -5.70 -1.37
N PHE D 382 -51.80 -6.18 -0.13
CA PHE D 382 -50.79 -5.85 0.86
C PHE D 382 -50.80 -6.92 1.94
N THR D 383 -49.73 -6.99 2.73
CA THR D 383 -49.68 -7.82 3.92
C THR D 383 -49.08 -6.95 5.01
N GLN D 384 -49.38 -7.27 6.28
CA GLN D 384 -48.77 -6.54 7.37
C GLN D 384 -48.19 -7.53 8.37
N ASP D 385 -47.10 -7.14 9.02
CA ASP D 385 -46.69 -7.73 10.30
C ASP D 385 -46.79 -6.61 11.33
N LEU D 386 -47.86 -6.66 12.16
CA LEU D 386 -48.15 -5.59 13.09
C LEU D 386 -47.13 -5.54 14.22
N ASP D 387 -46.55 -6.68 14.59
CA ASP D 387 -45.59 -6.66 15.69
C ASP D 387 -44.33 -5.88 15.30
N LYS D 388 -43.85 -6.07 14.06
CA LYS D 388 -42.65 -5.40 13.59
C LYS D 388 -42.99 -4.12 12.83
N LYS D 389 -44.29 -3.88 12.61
CA LYS D 389 -44.77 -2.67 11.97
C LYS D 389 -44.33 -2.62 10.50
N VAL D 390 -44.41 -3.78 9.84
CA VAL D 390 -44.07 -3.87 8.44
C VAL D 390 -45.34 -3.85 7.61
N LEU D 391 -45.33 -3.06 6.54
CA LEU D 391 -46.34 -3.09 5.51
C LEU D 391 -45.65 -3.38 4.17
N THR D 392 -46.18 -4.34 3.42
CA THR D 392 -45.68 -4.62 2.09
C THR D 392 -46.86 -4.53 1.12
N VAL D 393 -46.72 -3.71 0.07
CA VAL D 393 -47.79 -3.59 -0.91
C VAL D 393 -47.27 -4.08 -2.24
N ASP D 394 -48.17 -4.58 -3.09
CA ASP D 394 -47.78 -4.82 -4.47
C ASP D 394 -48.06 -3.53 -5.25
N ALA D 395 -47.01 -2.75 -5.50
CA ALA D 395 -47.13 -1.47 -6.20
C ALA D 395 -47.22 -1.71 -7.71
N THR D 396 -48.44 -1.85 -8.25
CA THR D 396 -48.60 -2.13 -9.66
C THR D 396 -48.05 -0.96 -10.48
N GLY D 397 -47.61 -1.26 -11.72
CA GLY D 397 -47.02 -0.24 -12.56
C GLY D 397 -48.12 0.60 -13.20
N TYR D 398 -47.72 1.63 -13.94
CA TYR D 398 -48.69 2.55 -14.50
C TYR D 398 -49.50 1.86 -15.59
N PRO D 399 -50.80 2.19 -15.72
CA PRO D 399 -51.51 1.83 -16.93
C PRO D 399 -50.80 2.43 -18.14
N TYR D 400 -50.67 1.63 -19.21
CA TYR D 400 -50.13 2.13 -20.45
C TYR D 400 -50.79 3.48 -20.76
N GLY D 401 -49.97 4.44 -21.23
CA GLY D 401 -50.49 5.75 -21.57
C GLY D 401 -50.37 6.76 -20.42
N SER D 402 -49.90 6.31 -19.26
CA SER D 402 -49.73 7.26 -18.17
C SER D 402 -48.42 7.01 -17.42
N ASP D 403 -47.94 8.02 -16.68
CA ASP D 403 -46.72 7.90 -15.88
C ASP D 403 -46.66 9.13 -14.97
N TRP D 404 -46.90 8.92 -13.68
CA TRP D 404 -47.12 10.01 -12.75
C TRP D 404 -45.80 10.42 -12.09
N VAL D 405 -44.74 9.64 -12.31
CA VAL D 405 -43.41 9.92 -11.78
C VAL D 405 -43.36 9.63 -10.28
N VAL D 406 -44.20 10.32 -9.50
CA VAL D 406 -44.39 9.94 -8.11
C VAL D 406 -45.85 9.51 -7.95
N ARG D 407 -46.08 8.22 -7.73
CA ARG D 407 -47.42 7.67 -7.60
C ARG D 407 -47.78 7.62 -6.12
N ILE D 408 -49.06 7.88 -5.81
CA ILE D 408 -49.47 8.01 -4.42
C ILE D 408 -50.59 7.03 -4.14
N ALA D 409 -50.41 6.22 -3.09
CA ALA D 409 -51.43 5.30 -2.61
C ALA D 409 -51.97 5.80 -1.27
N GLN D 410 -53.30 5.89 -1.19
CA GLN D 410 -53.95 6.26 0.06
C GLN D 410 -54.24 5.00 0.90
N ILE D 411 -53.85 5.04 2.17
CA ILE D 411 -54.16 3.98 3.12
C ILE D 411 -55.42 4.38 3.91
N ASP D 412 -56.44 3.50 3.93
CA ASP D 412 -57.61 3.61 4.79
C ASP D 412 -57.50 2.61 5.94
N TYR D 413 -57.50 3.12 7.17
CA TYR D 413 -57.39 2.27 8.35
C TYR D 413 -58.73 1.66 8.75
N GLU D 414 -58.64 0.48 9.38
CA GLU D 414 -59.77 -0.17 10.03
C GLU D 414 -60.26 0.70 11.19
N THR E 2 81.29 -28.32 30.57
CA THR E 2 81.05 -29.78 30.59
C THR E 2 80.07 -30.12 29.48
N GLU E 3 79.93 -31.42 29.21
CA GLU E 3 78.96 -31.91 28.25
C GLU E 3 77.64 -32.18 28.99
N PRO E 4 76.47 -31.79 28.41
CA PRO E 4 75.20 -32.14 29.01
C PRO E 4 75.01 -33.66 29.17
N LEU E 5 74.44 -34.08 30.32
CA LEU E 5 73.97 -35.45 30.45
C LEU E 5 73.01 -35.77 29.33
N PRO E 6 72.93 -37.05 28.87
CA PRO E 6 71.97 -37.43 27.84
C PRO E 6 70.56 -36.87 28.01
N ARG E 7 70.00 -36.94 29.23
CA ARG E 7 68.61 -36.57 29.40
C ARG E 7 68.44 -35.07 29.16
N ILE E 8 69.48 -34.28 29.45
CA ILE E 8 69.44 -32.84 29.31
C ILE E 8 69.62 -32.46 27.83
N GLN E 9 70.48 -33.21 27.14
CA GLN E 9 70.64 -33.06 25.71
C GLN E 9 69.30 -33.30 25.02
N HIS E 10 68.60 -34.35 25.45
CA HIS E 10 67.29 -34.66 24.91
C HIS E 10 66.33 -33.51 25.21
N TYR E 11 66.45 -32.94 26.42
CA TYR E 11 65.58 -31.85 26.82
C TYR E 11 65.75 -30.66 25.87
N GLU E 12 66.99 -30.29 25.58
CA GLU E 12 67.26 -29.11 24.77
C GLU E 12 66.74 -29.32 23.35
N ASP E 13 66.64 -30.59 22.91
CA ASP E 13 66.12 -30.90 21.60
C ASP E 13 64.60 -30.79 21.55
N LEU E 14 63.94 -30.75 22.73
CA LEU E 14 62.49 -30.66 22.78
C LEU E 14 62.06 -29.29 22.21
N GLY E 15 62.80 -28.24 22.57
CA GLY E 15 62.62 -26.91 22.01
C GLY E 15 61.42 -26.18 22.62
N LEU E 16 60.23 -26.68 22.32
CA LEU E 16 58.99 -26.03 22.66
C LEU E 16 58.12 -27.00 23.49
N GLY E 17 57.58 -26.47 24.59
CA GLY E 17 56.55 -27.22 25.29
C GLY E 17 55.29 -26.39 25.49
N LEU E 18 54.19 -27.09 25.79
CA LEU E 18 52.95 -26.45 26.14
C LEU E 18 52.81 -26.52 27.66
N PHE E 19 52.55 -25.37 28.28
CA PHE E 19 52.26 -25.30 29.71
C PHE E 19 50.75 -25.21 29.86
N ILE E 20 50.16 -26.05 30.73
CA ILE E 20 48.72 -26.05 30.93
C ILE E 20 48.42 -25.75 32.39
N HIS E 21 47.72 -24.64 32.65
CA HIS E 21 47.18 -24.30 33.94
C HIS E 21 45.71 -24.69 34.02
N TRP E 22 45.42 -25.60 34.96
CA TRP E 22 44.05 -26.01 35.22
C TRP E 22 43.93 -26.44 36.67
N GLY E 23 42.96 -25.83 37.38
CA GLY E 23 42.73 -26.14 38.77
C GLY E 23 41.33 -25.71 39.17
N LEU E 24 41.07 -25.62 40.46
CA LEU E 24 39.77 -25.15 40.91
C LEU E 24 39.60 -23.70 40.50
N TYR E 25 40.70 -22.93 40.51
CA TYR E 25 40.63 -21.52 40.17
C TYR E 25 40.02 -21.32 38.77
N SER E 26 40.20 -22.31 37.88
CA SER E 26 39.71 -22.19 36.51
C SER E 26 38.20 -21.89 36.46
N GLN E 27 37.45 -22.39 37.45
CA GLN E 27 35.99 -22.18 37.46
C GLN E 27 35.64 -20.72 37.69
N MET E 28 36.50 -19.94 38.35
CA MET E 28 36.16 -18.55 38.57
C MET E 28 36.67 -17.64 37.44
N ALA E 29 37.68 -18.10 36.69
CA ALA E 29 38.21 -17.39 35.51
C ALA E 29 38.63 -15.97 35.88
N VAL E 30 39.28 -15.82 37.04
CA VAL E 30 39.87 -14.56 37.45
C VAL E 30 41.31 -14.81 37.91
N GLY E 31 42.02 -15.75 37.26
CA GLY E 31 43.44 -15.95 37.55
C GLY E 31 43.67 -17.08 38.56
N GLU E 32 44.84 -17.72 38.45
CA GLU E 32 45.21 -18.84 39.30
C GLU E 32 45.51 -18.40 40.75
N TRP E 33 45.81 -17.13 40.99
CA TRP E 33 46.14 -16.74 42.36
C TRP E 33 44.92 -16.20 43.11
N THR E 34 43.71 -16.40 42.56
CA THR E 34 42.51 -15.73 43.07
C THR E 34 42.30 -15.93 44.58
N GLU E 35 42.54 -17.17 45.07
CA GLU E 35 42.23 -17.47 46.46
C GLU E 35 42.99 -16.54 47.41
N LEU E 36 44.29 -16.37 47.19
CA LEU E 36 45.08 -15.49 48.03
C LEU E 36 44.82 -14.02 47.68
N ILE E 37 44.97 -13.66 46.43
CA ILE E 37 44.89 -12.26 46.04
C ILE E 37 43.57 -11.57 46.30
N HIS E 38 42.50 -12.29 46.11
CA HIS E 38 41.17 -11.78 46.33
C HIS E 38 40.66 -11.98 47.77
N HIS E 39 41.53 -12.48 48.63
CA HIS E 39 41.25 -12.70 50.04
C HIS E 39 40.00 -13.52 50.24
N ARG E 40 39.91 -14.60 49.52
CA ARG E 40 38.74 -15.45 49.60
C ARG E 40 38.66 -16.26 50.85
N ASN E 41 37.47 -16.61 51.26
CA ASN E 41 37.31 -17.45 52.41
C ASN E 41 37.74 -18.83 51.96
N GLN E 42 38.65 -19.42 52.69
CA GLN E 42 39.19 -20.68 52.28
C GLN E 42 38.21 -21.81 52.16
N HIS E 43 37.32 -21.94 53.12
CA HIS E 43 36.35 -22.99 53.06
C HIS E 43 35.41 -22.84 51.89
N ASP E 44 34.98 -21.63 51.64
CA ASP E 44 34.09 -21.33 50.54
C ASP E 44 34.72 -21.61 49.17
N TYR E 45 35.98 -21.23 49.00
CA TYR E 45 36.73 -21.48 47.78
C TYR E 45 36.91 -22.97 47.56
N GLU E 46 37.24 -23.71 48.62
CA GLU E 46 37.50 -25.13 48.49
C GLU E 46 36.26 -25.92 48.12
N GLN E 47 35.08 -25.32 48.29
CA GLN E 47 33.83 -25.92 47.83
C GLN E 47 33.81 -26.12 46.32
N LEU E 48 34.69 -25.41 45.59
CA LEU E 48 34.79 -25.56 44.14
C LEU E 48 35.08 -27.01 43.76
N ILE E 49 35.67 -27.79 44.68
CA ILE E 49 35.87 -29.22 44.44
C ILE E 49 34.57 -29.91 44.06
N LYS E 50 33.43 -29.42 44.58
CA LYS E 50 32.17 -30.13 44.40
C LYS E 50 31.62 -29.97 42.99
N THR E 51 32.12 -28.99 42.24
CA THR E 51 31.64 -28.76 40.88
C THR E 51 32.78 -29.00 39.88
N PHE E 52 33.88 -29.61 40.34
CA PHE E 52 34.99 -30.02 39.46
C PHE E 52 34.65 -31.32 38.74
N THR E 53 33.95 -31.24 37.59
CA THR E 53 33.44 -32.42 36.90
C THR E 53 34.47 -32.91 35.88
N ALA E 54 35.36 -32.01 35.43
CA ALA E 54 36.24 -32.28 34.31
C ALA E 54 35.44 -32.74 33.08
N ALA E 55 34.21 -32.24 32.93
CA ALA E 55 33.30 -32.76 31.90
C ALA E 55 33.86 -32.56 30.48
N GLN E 56 34.77 -31.58 30.28
CA GLN E 56 35.24 -31.36 28.92
C GLN E 56 36.73 -31.61 28.82
N PHE E 57 37.32 -32.25 29.83
CA PHE E 57 38.73 -32.54 29.73
C PHE E 57 38.92 -33.79 28.89
N ASP E 58 39.66 -33.65 27.79
CA ASP E 58 40.01 -34.77 26.93
C ASP E 58 41.51 -34.72 26.69
N ALA E 59 42.25 -35.60 27.37
CA ALA E 59 43.69 -35.55 27.35
C ALA E 59 44.20 -35.84 25.94
N LYS E 60 43.46 -36.65 25.19
CA LYS E 60 43.81 -36.99 23.82
C LYS E 60 43.75 -35.74 22.94
N LYS E 61 42.71 -34.91 23.11
CA LYS E 61 42.61 -33.68 22.35
C LYS E 61 43.76 -32.73 22.72
N ILE E 62 44.08 -32.69 24.01
CA ILE E 62 45.15 -31.82 24.45
C ILE E 62 46.48 -32.27 23.87
N ALA E 63 46.75 -33.58 23.91
CA ALA E 63 48.01 -34.09 23.39
C ALA E 63 48.08 -33.83 21.88
N HIS E 64 46.95 -33.99 21.20
CA HIS E 64 46.89 -33.77 19.76
C HIS E 64 47.19 -32.30 19.44
N ALA E 65 46.57 -31.38 20.17
CA ALA E 65 46.81 -29.97 19.98
C ALA E 65 48.29 -29.63 20.24
N ALA E 66 48.90 -30.23 21.26
CA ALA E 66 50.32 -29.99 21.52
C ALA E 66 51.18 -30.49 20.36
N LYS E 67 50.83 -31.68 19.84
CA LYS E 67 51.58 -32.24 18.73
C LYS E 67 51.50 -31.26 17.54
N ALA E 68 50.28 -30.79 17.25
CA ALA E 68 50.02 -29.93 16.10
C ALA E 68 50.73 -28.59 16.26
N VAL E 69 50.90 -28.09 17.48
CA VAL E 69 51.57 -26.81 17.66
C VAL E 69 53.08 -26.99 17.51
N GLY E 70 53.57 -28.24 17.46
CA GLY E 70 55.00 -28.49 17.38
C GLY E 70 55.67 -28.62 18.75
N ALA E 71 54.88 -28.72 19.82
CA ALA E 71 55.44 -28.93 21.16
C ALA E 71 55.91 -30.39 21.28
N LYS E 72 56.95 -30.62 22.09
CA LYS E 72 57.49 -31.96 22.26
C LYS E 72 57.28 -32.46 23.69
N TYR E 73 56.79 -31.57 24.56
CA TYR E 73 56.41 -31.94 25.91
C TYR E 73 55.29 -31.02 26.39
N ILE E 74 54.63 -31.46 27.47
CA ILE E 74 53.55 -30.72 28.10
C ILE E 74 53.82 -30.70 29.60
N VAL E 75 53.76 -29.50 30.18
CA VAL E 75 53.83 -29.31 31.61
C VAL E 75 52.39 -29.06 32.09
N LEU E 76 51.82 -30.01 32.85
CA LEU E 76 50.49 -29.86 33.41
C LEU E 76 50.58 -29.55 34.91
N THR E 77 49.76 -28.59 35.37
CA THR E 77 49.72 -28.24 36.78
C THR E 77 49.04 -29.40 37.54
N THR E 78 49.82 -30.19 38.30
CA THR E 78 49.24 -31.34 39.01
C THR E 78 48.70 -30.88 40.38
N LYS E 79 49.31 -29.81 40.92
CA LYS E 79 48.82 -29.14 42.11
C LYS E 79 49.39 -27.74 42.12
N HIS E 80 48.50 -26.74 42.18
CA HIS E 80 48.92 -25.34 42.21
C HIS E 80 48.95 -24.87 43.67
N HIS E 81 49.16 -23.57 43.89
CA HIS E 81 49.18 -23.01 45.23
C HIS E 81 47.89 -23.32 46.00
N GLU E 82 46.74 -23.30 45.30
CA GLU E 82 45.48 -23.62 45.93
C GLU E 82 45.54 -25.00 46.61
N GLY E 83 46.43 -25.89 46.14
CA GLY E 83 46.75 -27.10 46.87
C GLY E 83 45.86 -28.28 46.48
N PHE E 84 45.02 -28.12 45.43
CA PHE E 84 44.18 -29.21 44.97
C PHE E 84 44.92 -30.08 43.96
N PHE E 85 44.89 -31.40 44.15
CA PHE E 85 45.63 -32.34 43.34
C PHE E 85 44.76 -32.92 42.22
N LEU E 86 45.31 -32.92 40.99
CA LEU E 86 44.59 -33.40 39.82
C LEU E 86 44.81 -34.90 39.63
N TYR E 87 45.41 -35.56 40.64
CA TYR E 87 45.61 -37.00 40.57
C TYR E 87 45.19 -37.67 41.89
N ASP E 88 45.18 -39.01 41.90
CA ASP E 88 44.84 -39.78 43.08
C ASP E 88 46.01 -39.77 44.05
N THR E 89 45.87 -39.09 45.20
CA THR E 89 47.00 -39.04 46.13
C THR E 89 47.04 -40.27 47.03
N LYS E 90 46.18 -41.26 46.79
CA LYS E 90 46.18 -42.54 47.49
C LYS E 90 46.14 -42.34 49.00
N GLY E 91 45.25 -41.46 49.49
CA GLY E 91 45.08 -41.24 50.91
C GLY E 91 45.92 -40.09 51.49
N LEU E 92 46.86 -39.52 50.75
CA LEU E 92 47.62 -38.39 51.29
C LEU E 92 46.70 -37.22 51.60
N SER E 93 45.69 -36.99 50.74
CA SER E 93 44.82 -35.84 50.91
C SER E 93 43.43 -36.19 50.41
N ASP E 94 42.43 -35.54 51.00
CA ASP E 94 41.06 -35.64 50.48
C ASP E 94 40.77 -34.54 49.47
N PHE E 95 41.72 -33.61 49.29
CA PHE E 95 41.49 -32.48 48.40
C PHE E 95 42.08 -32.83 47.03
N ASP E 96 41.51 -33.85 46.39
CA ASP E 96 42.06 -34.37 45.15
C ASP E 96 40.92 -34.76 44.22
N VAL E 97 41.26 -35.10 42.97
CA VAL E 97 40.23 -35.29 41.97
C VAL E 97 39.41 -36.55 42.28
N MET E 98 39.97 -37.47 43.09
CA MET E 98 39.20 -38.68 43.40
C MET E 98 38.03 -38.36 44.34
N HIS E 99 38.05 -37.18 44.96
CA HIS E 99 36.99 -36.74 45.86
C HIS E 99 36.13 -35.67 45.19
N ALA E 100 36.26 -35.53 43.91
CA ALA E 100 35.43 -34.64 43.17
C ALA E 100 34.52 -35.46 42.30
N PRO E 101 33.54 -34.84 41.68
CA PRO E 101 32.59 -35.47 40.80
C PRO E 101 33.24 -36.16 39.61
N ALA E 102 34.32 -35.62 39.10
CA ALA E 102 35.02 -36.20 37.99
C ALA E 102 35.48 -37.61 38.27
N ARG E 103 36.02 -37.90 39.44
CA ARG E 103 36.45 -39.25 39.82
C ARG E 103 37.36 -39.92 38.81
N ARG E 104 38.31 -39.17 38.29
CA ARG E 104 39.22 -39.68 37.30
C ARG E 104 40.63 -39.23 37.64
N ASP E 105 41.61 -40.10 37.50
CA ASP E 105 42.96 -39.66 37.75
C ASP E 105 43.36 -39.03 36.44
N LEU E 106 43.33 -37.69 36.44
CA LEU E 106 43.53 -36.90 35.23
C LEU E 106 45.00 -37.00 34.81
N ILE E 107 45.91 -37.14 35.77
CA ILE E 107 47.31 -37.32 35.45
C ILE E 107 47.51 -38.64 34.70
N ALA E 108 46.78 -39.72 35.06
CA ALA E 108 46.92 -40.99 34.36
C ALA E 108 46.46 -40.80 32.91
N GLU E 109 45.33 -40.10 32.72
CA GLU E 109 44.81 -39.88 31.38
C GLU E 109 45.84 -39.07 30.59
N PHE E 110 46.47 -38.11 31.26
CA PHE E 110 47.41 -37.20 30.63
C PHE E 110 48.65 -37.96 30.17
N VAL E 111 49.18 -38.84 31.02
CA VAL E 111 50.42 -39.51 30.68
C VAL E 111 50.16 -40.47 29.52
N ALA E 112 49.01 -41.15 29.52
CA ALA E 112 48.70 -42.09 28.45
C ALA E 112 48.58 -41.32 27.13
N ALA E 113 47.90 -40.17 27.15
CA ALA E 113 47.71 -39.37 25.95
C ALA E 113 49.04 -38.84 25.42
N CYS E 114 49.95 -38.44 26.33
CA CYS E 114 51.27 -37.96 25.92
C CYS E 114 52.06 -39.07 25.23
N ARG E 115 52.02 -40.28 25.80
CA ARG E 115 52.83 -41.38 25.27
C ARG E 115 52.37 -41.73 23.86
N GLU E 116 51.05 -41.70 23.60
CA GLU E 116 50.55 -42.08 22.29
C GLU E 116 50.95 -41.05 21.23
N GLU E 117 51.27 -39.81 21.62
CA GLU E 117 51.63 -38.78 20.66
C GLU E 117 53.14 -38.55 20.68
N ASP E 118 53.86 -39.38 21.44
CA ASP E 118 55.30 -39.27 21.54
C ASP E 118 55.72 -37.94 22.20
N LEU E 119 54.93 -37.46 23.17
CA LEU E 119 55.27 -36.25 23.91
C LEU E 119 55.71 -36.66 25.31
N LEU E 120 56.66 -35.91 25.89
CA LEU E 120 57.06 -36.15 27.26
C LEU E 120 56.08 -35.48 28.22
N PRO E 121 55.51 -36.23 29.20
CA PRO E 121 54.68 -35.63 30.23
C PRO E 121 55.50 -35.04 31.36
N PHE E 122 55.27 -33.77 31.69
CA PHE E 122 55.97 -33.13 32.80
C PHE E 122 54.95 -32.71 33.83
N PHE E 123 55.32 -32.77 35.09
CA PHE E 123 54.43 -32.40 36.16
C PHE E 123 54.81 -31.15 36.92
N TYR E 124 53.91 -30.19 36.96
CA TYR E 124 54.15 -28.98 37.68
C TYR E 124 53.62 -29.17 39.07
N MET E 125 54.43 -28.85 40.05
CA MET E 125 54.05 -28.92 41.44
C MET E 125 54.40 -27.62 42.17
N ALA E 126 53.42 -26.98 42.77
CA ALA E 126 53.67 -25.76 43.53
C ALA E 126 54.18 -26.12 44.92
N THR E 127 55.26 -25.48 45.35
CA THR E 127 55.81 -25.86 46.65
C THR E 127 55.25 -24.94 47.72
N TYR E 128 54.81 -23.73 47.35
CA TYR E 128 54.08 -22.86 48.25
C TYR E 128 52.60 -23.25 48.21
N ASP E 129 52.08 -23.78 49.33
CA ASP E 129 50.78 -24.44 49.35
C ASP E 129 49.85 -23.68 50.31
N TRP E 130 48.64 -23.32 49.85
CA TRP E 130 47.67 -22.55 50.63
C TRP E 130 46.65 -23.48 51.30
N HIS E 131 46.67 -24.76 50.97
CA HIS E 131 45.61 -25.64 51.45
C HIS E 131 45.94 -26.22 52.83
N THR E 132 47.11 -26.85 52.95
CA THR E 132 47.45 -27.52 54.20
C THR E 132 47.97 -26.51 55.21
N PRO E 133 47.41 -26.45 56.44
CA PRO E 133 47.95 -25.59 57.50
C PRO E 133 49.37 -25.98 57.92
N LEU E 134 49.83 -27.18 57.54
CA LEU E 134 51.21 -27.58 57.79
C LEU E 134 52.18 -26.52 57.27
N TYR E 135 51.83 -25.84 56.16
CA TYR E 135 52.79 -24.98 55.48
C TYR E 135 53.30 -23.91 56.46
N ASP E 136 52.40 -23.20 57.15
CA ASP E 136 52.81 -22.19 58.11
C ASP E 136 53.05 -22.76 59.51
N ASP E 137 52.27 -23.78 59.90
CA ASP E 137 52.20 -24.22 61.28
C ASP E 137 53.26 -25.29 61.63
N ASP E 138 53.79 -26.01 60.63
CA ASP E 138 54.71 -27.10 60.89
C ASP E 138 55.48 -27.45 59.61
N PHE E 139 56.43 -26.59 59.27
CA PHE E 139 57.09 -26.64 57.99
C PHE E 139 57.78 -27.98 57.76
N PRO E 140 58.53 -28.55 58.74
CA PRO E 140 59.10 -29.89 58.58
C PRO E 140 58.08 -30.95 58.18
N ALA E 141 56.88 -30.89 58.77
CA ALA E 141 55.84 -31.84 58.38
C ALA E 141 55.32 -31.53 56.96
N TYR E 142 55.26 -30.24 56.61
CA TYR E 142 54.89 -29.81 55.27
C TYR E 142 55.85 -30.46 54.25
N LEU E 143 57.16 -30.40 54.55
CA LEU E 143 58.14 -30.99 53.67
C LEU E 143 57.85 -32.47 53.42
N THR E 144 57.45 -33.19 54.48
CA THR E 144 57.13 -34.61 54.36
C THR E 144 55.92 -34.77 53.43
N TYR E 145 54.92 -33.89 53.61
CA TYR E 145 53.72 -33.94 52.78
C TYR E 145 54.05 -33.65 51.30
N LEU E 146 54.86 -32.61 51.08
CA LEU E 146 55.26 -32.26 49.73
C LEU E 146 55.97 -33.46 49.10
N GLN E 147 56.95 -34.00 49.84
CA GLN E 147 57.75 -35.10 49.34
C GLN E 147 56.89 -36.31 48.98
N LYS E 148 55.91 -36.60 49.85
CA LYS E 148 55.07 -37.75 49.60
C LYS E 148 54.19 -37.53 48.35
N SER E 149 53.75 -36.27 48.16
CA SER E 149 52.92 -35.98 47.00
C SER E 149 53.70 -36.19 45.71
N VAL E 150 55.00 -35.91 45.75
CA VAL E 150 55.85 -36.10 44.60
C VAL E 150 56.16 -37.58 44.40
N GLU E 151 56.33 -38.28 45.53
CA GLU E 151 56.59 -39.72 45.48
C GLU E 151 55.43 -40.43 44.79
N VAL E 152 54.18 -40.03 45.06
CA VAL E 152 53.05 -40.65 44.36
C VAL E 152 53.23 -40.50 42.84
N LEU E 153 53.64 -39.29 42.41
CA LEU E 153 53.82 -39.01 40.99
C LEU E 153 54.97 -39.82 40.42
N CYS E 154 56.01 -40.08 41.23
CA CYS E 154 57.14 -40.86 40.76
C CYS E 154 56.87 -42.37 40.72
N ARG E 155 55.79 -42.86 41.32
CA ARG E 155 55.69 -44.31 41.47
C ARG E 155 54.45 -44.90 40.80
N ASN E 156 53.53 -44.06 40.30
CA ASN E 156 52.23 -44.59 39.93
C ASN E 156 51.91 -44.39 38.45
N TYR E 157 52.77 -43.73 37.72
CA TYR E 157 52.44 -43.44 36.35
C TYR E 157 53.41 -43.89 35.32
N GLY E 158 54.42 -44.64 35.72
CA GLY E 158 55.44 -45.05 34.80
C GLY E 158 56.48 -43.97 34.64
N PRO E 159 57.33 -44.10 33.65
CA PRO E 159 58.38 -43.14 33.39
C PRO E 159 57.83 -41.77 33.10
N VAL E 160 58.39 -40.80 33.78
CA VAL E 160 57.94 -39.46 33.73
C VAL E 160 58.95 -38.57 33.06
N GLY E 161 58.48 -37.71 32.17
CA GLY E 161 59.35 -36.81 31.49
C GLY E 161 60.08 -35.84 32.39
N GLY E 162 59.40 -35.26 33.34
CA GLY E 162 60.06 -34.33 34.24
C GLY E 162 59.12 -33.72 35.26
N PHE E 163 59.72 -32.96 36.19
CA PHE E 163 58.99 -32.26 37.23
C PHE E 163 59.35 -30.79 37.09
N TRP E 164 58.36 -29.94 37.33
CA TRP E 164 58.53 -28.51 37.20
C TRP E 164 58.14 -27.86 38.53
N PHE E 165 59.16 -27.49 39.31
CA PHE E 165 58.91 -27.05 40.68
C PHE E 165 58.81 -25.54 40.74
N ASP E 166 57.70 -25.06 41.27
CA ASP E 166 57.44 -23.66 41.40
C ASP E 166 57.51 -23.17 42.85
N GLY E 167 58.56 -22.41 43.08
CA GLY E 167 58.91 -21.81 44.35
C GLY E 167 58.86 -20.31 44.43
N ASN E 168 58.05 -19.64 43.64
CA ASN E 168 57.96 -18.23 43.85
C ASN E 168 57.09 -18.04 45.09
N TRP E 169 57.37 -17.02 45.90
CA TRP E 169 56.73 -16.73 47.19
C TRP E 169 57.02 -17.77 48.29
N ASN E 170 58.17 -18.43 48.14
CA ASN E 170 58.67 -19.42 49.05
C ASN E 170 59.30 -18.77 50.23
N LYS E 171 59.65 -19.60 51.18
CA LYS E 171 60.51 -19.03 52.21
C LYS E 171 61.94 -19.21 51.69
N LYS E 172 62.59 -18.09 51.34
CA LYS E 172 63.90 -18.17 50.69
C LYS E 172 64.99 -18.57 51.68
N ASP E 173 64.72 -18.40 52.99
CA ASP E 173 65.71 -18.68 54.03
C ASP E 173 65.61 -20.12 54.53
N ALA E 174 64.42 -20.72 54.45
CA ALA E 174 64.14 -22.00 55.07
C ALA E 174 64.87 -23.13 54.36
N ASP E 175 65.05 -24.24 55.08
CA ASP E 175 65.70 -25.42 54.55
C ASP E 175 64.64 -26.29 53.91
N TRP E 176 64.73 -26.47 52.59
CA TRP E 176 63.72 -27.15 51.80
C TRP E 176 64.06 -28.62 51.64
N HIS E 177 65.19 -29.05 52.14
CA HIS E 177 65.58 -30.43 52.05
C HIS E 177 65.52 -30.94 50.63
N LEU E 178 66.09 -30.17 49.73
CA LEU E 178 66.12 -30.53 48.33
C LEU E 178 66.88 -31.81 48.06
N PRO E 179 67.98 -32.05 48.78
CA PRO E 179 68.69 -33.29 48.50
C PRO E 179 67.86 -34.51 48.73
N GLU E 180 67.06 -34.56 49.78
CA GLU E 180 66.17 -35.67 49.98
C GLU E 180 65.01 -35.73 48.97
N LEU E 181 64.44 -34.58 48.64
CA LEU E 181 63.38 -34.58 47.67
C LEU E 181 63.87 -34.94 46.29
N TYR E 182 64.91 -34.28 45.83
CA TYR E 182 65.45 -34.57 44.52
C TYR E 182 66.07 -35.95 44.44
N GLY E 183 66.68 -36.36 45.54
CA GLY E 183 67.27 -37.67 45.65
C GLY E 183 66.23 -38.75 45.51
N MET E 184 65.07 -38.54 46.10
CA MET E 184 63.97 -39.44 46.00
C MET E 184 63.54 -39.56 44.55
N ILE E 185 63.48 -38.45 43.84
CA ILE E 185 63.08 -38.45 42.45
C ILE E 185 64.03 -39.22 41.58
N ARG E 186 65.33 -39.05 41.81
CA ARG E 186 66.34 -39.76 41.05
C ARG E 186 66.25 -41.24 41.27
N HIS E 187 65.96 -41.66 42.49
CA HIS E 187 65.81 -43.05 42.76
C HIS E 187 64.66 -43.67 42.01
N TYR E 188 63.51 -43.03 41.98
CA TYR E 188 62.39 -43.63 41.26
C TYR E 188 62.26 -43.27 39.80
N GLN E 189 62.81 -42.14 39.41
CA GLN E 189 62.71 -41.62 38.05
C GLN E 189 64.10 -41.15 37.64
N PRO E 190 65.08 -42.05 37.47
CA PRO E 190 66.45 -41.62 37.19
C PRO E 190 66.54 -40.69 35.97
N ASN E 191 65.61 -40.85 35.03
CA ASN E 191 65.69 -40.17 33.75
C ASN E 191 64.85 -38.89 33.68
N ALA E 192 64.18 -38.52 34.78
CA ALA E 192 63.27 -37.38 34.77
C ALA E 192 64.06 -36.07 34.71
N ILE E 193 63.56 -35.07 33.98
CA ILE E 193 64.17 -33.75 34.04
C ILE E 193 63.63 -33.01 35.26
N ILE E 194 64.52 -32.46 36.09
CA ILE E 194 64.05 -31.64 37.19
C ILE E 194 64.24 -30.17 36.84
N VAL E 195 63.13 -29.45 36.78
CA VAL E 195 63.12 -28.05 36.49
C VAL E 195 62.74 -27.24 37.70
N SER E 196 63.48 -26.20 37.97
CA SER E 196 63.18 -25.35 39.08
C SER E 196 63.03 -23.90 38.71
N ASN E 197 61.95 -23.32 39.18
CA ASN E 197 61.62 -21.94 39.05
C ASN E 197 62.55 -21.07 39.86
N THR E 198 63.02 -21.58 40.97
CA THR E 198 63.95 -20.89 41.80
C THR E 198 65.37 -21.11 41.27
N GLN E 205 75.13 -19.86 41.49
CA GLN E 205 75.16 -21.27 41.95
C GLN E 205 73.75 -21.85 41.93
N VAL E 206 73.63 -23.12 41.51
CA VAL E 206 72.37 -23.86 41.42
C VAL E 206 71.91 -24.23 42.82
N SER E 207 70.59 -24.37 43.02
CA SER E 207 70.08 -24.58 44.36
C SER E 207 70.28 -26.02 44.85
N ASP E 208 70.51 -26.95 43.91
CA ASP E 208 70.80 -28.32 44.26
C ASP E 208 71.47 -29.00 43.07
N PRO E 209 72.48 -29.88 43.29
CA PRO E 209 73.12 -30.60 42.19
C PRO E 209 72.16 -31.35 41.27
N GLU E 210 70.99 -31.75 41.77
CA GLU E 210 70.12 -32.62 40.98
C GLU E 210 69.26 -31.85 39.98
N ILE E 211 69.22 -30.52 40.10
CA ILE E 211 68.47 -29.69 39.15
C ILE E 211 69.09 -29.81 37.76
N ASP E 212 68.25 -30.03 36.78
CA ASP E 212 68.67 -30.14 35.42
C ASP E 212 68.43 -28.88 34.60
N VAL E 213 67.37 -28.16 34.92
CA VAL E 213 66.97 -26.98 34.19
C VAL E 213 66.58 -25.87 35.14
N VAL E 214 66.93 -24.66 34.81
CA VAL E 214 66.62 -23.47 35.54
C VAL E 214 65.80 -22.57 34.61
N THR E 215 64.81 -21.87 35.15
CA THR E 215 64.00 -20.93 34.40
C THR E 215 64.60 -19.52 34.29
N TYR E 216 64.24 -18.81 33.25
CA TYR E 216 64.76 -17.48 32.99
C TYR E 216 63.69 -16.52 32.50
N GLU E 217 63.91 -15.24 32.71
CA GLU E 217 63.01 -14.19 32.27
C GLU E 217 62.93 -14.23 30.78
N ARG E 218 61.76 -13.92 30.26
CA ARG E 218 61.49 -13.95 28.85
C ARG E 218 62.37 -13.04 28.05
N ARG E 219 62.64 -11.89 28.59
CA ARG E 219 63.39 -10.88 27.91
C ARG E 219 64.90 -10.96 28.13
N THR E 220 65.39 -12.07 28.64
CA THR E 220 66.82 -12.21 28.85
C THR E 220 67.46 -12.07 27.49
N PRO E 221 68.35 -11.11 27.36
CA PRO E 221 69.09 -10.70 26.16
C PRO E 221 70.16 -11.59 25.62
N ASP E 222 70.89 -12.21 26.51
CA ASP E 222 72.07 -12.95 26.09
C ASP E 222 71.90 -14.44 26.36
N GLU E 223 72.73 -15.26 25.70
CA GLU E 223 72.78 -16.70 25.91
C GLU E 223 72.87 -17.00 27.42
N ILE E 224 72.09 -18.01 27.86
CA ILE E 224 71.85 -18.22 29.28
C ILE E 224 73.06 -18.88 29.95
N TYR E 225 73.01 -18.95 31.28
CA TYR E 225 74.08 -19.51 32.08
C TYR E 225 73.91 -21.02 32.23
N HIS E 226 74.98 -21.78 31.98
CA HIS E 226 74.89 -23.23 31.99
C HIS E 226 75.56 -23.89 33.19
N GLY E 227 75.97 -23.11 34.20
CA GLY E 227 76.64 -23.59 35.41
C GLY E 227 78.16 -23.38 35.37
N ALA E 228 78.83 -23.51 36.53
CA ALA E 228 80.25 -23.22 36.69
C ALA E 228 81.10 -24.19 35.87
N PRO E 229 82.35 -23.83 35.49
CA PRO E 229 83.04 -24.50 34.38
C PRO E 229 83.43 -25.97 34.61
N ASN E 230 83.48 -26.41 35.88
CA ASN E 230 83.88 -27.78 36.17
C ASN E 230 82.69 -28.63 36.63
N GLU E 231 81.48 -28.09 36.52
CA GLU E 231 80.30 -28.65 37.18
C GLU E 231 79.28 -29.13 36.15
N LYS E 232 78.20 -29.73 36.64
CA LYS E 232 77.11 -30.21 35.81
C LYS E 232 76.59 -29.07 34.93
N TYR E 233 76.44 -29.35 33.63
CA TYR E 233 75.74 -28.45 32.74
C TYR E 233 74.25 -28.44 33.08
N VAL E 234 73.67 -27.25 33.27
CA VAL E 234 72.24 -27.12 33.47
C VAL E 234 71.64 -26.34 32.29
N ALA E 235 70.49 -26.81 31.78
CA ALA E 235 69.80 -26.17 30.68
C ALA E 235 68.94 -25.02 31.22
N GLY E 236 68.27 -24.32 30.30
CA GLY E 236 67.45 -23.16 30.64
C GLY E 236 66.11 -23.18 29.89
N GLU E 237 65.12 -22.51 30.46
CA GLU E 237 63.77 -22.48 29.88
C GLU E 237 63.15 -21.11 30.15
N ILE E 238 62.44 -20.58 29.16
CA ILE E 238 61.64 -19.40 29.39
C ILE E 238 60.18 -19.76 29.15
N SER E 239 59.28 -18.92 29.61
CA SER E 239 57.84 -19.14 29.64
C SER E 239 57.15 -17.89 29.14
N ILE E 240 56.05 -18.09 28.41
CA ILE E 240 55.21 -16.98 28.03
C ILE E 240 53.76 -17.41 28.24
N THR E 241 52.95 -16.49 28.78
CA THR E 241 51.51 -16.73 28.76
C THR E 241 50.89 -15.69 27.82
N LEU E 242 49.66 -15.94 27.39
CA LEU E 242 49.10 -15.20 26.27
C LEU E 242 48.57 -13.83 26.71
N ASN E 243 47.97 -13.75 27.90
CA ASN E 243 47.59 -12.46 28.48
C ASN E 243 48.45 -12.21 29.71
N GLN E 244 47.86 -11.63 30.77
CA GLN E 244 48.63 -11.29 31.96
C GLN E 244 48.56 -12.41 32.99
N HIS E 245 47.72 -13.43 32.77
CA HIS E 245 47.46 -14.45 33.78
C HIS E 245 47.84 -15.83 33.24
N TRP E 246 48.06 -16.78 34.14
CA TRP E 246 48.44 -18.13 33.76
C TRP E 246 47.22 -19.04 33.71
N GLY E 247 46.38 -19.01 34.76
CA GLY E 247 45.07 -19.61 34.70
C GLY E 247 44.15 -18.75 33.82
N ILE E 248 43.02 -19.30 33.37
CA ILE E 248 42.09 -18.55 32.54
C ILE E 248 41.60 -17.31 33.27
N ALA E 249 41.49 -16.20 32.55
CA ALA E 249 41.06 -14.92 33.11
C ALA E 249 40.17 -14.21 32.08
N ALA E 250 38.86 -14.36 32.24
CA ALA E 250 37.89 -14.05 31.20
C ALA E 250 37.94 -12.56 30.85
N ASN E 251 38.14 -11.68 31.83
CA ASN E 251 38.16 -10.26 31.54
C ASN E 251 39.58 -9.70 31.49
N ASP E 252 40.57 -10.57 31.23
CA ASP E 252 41.89 -10.09 30.91
C ASP E 252 41.96 -10.02 29.39
N LEU E 253 41.88 -8.80 28.83
CA LEU E 253 41.82 -8.59 27.39
C LEU E 253 43.20 -8.28 26.85
N ASN E 254 44.19 -8.23 27.77
CA ASN E 254 45.50 -7.73 27.46
C ASN E 254 46.37 -8.87 26.91
N TYR E 255 45.95 -9.42 25.76
CA TYR E 255 46.69 -10.46 25.06
C TYR E 255 47.84 -9.86 24.26
N LYS E 256 48.96 -10.59 24.24
CA LYS E 256 50.11 -10.29 23.39
C LYS E 256 49.76 -10.64 21.94
N SER E 257 50.48 -10.02 21.00
CA SER E 257 50.23 -10.36 19.60
C SER E 257 50.78 -11.77 19.33
N PRO E 258 50.14 -12.53 18.43
CA PRO E 258 50.76 -13.75 17.92
C PRO E 258 52.19 -13.51 17.40
N ALA E 259 52.45 -12.32 16.86
CA ALA E 259 53.78 -12.01 16.35
C ALA E 259 54.78 -12.05 17.51
N GLU E 260 54.40 -11.44 18.64
CA GLU E 260 55.31 -11.42 19.78
C GLU E 260 55.55 -12.86 20.29
N MET E 261 54.51 -13.69 20.24
CA MET E 261 54.65 -15.09 20.63
C MET E 261 55.71 -15.77 19.77
N ILE E 262 55.61 -15.60 18.44
CA ILE E 262 56.55 -16.21 17.51
C ILE E 262 57.96 -15.67 17.78
N GLU E 263 58.10 -14.35 18.00
CA GLU E 263 59.41 -13.79 18.26
C GLU E 263 59.99 -14.35 19.54
N THR E 264 59.13 -14.64 20.53
CA THR E 264 59.62 -15.10 21.81
C THR E 264 60.14 -16.53 21.66
N VAL E 265 59.42 -17.35 20.87
CA VAL E 265 59.86 -18.71 20.62
C VAL E 265 61.23 -18.68 19.94
N ALA E 266 61.37 -17.84 18.90
CA ALA E 266 62.64 -17.74 18.20
C ALA E 266 63.73 -17.29 19.16
N HIS E 267 63.43 -16.31 19.99
CA HIS E 267 64.35 -15.75 20.95
C HIS E 267 64.85 -16.76 21.97
N ALA E 268 63.99 -17.66 22.38
CA ALA E 268 64.39 -18.68 23.32
C ALA E 268 65.47 -19.53 22.71
N ARG E 269 65.29 -19.91 21.47
CA ARG E 269 66.25 -20.70 20.76
C ARG E 269 67.55 -19.96 20.58
N HIS E 270 67.48 -18.68 20.31
CA HIS E 270 68.62 -17.85 20.12
C HIS E 270 69.47 -17.75 21.38
N ILE E 271 68.87 -17.75 22.54
CA ILE E 271 69.66 -17.65 23.76
C ILE E 271 69.95 -19.05 24.32
N GLY E 272 69.49 -20.11 23.65
CA GLY E 272 69.86 -21.45 24.05
C GLY E 272 68.98 -22.00 25.17
N ALA E 273 67.68 -21.74 25.07
CA ALA E 273 66.73 -22.16 26.09
C ALA E 273 65.56 -22.83 25.38
N ASN E 274 64.82 -23.65 26.14
CA ASN E 274 63.52 -24.11 25.72
C ASN E 274 62.52 -22.98 25.97
N ILE E 275 61.34 -23.13 25.37
CA ILE E 275 60.27 -22.20 25.69
C ILE E 275 58.99 -22.98 25.95
N LEU E 276 58.28 -22.55 27.01
CA LEU E 276 56.94 -23.02 27.31
C LEU E 276 55.94 -21.95 26.89
N VAL E 277 54.94 -22.36 26.11
CA VAL E 277 53.81 -21.49 25.83
C VAL E 277 52.64 -21.94 26.68
N ASN E 278 52.09 -21.02 27.48
CA ASN E 278 51.10 -21.38 28.47
C ASN E 278 49.68 -21.17 27.97
N ILE E 279 48.79 -22.13 28.27
CA ILE E 279 47.36 -21.92 28.12
C ILE E 279 46.64 -22.28 29.43
N GLY E 280 45.57 -21.55 29.75
CA GLY E 280 44.74 -21.86 30.90
C GLY E 280 43.45 -22.54 30.43
N LEU E 281 43.16 -23.77 30.93
CA LEU E 281 41.92 -24.44 30.56
C LEU E 281 40.73 -23.77 31.21
N THR E 282 39.55 -24.00 30.63
CA THR E 282 38.29 -23.61 31.28
C THR E 282 38.07 -24.46 32.54
N GLY E 283 37.08 -24.04 33.34
CA GLY E 283 36.70 -24.73 34.56
C GLY E 283 36.60 -26.25 34.35
N THR E 284 35.93 -26.66 33.25
CA THR E 284 35.66 -28.06 32.96
C THR E 284 36.78 -28.74 32.17
N GLY E 285 37.86 -28.01 31.83
CA GLY E 285 39.00 -28.69 31.26
C GLY E 285 39.14 -28.54 29.73
N ALA E 286 38.39 -27.64 29.08
CA ALA E 286 38.53 -27.43 27.64
C ALA E 286 39.65 -26.41 27.36
N ILE E 287 40.29 -26.54 26.20
CA ILE E 287 41.15 -25.49 25.69
C ILE E 287 40.23 -24.34 25.25
N PRO E 288 40.36 -23.12 25.80
CA PRO E 288 39.52 -22.02 25.34
C PRO E 288 39.81 -21.63 23.88
N ALA E 289 38.79 -21.09 23.21
CA ALA E 289 38.88 -20.71 21.81
C ALA E 289 40.06 -19.77 21.56
N ALA E 290 40.31 -18.83 22.48
CA ALA E 290 41.39 -17.85 22.30
C ALA E 290 42.74 -18.56 22.20
N ALA E 291 42.93 -19.58 23.05
CA ALA E 291 44.19 -20.31 23.08
C ALA E 291 44.35 -21.10 21.78
N GLN E 292 43.25 -21.68 21.28
CA GLN E 292 43.25 -22.39 20.01
C GLN E 292 43.77 -21.49 18.89
N THR E 293 43.31 -20.24 18.81
CA THR E 293 43.75 -19.33 17.76
C THR E 293 45.27 -19.17 17.80
N TYR E 294 45.83 -18.93 19.00
CA TYR E 294 47.26 -18.74 19.13
C TYR E 294 48.01 -20.02 18.77
N MET E 295 47.48 -21.16 19.19
CA MET E 295 48.12 -22.43 18.87
C MET E 295 48.12 -22.69 17.37
N HIS E 296 47.01 -22.40 16.67
CA HIS E 296 46.96 -22.59 15.23
CA HIS E 296 46.95 -22.58 15.22
C HIS E 296 48.01 -21.72 14.55
N LEU E 297 48.16 -20.46 14.98
CA LEU E 297 49.13 -19.58 14.34
C LEU E 297 50.54 -20.05 14.64
N LEU E 298 50.83 -20.37 15.91
CA LEU E 298 52.15 -20.83 16.29
C LEU E 298 52.48 -22.11 15.52
N GLY E 299 51.48 -22.99 15.37
CA GLY E 299 51.67 -24.27 14.71
C GLY E 299 52.09 -24.10 13.25
N ARG E 300 51.58 -23.07 12.57
CA ARG E 300 52.00 -22.87 11.21
C ARG E 300 53.48 -22.46 11.21
N TRP E 301 53.88 -21.63 12.18
CA TRP E 301 55.27 -21.21 12.21
C TRP E 301 56.18 -22.40 12.53
N THR E 302 55.82 -23.19 13.54
CA THR E 302 56.73 -24.23 13.98
C THR E 302 56.86 -25.32 12.92
N ALA E 303 55.78 -25.60 12.16
CA ALA E 303 55.90 -26.54 11.06
C ALA E 303 56.92 -26.04 10.03
N MET E 304 56.89 -24.73 9.71
CA MET E 304 57.85 -24.18 8.76
C MET E 304 59.26 -24.23 9.36
N ALA E 305 59.40 -24.01 10.67
CA ALA E 305 60.71 -23.88 11.30
C ALA E 305 61.28 -25.23 11.78
N ALA E 306 60.55 -26.33 11.55
CA ALA E 306 60.95 -27.67 12.05
C ALA E 306 62.42 -28.01 11.77
N PRO E 307 63.01 -27.70 10.58
CA PRO E 307 64.41 -28.03 10.34
C PRO E 307 65.38 -27.46 11.39
N VAL E 308 64.99 -26.42 12.14
CA VAL E 308 65.98 -25.78 12.98
C VAL E 308 65.46 -25.67 14.41
N LEU E 309 64.15 -25.67 14.60
CA LEU E 309 63.58 -25.35 15.91
C LEU E 309 64.12 -26.30 17.00
N TYR E 310 64.27 -27.59 16.67
CA TYR E 310 64.62 -28.62 17.65
C TYR E 310 66.14 -28.72 17.81
N LYS E 311 66.89 -28.82 16.70
CA LYS E 311 68.33 -29.09 16.78
C LYS E 311 69.17 -27.82 16.75
N GLY E 312 68.57 -26.68 16.37
CA GLY E 312 69.34 -25.45 16.21
C GLY E 312 69.89 -24.97 17.55
N ARG E 313 71.16 -24.54 17.53
CA ARG E 313 71.81 -24.05 18.75
C ARG E 313 72.42 -22.69 18.46
N PRO E 314 72.61 -21.86 19.50
CA PRO E 314 73.33 -20.60 19.35
C PRO E 314 74.77 -20.82 18.88
N VAL E 315 75.37 -19.81 18.26
CA VAL E 315 76.67 -19.95 17.67
C VAL E 315 77.26 -18.55 17.63
N PRO E 316 78.60 -18.38 17.76
CA PRO E 316 79.19 -17.03 17.80
C PRO E 316 79.19 -16.36 16.41
N VAL E 317 77.99 -16.08 15.90
CA VAL E 317 77.79 -15.36 14.67
C VAL E 317 76.86 -14.22 15.02
N THR E 318 77.27 -12.98 14.77
CA THR E 318 76.43 -11.85 15.13
C THR E 318 75.83 -11.21 13.88
N SER E 319 74.78 -10.42 14.06
CA SER E 319 74.13 -9.73 12.96
C SER E 319 74.64 -8.28 12.92
N ALA E 320 74.48 -7.62 11.78
CA ALA E 320 74.92 -6.24 11.59
C ALA E 320 74.18 -5.27 12.53
N HIS E 321 74.79 -4.10 12.72
CA HIS E 321 74.23 -2.98 13.45
C HIS E 321 72.77 -2.71 13.04
N GLY E 322 71.90 -2.65 14.05
CA GLY E 322 70.54 -2.16 13.88
C GLY E 322 69.56 -3.22 13.39
N THR E 323 69.93 -4.50 13.46
CA THR E 323 68.99 -5.55 13.08
C THR E 323 68.86 -6.47 14.28
N ARG E 324 67.79 -7.27 14.31
CA ARG E 324 67.55 -8.19 15.40
C ARG E 324 67.80 -9.60 14.88
N ASP E 325 68.44 -9.74 13.71
CA ASP E 325 68.61 -11.05 13.08
C ASP E 325 69.57 -11.92 13.89
N PHE E 326 69.46 -13.24 13.76
CA PHE E 326 70.41 -14.09 14.46
C PHE E 326 70.57 -15.42 13.72
N VAL E 327 71.53 -16.23 14.20
CA VAL E 327 71.87 -17.47 13.49
C VAL E 327 71.71 -18.65 14.45
N LEU E 328 71.23 -19.78 13.93
CA LEU E 328 71.20 -21.03 14.67
C LEU E 328 71.96 -22.07 13.85
N HIS E 329 72.71 -22.93 14.56
CA HIS E 329 73.59 -23.93 13.97
C HIS E 329 73.04 -25.32 14.23
N THR E 330 72.91 -26.16 13.19
CA THR E 330 72.80 -27.60 13.39
C THR E 330 74.09 -28.23 12.84
N SER E 331 74.21 -29.56 12.94
CA SER E 331 75.44 -30.21 12.51
C SER E 331 75.62 -30.09 10.98
N LYS E 332 74.52 -30.06 10.21
CA LYS E 332 74.62 -29.98 8.76
C LYS E 332 74.45 -28.56 8.20
N HIS E 333 73.79 -27.63 8.91
CA HIS E 333 73.46 -26.34 8.30
C HIS E 333 73.55 -25.19 9.29
N ASP E 334 73.70 -23.96 8.77
CA ASP E 334 73.36 -22.77 9.53
C ASP E 334 72.03 -22.21 9.02
N PHE E 335 71.33 -21.49 9.91
CA PHE E 335 70.05 -20.89 9.57
C PHE E 335 70.06 -19.43 10.00
N LEU E 336 69.72 -18.55 9.07
CA LEU E 336 69.52 -17.13 9.36
C LEU E 336 68.07 -16.92 9.74
N CYS E 337 67.85 -16.38 10.95
CA CYS E 337 66.52 -16.02 11.43
C CYS E 337 66.39 -14.52 11.28
N ILE E 338 65.49 -14.11 10.38
CA ILE E 338 65.48 -12.73 9.96
C ILE E 338 64.14 -12.10 10.34
N LEU E 339 64.23 -10.96 11.05
CA LEU E 339 63.08 -10.24 11.59
C LEU E 339 62.86 -8.93 10.85
N ASP E 340 61.67 -8.34 11.02
CA ASP E 340 61.37 -7.00 10.52
C ASP E 340 61.35 -6.99 9.00
N LEU E 341 60.88 -8.07 8.38
CA LEU E 341 60.69 -8.06 6.93
C LEU E 341 59.31 -7.53 6.59
N GLN E 342 59.17 -7.00 5.38
CA GLN E 342 57.85 -6.56 4.92
C GLN E 342 57.33 -7.41 3.79
N VAL E 343 56.03 -7.27 3.49
CA VAL E 343 55.38 -7.95 2.39
C VAL E 343 55.72 -7.23 1.08
N VAL E 344 55.89 -8.00 0.00
CA VAL E 344 56.23 -7.48 -1.32
C VAL E 344 54.95 -7.25 -2.11
N GLY E 345 54.76 -6.02 -2.61
CA GLY E 345 53.74 -5.68 -3.62
C GLY E 345 54.22 -5.95 -5.06
N LYS E 346 53.80 -5.10 -6.00
CA LYS E 346 54.13 -5.33 -7.40
C LYS E 346 53.92 -4.03 -8.18
N ASP E 347 54.97 -3.55 -8.88
CA ASP E 347 54.89 -2.41 -9.79
C ASP E 347 54.56 -1.12 -9.03
N ASN E 348 53.31 -0.63 -9.18
CA ASN E 348 52.81 0.60 -8.57
C ASN E 348 52.47 0.39 -7.09
N VAL E 349 52.11 -0.86 -6.73
CA VAL E 349 51.63 -1.22 -5.40
C VAL E 349 52.84 -1.59 -4.53
N VAL E 350 53.24 -0.62 -3.69
CA VAL E 350 54.39 -0.69 -2.79
C VAL E 350 53.90 -1.05 -1.39
N LEU E 351 54.28 -2.25 -0.92
CA LEU E 351 53.90 -2.71 0.41
C LEU E 351 55.09 -2.65 1.40
N GLY E 352 56.31 -2.43 0.90
CA GLY E 352 57.46 -2.18 1.76
C GLY E 352 58.68 -3.07 1.52
N GLY E 353 58.48 -4.28 0.97
CA GLY E 353 59.54 -5.28 0.94
C GLY E 353 60.33 -5.42 -0.36
N GLU E 354 60.07 -4.56 -1.37
CA GLU E 354 60.46 -4.85 -2.76
C GLU E 354 61.91 -4.42 -3.10
N GLY E 355 62.48 -3.46 -2.37
CA GLY E 355 63.86 -3.06 -2.61
C GLY E 355 64.84 -4.14 -2.11
N VAL E 356 66.06 -4.14 -2.63
CA VAL E 356 67.07 -5.03 -2.12
C VAL E 356 67.31 -4.74 -0.64
N ASN E 357 67.46 -5.81 0.16
CA ASN E 357 67.42 -5.67 1.62
C ASN E 357 68.63 -6.39 2.21
N PRO E 358 69.83 -5.77 2.16
CA PRO E 358 71.05 -6.44 2.61
C PRO E 358 71.07 -6.62 4.12
N ARG E 359 71.14 -7.89 4.56
CA ARG E 359 71.28 -8.20 5.97
C ARG E 359 72.60 -8.94 6.11
N SER E 360 73.44 -8.49 7.03
CA SER E 360 74.78 -9.01 7.21
C SER E 360 74.94 -9.73 8.54
N PHE E 361 75.92 -10.65 8.57
CA PHE E 361 76.28 -11.48 9.71
C PHE E 361 77.80 -11.59 9.73
N VAL E 362 78.38 -11.68 10.92
CA VAL E 362 79.80 -11.75 11.10
C VAL E 362 80.09 -13.03 11.89
N GLY E 363 80.93 -13.91 11.34
CA GLY E 363 81.36 -15.12 12.03
C GLY E 363 81.22 -16.35 11.14
N ILE E 364 80.79 -16.16 9.87
CA ILE E 364 80.75 -17.30 8.96
C ILE E 364 81.99 -17.27 8.07
N GLY E 365 82.87 -18.29 8.24
CA GLY E 365 84.16 -18.33 7.58
C GLY E 365 84.25 -19.34 6.42
N GLN E 366 83.20 -20.12 6.18
CA GLN E 366 83.23 -21.18 5.18
C GLN E 366 82.49 -20.75 3.93
N PRO E 367 82.96 -21.12 2.72
CA PRO E 367 82.25 -20.79 1.50
C PRO E 367 80.85 -21.42 1.43
N ILE E 368 79.89 -20.64 0.95
CA ILE E 368 78.51 -21.08 0.93
C ILE E 368 78.15 -21.45 -0.50
N GLN E 369 77.36 -22.52 -0.65
CA GLN E 369 76.90 -22.91 -1.96
C GLN E 369 75.55 -22.27 -2.28
N ARG E 370 74.59 -22.34 -1.34
CA ARG E 370 73.23 -21.87 -1.60
C ARG E 370 72.57 -21.44 -0.29
N ILE E 371 71.66 -20.47 -0.39
CA ILE E 371 70.84 -20.05 0.75
C ILE E 371 69.41 -19.95 0.25
N HIS E 372 68.45 -20.47 1.03
CA HIS E 372 67.07 -20.43 0.58
C HIS E 372 66.12 -20.29 1.77
N TRP E 373 64.99 -19.61 1.53
CA TRP E 373 63.98 -19.44 2.56
C TRP E 373 63.28 -20.77 2.79
N LEU E 374 63.05 -21.15 4.05
CA LEU E 374 62.33 -22.39 4.38
C LEU E 374 60.88 -22.32 3.93
N ASP E 375 60.27 -21.13 3.91
CA ASP E 375 58.84 -21.10 3.68
C ASP E 375 58.50 -21.36 2.22
N ASN E 376 59.36 -20.98 1.25
CA ASN E 376 58.96 -21.14 -0.13
C ASN E 376 60.12 -21.62 -1.02
N ASP E 377 61.30 -21.90 -0.43
CA ASP E 377 62.47 -22.40 -1.15
C ASP E 377 63.08 -21.38 -2.13
N GLU E 378 62.74 -20.10 -2.03
CA GLU E 378 63.38 -19.12 -2.91
C GLU E 378 64.88 -19.04 -2.57
N VAL E 379 65.72 -19.05 -3.61
CA VAL E 379 67.17 -18.94 -3.45
C VAL E 379 67.52 -17.46 -3.28
N LEU E 380 68.38 -17.15 -2.31
CA LEU E 380 68.74 -15.77 -2.02
C LEU E 380 70.10 -15.45 -2.64
N SER E 381 70.28 -14.21 -3.09
CA SER E 381 71.64 -13.85 -3.48
C SER E 381 72.42 -13.41 -2.24
N PHE E 382 73.75 -13.56 -2.27
CA PHE E 382 74.60 -13.25 -1.13
C PHE E 382 76.01 -12.97 -1.62
N THR E 383 76.83 -12.35 -0.78
CA THR E 383 78.27 -12.21 -1.01
C THR E 383 78.95 -12.56 0.30
N GLN E 384 80.21 -12.98 0.26
CA GLN E 384 80.95 -13.25 1.47
C GLN E 384 82.29 -12.56 1.39
N ASP E 385 82.82 -12.13 2.54
CA ASP E 385 84.24 -11.86 2.72
C ASP E 385 84.75 -12.87 3.75
N LEU E 386 85.44 -13.90 3.26
CA LEU E 386 85.84 -15.04 4.08
C LEU E 386 86.90 -14.62 5.10
N ASP E 387 87.74 -13.64 4.76
CA ASP E 387 88.80 -13.28 5.70
C ASP E 387 88.21 -12.62 6.94
N LYS E 388 87.18 -11.76 6.76
CA LYS E 388 86.57 -11.05 7.87
C LYS E 388 85.33 -11.80 8.36
N LYS E 389 84.95 -12.87 7.66
CA LYS E 389 83.84 -13.74 8.03
C LYS E 389 82.51 -12.97 7.95
N VAL E 390 82.36 -12.18 6.89
CA VAL E 390 81.13 -11.45 6.67
C VAL E 390 80.30 -12.18 5.64
N LEU E 391 79.01 -12.32 5.92
CA LEU E 391 78.01 -12.77 4.97
C LEU E 391 76.95 -11.68 4.82
N THR E 392 76.61 -11.33 3.58
CA THR E 392 75.54 -10.37 3.33
C THR E 392 74.56 -11.03 2.39
N VAL E 393 73.28 -11.07 2.78
CA VAL E 393 72.27 -11.70 1.96
C VAL E 393 71.27 -10.63 1.57
N ASP E 394 70.65 -10.77 0.39
CA ASP E 394 69.50 -9.95 0.07
C ASP E 394 68.27 -10.67 0.59
N ALA E 395 67.77 -10.22 1.76
CA ALA E 395 66.62 -10.85 2.39
C ALA E 395 65.33 -10.34 1.75
N THR E 396 64.83 -11.03 0.72
CA THR E 396 63.62 -10.60 0.05
C THR E 396 62.44 -10.61 1.03
N GLY E 397 61.46 -9.74 0.78
CA GLY E 397 60.28 -9.63 1.61
C GLY E 397 59.32 -10.78 1.32
N TYR E 398 58.24 -10.85 2.12
CA TYR E 398 57.30 -11.95 2.01
C TYR E 398 56.54 -11.85 0.69
N PRO E 399 56.21 -13.00 0.07
CA PRO E 399 55.20 -12.99 -0.98
C PRO E 399 53.89 -12.44 -0.42
N TYR E 400 53.24 -11.60 -1.21
CA TYR E 400 51.91 -11.12 -0.88
C TYR E 400 51.08 -12.31 -0.36
N GLY E 401 50.31 -12.07 0.70
CA GLY E 401 49.43 -13.10 1.25
C GLY E 401 50.09 -13.89 2.37
N SER E 402 51.37 -13.60 2.68
CA SER E 402 51.99 -14.33 3.77
C SER E 402 52.87 -13.40 4.60
N ASP E 403 53.17 -13.80 5.84
CA ASP E 403 54.03 -13.02 6.74
C ASP E 403 54.36 -13.92 7.94
N TRP E 404 55.63 -14.36 7.99
CA TRP E 404 56.04 -15.41 8.91
C TRP E 404 56.55 -14.81 10.20
N VAL E 405 56.72 -13.47 10.23
CA VAL E 405 57.18 -12.76 11.42
C VAL E 405 58.67 -13.00 11.64
N VAL E 406 59.07 -14.28 11.82
CA VAL E 406 60.48 -14.62 11.83
C VAL E 406 60.71 -15.57 10.64
N ARG E 407 61.42 -15.08 9.62
CA ARG E 407 61.66 -15.85 8.41
C ARG E 407 63.04 -16.51 8.55
N ILE E 408 63.14 -17.73 8.02
CA ILE E 408 64.33 -18.54 8.26
C ILE E 408 64.91 -18.95 6.89
N ALA E 409 66.19 -18.64 6.73
CA ALA E 409 66.94 -19.03 5.53
C ALA E 409 67.93 -20.13 5.91
N GLN E 410 67.90 -21.22 5.14
CA GLN E 410 68.84 -22.32 5.35
C GLN E 410 70.08 -22.10 4.50
N ILE E 411 71.26 -22.17 5.14
CA ILE E 411 72.53 -22.10 4.44
C ILE E 411 73.02 -23.53 4.16
N ASP E 412 73.33 -23.83 2.88
CA ASP E 412 74.00 -25.05 2.46
C ASP E 412 75.46 -24.73 2.13
N TYR E 413 76.39 -25.38 2.83
CA TYR E 413 77.81 -25.17 2.63
C TYR E 413 78.33 -25.99 1.44
N GLU E 414 79.39 -25.45 0.81
CA GLU E 414 80.16 -26.15 -0.19
C GLU E 414 80.84 -27.38 0.47
N THR F 2 30.00 24.63 10.03
CA THR F 2 28.55 24.28 9.90
C THR F 2 28.24 23.15 10.88
N GLU F 3 26.95 22.86 11.03
CA GLU F 3 26.49 21.74 11.83
C GLU F 3 26.37 20.51 10.94
N PRO F 4 26.80 19.32 11.40
CA PRO F 4 26.58 18.09 10.65
C PRO F 4 25.13 17.83 10.26
N LEU F 5 24.91 17.39 9.01
CA LEU F 5 23.62 16.91 8.59
C LEU F 5 23.17 15.79 9.52
N PRO F 6 21.85 15.64 9.77
CA PRO F 6 21.36 14.55 10.61
C PRO F 6 21.96 13.18 10.29
N ARG F 7 22.08 12.81 9.01
CA ARG F 7 22.50 11.44 8.70
C ARG F 7 23.96 11.25 9.13
N ILE F 8 24.75 12.33 9.11
CA ILE F 8 26.16 12.27 9.47
C ILE F 8 26.32 12.24 10.99
N GLN F 9 25.44 12.97 11.69
CA GLN F 9 25.35 12.92 13.14
C GLN F 9 25.05 11.48 13.57
N HIS F 10 24.10 10.84 12.87
CA HIS F 10 23.75 9.46 13.14
C HIS F 10 24.97 8.57 12.89
N TYR F 11 25.71 8.87 11.82
CA TYR F 11 26.87 8.08 11.47
C TYR F 11 27.90 8.12 12.61
N GLU F 12 28.18 9.31 13.14
CA GLU F 12 29.20 9.48 14.16
C GLU F 12 28.80 8.74 15.43
N ASP F 13 27.49 8.53 15.63
CA ASP F 13 27.00 7.82 16.78
C ASP F 13 27.16 6.31 16.61
N LEU F 14 27.41 5.85 15.37
CA LEU F 14 27.58 4.42 15.13
C LEU F 14 28.85 3.93 15.82
N GLY F 15 29.91 4.75 15.77
CA GLY F 15 31.14 4.51 16.52
C GLY F 15 32.03 3.43 15.89
N LEU F 16 31.54 2.19 15.95
CA LEU F 16 32.28 1.02 15.51
C LEU F 16 31.49 0.28 14.42
N GLY F 17 32.19 -0.11 13.37
CA GLY F 17 31.61 -1.02 12.39
C GLY F 17 32.51 -2.22 12.13
N LEU F 18 31.91 -3.26 11.55
CA LEU F 18 32.65 -4.43 11.12
C LEU F 18 32.79 -4.34 9.62
N PHE F 19 34.04 -4.46 9.14
CA PHE F 19 34.31 -4.53 7.70
C PHE F 19 34.51 -6.01 7.36
N ILE F 20 33.84 -6.47 6.29
CA ILE F 20 33.91 -7.88 5.92
C ILE F 20 34.40 -8.00 4.48
N HIS F 21 35.57 -8.63 4.31
CA HIS F 21 36.12 -8.94 3.00
C HIS F 21 35.81 -10.40 2.66
N TRP F 22 35.08 -10.55 1.55
CA TRP F 22 34.77 -11.87 1.04
C TRP F 22 34.56 -11.79 -0.47
N GLY F 23 35.29 -12.63 -1.20
CA GLY F 23 35.21 -12.64 -2.66
C GLY F 23 35.76 -13.95 -3.18
N LEU F 24 36.03 -14.02 -4.49
CA LEU F 24 36.62 -15.23 -5.03
C LEU F 24 38.01 -15.42 -4.44
N TYR F 25 38.73 -14.32 -4.18
CA TYR F 25 40.07 -14.41 -3.62
C TYR F 25 40.09 -15.23 -2.33
N SER F 26 38.96 -15.22 -1.58
CA SER F 26 38.90 -15.90 -0.29
C SER F 26 39.26 -17.38 -0.42
N GLN F 27 38.96 -18.00 -1.57
CA GLN F 27 39.24 -19.41 -1.78
C GLN F 27 40.74 -19.67 -1.83
N MET F 28 41.57 -18.71 -2.19
CA MET F 28 43.01 -18.96 -2.25
C MET F 28 43.70 -18.63 -0.93
N ALA F 29 43.09 -17.76 -0.10
CA ALA F 29 43.60 -17.43 1.23
C ALA F 29 45.03 -16.92 1.15
N VAL F 30 45.32 -16.09 0.13
CA VAL F 30 46.60 -15.40 0.03
C VAL F 30 46.33 -13.92 -0.27
N GLY F 31 45.26 -13.35 0.31
CA GLY F 31 45.06 -11.90 0.22
C GLY F 31 44.11 -11.54 -0.93
N GLU F 32 43.44 -10.39 -0.76
CA GLU F 32 42.41 -9.97 -1.70
C GLU F 32 43.03 -9.45 -3.00
N TRP F 33 44.31 -9.05 -3.00
CA TRP F 33 44.88 -8.53 -4.24
C TRP F 33 45.58 -9.62 -5.07
N THR F 34 45.35 -10.89 -4.75
CA THR F 34 46.15 -11.99 -5.30
C THR F 34 46.18 -11.98 -6.84
N GLU F 35 45.05 -11.72 -7.48
CA GLU F 35 44.96 -11.82 -8.93
C GLU F 35 45.99 -10.90 -9.60
N LEU F 36 46.06 -9.64 -9.16
CA LEU F 36 47.02 -8.73 -9.73
C LEU F 36 48.43 -9.02 -9.18
N ILE F 37 48.59 -9.14 -7.86
CA ILE F 37 49.94 -9.09 -7.30
C ILE F 37 50.71 -10.38 -7.60
N HIS F 38 50.02 -11.52 -7.67
CA HIS F 38 50.68 -12.76 -8.03
C HIS F 38 50.63 -12.99 -9.55
N HIS F 39 50.21 -11.99 -10.33
CA HIS F 39 50.20 -12.06 -11.80
C HIS F 39 49.48 -13.33 -12.28
N ARG F 40 48.32 -13.58 -11.77
CA ARG F 40 47.60 -14.76 -12.15
C ARG F 40 46.96 -14.69 -13.53
N ASN F 41 46.80 -15.82 -14.17
CA ASN F 41 46.15 -15.85 -15.46
C ASN F 41 44.69 -15.51 -15.18
N GLN F 42 44.15 -14.54 -15.88
CA GLN F 42 42.80 -14.12 -15.58
C GLN F 42 41.76 -15.16 -15.77
N HIS F 43 41.85 -15.91 -16.84
CA HIS F 43 40.87 -16.91 -17.09
C HIS F 43 40.85 -17.98 -16.01
N ASP F 44 42.02 -18.43 -15.59
CA ASP F 44 42.12 -19.44 -14.57
C ASP F 44 41.58 -18.96 -13.24
N TYR F 45 41.88 -17.73 -12.88
CA TYR F 45 41.41 -17.13 -11.65
C TYR F 45 39.90 -17.00 -11.64
N GLU F 46 39.35 -16.59 -12.74
CA GLU F 46 37.94 -16.40 -12.84
C GLU F 46 37.13 -17.68 -12.71
N GLN F 47 37.77 -18.80 -12.98
CA GLN F 47 37.14 -20.11 -12.81
C GLN F 47 36.72 -20.34 -11.35
N LEU F 48 37.30 -19.58 -10.40
CA LEU F 48 36.93 -19.68 -9.00
C LEU F 48 35.43 -19.46 -8.80
N ILE F 49 34.77 -18.76 -9.74
CA ILE F 49 33.31 -18.63 -9.69
C ILE F 49 32.62 -20.00 -9.61
N LYS F 50 33.23 -21.04 -10.19
CA LYS F 50 32.57 -22.34 -10.29
C LYS F 50 32.53 -23.06 -8.95
N THR F 51 33.39 -22.65 -8.00
CA THR F 51 33.43 -23.30 -6.71
C THR F 51 33.00 -22.32 -5.61
N PHE F 52 32.40 -21.19 -6.01
CA PHE F 52 31.83 -20.24 -5.06
C PHE F 52 30.43 -20.72 -4.63
N THR F 53 30.37 -21.58 -3.60
CA THR F 53 29.13 -22.21 -3.16
C THR F 53 28.44 -21.36 -2.10
N ALA F 54 29.21 -20.58 -1.34
CA ALA F 54 28.72 -19.79 -0.23
C ALA F 54 28.08 -20.72 0.78
N ALA F 55 28.61 -21.92 0.85
CA ALA F 55 28.08 -22.97 1.67
C ALA F 55 28.03 -22.66 3.16
N GLN F 56 29.00 -21.95 3.65
CA GLN F 56 28.99 -21.59 5.03
C GLN F 56 28.60 -20.16 5.35
N PHE F 57 28.06 -19.46 4.39
CA PHE F 57 27.66 -18.10 4.65
C PHE F 57 26.27 -17.99 5.24
N ASP F 58 26.22 -17.47 6.44
CA ASP F 58 25.00 -17.24 7.15
C ASP F 58 25.01 -15.80 7.57
N ALA F 59 24.17 -15.02 6.95
CA ALA F 59 24.14 -13.59 7.19
C ALA F 59 23.61 -13.31 8.59
N LYS F 60 22.72 -14.17 9.09
CA LYS F 60 22.17 -14.01 10.43
C LYS F 60 23.26 -14.19 11.48
N LYS F 61 24.14 -15.19 11.30
CA LYS F 61 25.25 -15.38 12.22
C LYS F 61 26.19 -14.17 12.17
N ILE F 62 26.43 -13.67 10.96
CA ILE F 62 27.32 -12.54 10.81
C ILE F 62 26.74 -11.31 11.49
N ALA F 63 25.45 -11.06 11.30
CA ALA F 63 24.82 -9.88 11.90
C ALA F 63 24.83 -10.02 13.43
N HIS F 64 24.60 -11.25 13.91
CA HIS F 64 24.61 -11.51 15.34
C HIS F 64 26.01 -11.26 15.92
N ALA F 65 27.04 -11.77 15.25
CA ALA F 65 28.42 -11.55 15.69
C ALA F 65 28.74 -10.04 15.70
N ALA F 66 28.26 -9.29 14.71
CA ALA F 66 28.50 -7.85 14.70
C ALA F 66 27.80 -7.16 15.88
N LYS F 67 26.57 -7.61 16.16
CA LYS F 67 25.81 -7.05 17.25
C LYS F 67 26.59 -7.28 18.55
N ALA F 68 27.07 -8.51 18.73
CA ALA F 68 27.75 -8.93 19.95
C ALA F 68 29.07 -8.17 20.11
N VAL F 69 29.73 -7.81 19.00
CA VAL F 69 31.01 -7.12 19.13
C VAL F 69 30.75 -5.64 19.45
N GLY F 70 29.49 -5.19 19.37
CA GLY F 70 29.16 -3.80 19.65
C GLY F 70 29.22 -2.92 18.40
N ALA F 71 29.33 -3.54 17.21
CA ALA F 71 29.32 -2.77 15.97
C ALA F 71 27.88 -2.30 15.71
N LYS F 72 27.73 -1.15 15.03
CA LYS F 72 26.42 -0.63 14.72
C LYS F 72 26.16 -0.65 13.20
N TYR F 73 27.21 -0.98 12.43
CA TYR F 73 27.07 -1.15 11.00
C TYR F 73 28.08 -2.17 10.51
N ILE F 74 27.83 -2.66 9.27
CA ILE F 74 28.70 -3.62 8.62
C ILE F 74 28.92 -3.13 7.20
N VAL F 75 30.21 -3.09 6.82
CA VAL F 75 30.62 -2.81 5.46
C VAL F 75 30.98 -4.14 4.82
N LEU F 76 30.18 -4.59 3.84
CA LEU F 76 30.44 -5.82 3.13
C LEU F 76 30.97 -5.50 1.74
N THR F 77 32.01 -6.25 1.32
CA THR F 77 32.56 -6.08 -0.02
C THR F 77 31.54 -6.65 -1.04
N THR F 78 30.85 -5.78 -1.79
CA THR F 78 29.86 -6.26 -2.75
C THR F 78 30.52 -6.59 -4.10
N LYS F 79 31.64 -5.89 -4.37
CA LYS F 79 32.48 -6.15 -5.53
C LYS F 79 33.85 -5.57 -5.24
N HIS F 80 34.88 -6.42 -5.27
CA HIS F 80 36.25 -5.99 -5.02
C HIS F 80 36.94 -5.75 -6.37
N HIS F 81 38.26 -5.47 -6.36
CA HIS F 81 39.01 -5.23 -7.59
C HIS F 81 38.85 -6.41 -8.57
N GLU F 82 38.81 -7.65 -8.04
CA GLU F 82 38.66 -8.81 -8.89
C GLU F 82 37.39 -8.68 -9.75
N GLY F 83 36.41 -7.89 -9.32
CA GLY F 83 35.29 -7.49 -10.16
C GLY F 83 34.11 -8.44 -10.09
N PHE F 84 34.15 -9.41 -9.16
CA PHE F 84 33.05 -10.36 -8.98
C PHE F 84 32.00 -9.78 -8.05
N PHE F 85 30.72 -9.83 -8.46
CA PHE F 85 29.64 -9.22 -7.68
C PHE F 85 28.95 -10.25 -6.79
N LEU F 86 28.75 -9.90 -5.51
CA LEU F 86 28.14 -10.81 -4.55
C LEU F 86 26.61 -10.66 -4.56
N TYR F 87 26.08 -9.93 -5.55
CA TYR F 87 24.64 -9.75 -5.67
C TYR F 87 24.19 -9.96 -7.13
N ASP F 88 22.87 -10.01 -7.36
CA ASP F 88 22.30 -10.16 -8.69
C ASP F 88 22.41 -8.85 -9.46
N THR F 89 23.26 -8.80 -10.49
CA THR F 89 23.43 -7.55 -11.22
C THR F 89 22.34 -7.37 -12.29
N LYS F 90 21.35 -8.29 -12.32
CA LYS F 90 20.18 -8.12 -13.18
C LYS F 90 20.58 -7.91 -14.65
N GLY F 91 21.53 -8.70 -15.15
CA GLY F 91 21.92 -8.61 -16.56
C GLY F 91 23.16 -7.76 -16.81
N LEU F 92 23.63 -6.97 -15.83
CA LEU F 92 24.81 -6.16 -16.09
C LEU F 92 26.04 -7.03 -16.35
N SER F 93 26.15 -8.16 -15.61
CA SER F 93 27.34 -8.99 -15.74
C SER F 93 26.99 -10.44 -15.48
N ASP F 94 27.74 -11.36 -16.08
CA ASP F 94 27.62 -12.78 -15.80
C ASP F 94 28.58 -13.18 -14.67
N PHE F 95 29.47 -12.26 -14.26
CA PHE F 95 30.44 -12.59 -13.23
C PHE F 95 29.87 -12.17 -11.87
N ASP F 96 28.78 -12.84 -11.47
CA ASP F 96 28.05 -12.51 -10.26
C ASP F 96 27.58 -13.79 -9.60
N VAL F 97 27.04 -13.64 -8.39
CA VAL F 97 26.75 -14.81 -7.59
C VAL F 97 25.58 -15.60 -8.19
N MET F 98 24.76 -14.96 -9.04
CA MET F 98 23.65 -15.70 -9.64
C MET F 98 24.15 -16.72 -10.67
N HIS F 99 25.41 -16.58 -11.11
CA HIS F 99 26.00 -17.49 -12.08
C HIS F 99 27.01 -18.40 -11.40
N ALA F 100 27.04 -18.40 -10.06
CA ALA F 100 27.89 -19.31 -9.30
C ALA F 100 26.98 -20.38 -8.73
N PRO F 101 27.50 -21.54 -8.29
CA PRO F 101 26.66 -22.53 -7.63
C PRO F 101 25.85 -22.01 -6.44
N ALA F 102 26.32 -20.94 -5.77
CA ALA F 102 25.58 -20.35 -4.66
C ALA F 102 24.14 -20.03 -5.06
N ARG F 103 23.98 -19.34 -6.20
CA ARG F 103 22.67 -19.00 -6.76
C ARG F 103 21.80 -18.29 -5.73
N ARG F 104 22.41 -17.43 -4.92
CA ARG F 104 21.68 -16.68 -3.91
C ARG F 104 22.15 -15.25 -3.96
N ASP F 105 21.23 -14.29 -3.83
CA ASP F 105 21.63 -12.90 -3.72
C ASP F 105 22.12 -12.65 -2.29
N LEU F 106 23.44 -12.65 -2.09
CA LEU F 106 24.02 -12.61 -0.76
C LEU F 106 23.80 -11.24 -0.14
N ILE F 107 23.80 -10.20 -0.97
CA ILE F 107 23.51 -8.87 -0.48
C ILE F 107 22.09 -8.78 0.07
N ALA F 108 21.12 -9.47 -0.56
CA ALA F 108 19.74 -9.46 -0.05
C ALA F 108 19.71 -10.11 1.33
N GLU F 109 20.40 -11.24 1.47
CA GLU F 109 20.43 -11.94 2.75
C GLU F 109 21.07 -11.02 3.78
N PHE F 110 22.12 -10.28 3.36
CA PHE F 110 22.88 -9.44 4.26
C PHE F 110 22.03 -8.28 4.76
N VAL F 111 21.27 -7.64 3.87
CA VAL F 111 20.51 -6.46 4.27
C VAL F 111 19.39 -6.89 5.21
N ALA F 112 18.76 -8.04 4.94
CA ALA F 112 17.68 -8.50 5.81
C ALA F 112 18.24 -8.81 7.20
N ALA F 113 19.40 -9.47 7.25
CA ALA F 113 20.02 -9.82 8.54
C ALA F 113 20.41 -8.57 9.32
N CYS F 114 20.89 -7.53 8.64
CA CYS F 114 21.26 -6.28 9.29
C CYS F 114 20.02 -5.62 9.89
N ARG F 115 18.91 -5.59 9.15
CA ARG F 115 17.72 -4.91 9.59
C ARG F 115 17.18 -5.57 10.86
N GLU F 116 17.21 -6.92 10.92
CA GLU F 116 16.66 -7.59 12.08
C GLU F 116 17.52 -7.35 13.32
N GLU F 117 18.79 -6.97 13.17
CA GLU F 117 19.66 -6.74 14.31
C GLU F 117 19.85 -5.24 14.55
N ASP F 118 19.11 -4.41 13.79
CA ASP F 118 19.21 -2.97 13.93
C ASP F 118 20.62 -2.46 13.57
N LEU F 119 21.26 -3.10 12.57
CA LEU F 119 22.55 -2.64 12.08
C LEU F 119 22.33 -1.99 10.72
N LEU F 120 23.13 -0.97 10.41
CA LEU F 120 23.09 -0.36 9.10
C LEU F 120 23.92 -1.19 8.13
N PRO F 121 23.36 -1.62 6.97
CA PRO F 121 24.14 -2.26 5.93
C PRO F 121 24.87 -1.23 5.07
N PHE F 122 26.18 -1.39 4.90
CA PHE F 122 26.95 -0.54 4.02
C PHE F 122 27.53 -1.41 2.92
N PHE F 123 27.63 -0.84 1.72
CA PHE F 123 28.14 -1.62 0.61
C PHE F 123 29.48 -1.06 0.17
N TYR F 124 30.50 -1.92 0.23
CA TYR F 124 31.78 -1.53 -0.32
C TYR F 124 31.76 -1.85 -1.81
N MET F 125 32.33 -0.92 -2.59
CA MET F 125 32.41 -1.06 -4.04
C MET F 125 33.80 -0.59 -4.48
N ALA F 126 34.57 -1.48 -5.12
CA ALA F 126 35.87 -1.10 -5.66
C ALA F 126 35.69 -0.39 -7.01
N THR F 127 36.35 0.75 -7.19
CA THR F 127 36.17 1.45 -8.46
C THR F 127 37.25 1.06 -9.45
N TYR F 128 38.40 0.58 -8.95
CA TYR F 128 39.42 0.04 -9.84
C TYR F 128 39.09 -1.44 -10.06
N ASP F 129 38.75 -1.80 -11.31
CA ASP F 129 38.16 -3.09 -11.61
C ASP F 129 39.08 -3.84 -12.56
N TRP F 130 39.43 -5.09 -12.23
CA TRP F 130 40.33 -5.91 -13.03
C TRP F 130 39.55 -6.83 -13.96
N HIS F 131 38.23 -6.91 -13.80
CA HIS F 131 37.48 -7.91 -14.55
C HIS F 131 37.06 -7.39 -15.94
N THR F 132 36.37 -6.22 -15.95
CA THR F 132 35.82 -5.72 -17.18
C THR F 132 36.90 -5.06 -18.01
N PRO F 133 37.07 -5.45 -19.31
CA PRO F 133 38.04 -4.80 -20.17
C PRO F 133 37.73 -3.32 -20.43
N LEU F 134 36.48 -2.90 -20.14
CA LEU F 134 36.09 -1.51 -20.31
C LEU F 134 37.05 -0.62 -19.51
N TYR F 135 37.58 -1.10 -18.38
CA TYR F 135 38.33 -0.23 -17.48
C TYR F 135 39.51 0.41 -18.24
N ASP F 136 40.31 -0.40 -18.94
CA ASP F 136 41.42 0.14 -19.72
C ASP F 136 41.03 0.53 -21.14
N ASP F 137 40.07 -0.18 -21.75
CA ASP F 137 39.79 -0.08 -23.18
C ASP F 137 38.78 1.01 -23.51
N ASP F 138 37.93 1.44 -22.54
CA ASP F 138 36.87 2.39 -22.82
C ASP F 138 36.33 2.96 -21.50
N PHE F 139 37.13 3.86 -20.92
CA PHE F 139 36.89 4.34 -19.57
C PHE F 139 35.50 4.97 -19.43
N PRO F 140 35.04 5.84 -20.36
CA PRO F 140 33.66 6.36 -20.29
C PRO F 140 32.60 5.26 -20.17
N ALA F 141 32.75 4.16 -20.91
CA ALA F 141 31.80 3.06 -20.79
C ALA F 141 31.97 2.35 -19.44
N TYR F 142 33.21 2.29 -18.93
CA TYR F 142 33.48 1.73 -17.61
C TYR F 142 32.66 2.52 -16.57
N LEU F 143 32.71 3.86 -16.66
CA LEU F 143 31.98 4.72 -15.75
C LEU F 143 30.50 4.36 -15.75
N THR F 144 29.95 4.10 -16.95
CA THR F 144 28.54 3.73 -17.06
C THR F 144 28.29 2.39 -16.35
N TYR F 145 29.23 1.44 -16.55
CA TYR F 145 29.12 0.12 -15.93
C TYR F 145 29.19 0.25 -14.40
N LEU F 146 30.17 1.04 -13.91
CA LEU F 146 30.31 1.23 -12.47
C LEU F 146 29.01 1.82 -11.94
N GLN F 147 28.53 2.89 -12.60
CA GLN F 147 27.35 3.59 -12.14
C GLN F 147 26.14 2.68 -12.12
N LYS F 148 26.01 1.82 -13.13
CA LYS F 148 24.85 0.93 -13.18
C LYS F 148 24.94 -0.10 -12.04
N SER F 149 26.16 -0.54 -11.74
CA SER F 149 26.33 -1.53 -10.68
C SER F 149 25.91 -0.93 -9.33
N VAL F 150 26.14 0.37 -9.16
CA VAL F 150 25.75 1.05 -7.94
C VAL F 150 24.24 1.30 -7.93
N GLU F 151 23.70 1.63 -9.11
CA GLU F 151 22.26 1.81 -9.28
C GLU F 151 21.51 0.55 -8.84
N VAL F 152 22.00 -0.64 -9.21
CA VAL F 152 21.32 -1.86 -8.80
C VAL F 152 21.25 -1.91 -7.27
N LEU F 153 22.36 -1.53 -6.60
CA LEU F 153 22.42 -1.57 -5.15
C LEU F 153 21.47 -0.53 -4.55
N CYS F 154 21.31 0.61 -5.21
CA CYS F 154 20.43 1.65 -4.71
C CYS F 154 18.95 1.38 -4.95
N ARG F 155 18.59 0.35 -5.76
CA ARG F 155 17.18 0.25 -6.14
C ARG F 155 16.56 -1.08 -5.74
N ASN F 156 17.37 -2.04 -5.28
CA ASN F 156 16.83 -3.39 -5.18
C ASN F 156 16.84 -3.94 -3.76
N TYR F 157 17.28 -3.12 -2.79
CA TYR F 157 17.52 -3.66 -1.45
C TYR F 157 16.87 -2.79 -0.38
N GLY F 158 16.16 -1.75 -0.77
CA GLY F 158 15.57 -0.88 0.20
C GLY F 158 16.55 0.15 0.66
N PRO F 159 16.27 0.81 1.78
CA PRO F 159 17.13 1.85 2.31
C PRO F 159 18.44 1.26 2.75
N VAL F 160 19.49 1.92 2.33
CA VAL F 160 20.82 1.46 2.53
C VAL F 160 21.56 2.39 3.44
N GLY F 161 22.31 1.83 4.36
CA GLY F 161 23.06 2.62 5.31
C GLY F 161 24.11 3.45 4.66
N GLY F 162 24.81 2.90 3.69
CA GLY F 162 25.83 3.71 3.06
C GLY F 162 26.59 2.92 2.00
N PHE F 163 27.44 3.68 1.29
CA PHE F 163 28.33 3.14 0.29
C PHE F 163 29.74 3.49 0.73
N TRP F 164 30.65 2.55 0.48
CA TRP F 164 32.04 2.73 0.84
C TRP F 164 32.88 2.55 -0.42
N PHE F 165 33.32 3.66 -0.99
CA PHE F 165 33.98 3.63 -2.29
C PHE F 165 35.49 3.56 -2.13
N ASP F 166 36.07 2.56 -2.78
CA ASP F 166 37.51 2.36 -2.71
C ASP F 166 38.14 2.59 -4.09
N GLY F 167 38.91 3.69 -4.19
CA GLY F 167 39.69 4.08 -5.35
C GLY F 167 41.20 4.19 -5.04
N ASN F 168 41.69 3.17 -4.36
CA ASN F 168 43.08 3.00 -4.23
C ASN F 168 43.52 2.56 -5.63
N TRP F 169 44.63 3.05 -6.12
CA TRP F 169 45.13 2.68 -7.45
C TRP F 169 44.27 3.00 -8.69
N ASN F 170 43.48 4.04 -8.52
CA ASN F 170 42.61 4.57 -9.53
C ASN F 170 43.44 5.40 -10.44
N LYS F 171 42.76 6.08 -11.31
CA LYS F 171 43.43 6.96 -12.19
C LYS F 171 43.15 8.28 -11.53
N LYS F 172 44.18 8.86 -10.95
CA LYS F 172 44.10 10.13 -10.25
C LYS F 172 43.85 11.31 -11.17
N ASP F 173 44.33 11.18 -12.40
CA ASP F 173 44.19 12.26 -13.36
C ASP F 173 43.08 12.05 -14.39
N ALA F 174 42.06 11.29 -14.01
CA ALA F 174 40.93 11.02 -14.88
C ALA F 174 39.69 11.63 -14.30
N ASP F 175 38.69 11.86 -15.14
CA ASP F 175 37.45 12.46 -14.68
C ASP F 175 36.56 11.30 -14.35
N TRP F 176 36.16 11.21 -13.11
CA TRP F 176 35.41 10.07 -12.59
C TRP F 176 33.91 10.35 -12.59
N HIS F 177 33.53 11.57 -12.99
CA HIS F 177 32.11 11.90 -13.07
C HIS F 177 31.42 11.61 -11.72
N LEU F 178 32.05 12.09 -10.64
CA LEU F 178 31.52 11.88 -9.29
C LEU F 178 30.17 12.58 -9.12
N PRO F 179 29.95 13.82 -9.64
CA PRO F 179 28.63 14.45 -9.53
C PRO F 179 27.49 13.56 -10.01
N GLU F 180 27.73 12.82 -11.10
CA GLU F 180 26.66 11.99 -11.64
C GLU F 180 26.52 10.71 -10.82
N LEU F 181 27.65 10.13 -10.36
CA LEU F 181 27.57 8.89 -9.59
C LEU F 181 26.89 9.18 -8.25
N TYR F 182 27.43 10.12 -7.50
CA TYR F 182 26.91 10.47 -6.19
C TYR F 182 25.53 11.09 -6.28
N GLY F 183 25.29 11.86 -7.33
CA GLY F 183 24.01 12.47 -7.53
C GLY F 183 22.92 11.44 -7.71
N MET F 184 23.23 10.40 -8.45
CA MET F 184 22.35 9.31 -8.65
C MET F 184 22.06 8.60 -7.37
N ILE F 185 23.09 8.36 -6.58
CA ILE F 185 22.90 7.71 -5.30
C ILE F 185 22.05 8.58 -4.44
N ARG F 186 22.27 9.88 -4.48
CA ARG F 186 21.49 10.78 -3.67
C ARG F 186 20.03 10.72 -4.05
N HIS F 187 19.75 10.65 -5.33
CA HIS F 187 18.40 10.55 -5.79
C HIS F 187 17.67 9.31 -5.31
N TYR F 188 18.26 8.14 -5.42
CA TYR F 188 17.63 6.92 -4.97
C TYR F 188 17.75 6.62 -3.49
N GLN F 189 18.85 7.07 -2.90
CA GLN F 189 19.14 6.83 -1.50
C GLN F 189 19.54 8.12 -0.83
N PRO F 190 18.61 9.01 -0.60
CA PRO F 190 18.94 10.31 -0.02
C PRO F 190 19.61 10.25 1.35
N ASN F 191 19.24 9.30 2.17
CA ASN F 191 19.80 9.16 3.47
C ASN F 191 21.03 8.27 3.60
N ALA F 192 21.58 7.79 2.48
CA ALA F 192 22.73 6.90 2.54
C ALA F 192 23.98 7.70 2.92
N ILE F 193 24.88 7.11 3.71
CA ILE F 193 26.17 7.75 3.94
C ILE F 193 27.11 7.41 2.80
N ILE F 194 27.75 8.42 2.20
CA ILE F 194 28.72 8.13 1.17
C ILE F 194 30.13 8.30 1.77
N VAL F 195 30.86 7.17 1.83
CA VAL F 195 32.22 7.15 2.32
C VAL F 195 33.16 7.01 1.13
N SER F 196 34.23 7.79 1.15
CA SER F 196 35.26 7.67 0.12
C SER F 196 36.64 7.46 0.75
N ASN F 197 37.36 6.53 0.16
CA ASN F 197 38.72 6.16 0.47
C ASN F 197 39.69 7.22 -0.01
N THR F 198 39.26 7.92 -1.02
CA THR F 198 40.03 8.93 -1.67
C THR F 198 39.28 10.26 -1.62
N GLY F 199 38.58 10.51 -0.52
CA GLY F 199 37.76 11.68 -0.30
C GLY F 199 38.38 13.05 -0.24
N LEU F 200 39.66 13.13 0.07
CA LEU F 200 40.35 14.39 0.11
C LEU F 200 41.21 14.57 -1.13
N LYS F 201 41.19 15.76 -1.72
CA LYS F 201 41.98 16.02 -2.89
C LYS F 201 43.11 16.94 -2.54
N GLN F 205 40.62 19.82 0.57
CA GLN F 205 39.33 19.95 -0.17
C GLN F 205 38.80 18.57 -0.55
N VAL F 206 37.49 18.37 -0.37
CA VAL F 206 36.82 17.09 -0.61
C VAL F 206 36.67 16.86 -2.11
N SER F 207 36.61 15.59 -2.51
CA SER F 207 36.62 15.30 -3.95
C SER F 207 35.25 15.55 -4.58
N ASP F 208 34.18 15.60 -3.77
CA ASP F 208 32.86 15.92 -4.27
C ASP F 208 31.97 16.38 -3.12
N PRO F 209 31.09 17.40 -3.33
CA PRO F 209 30.17 17.85 -2.28
C PRO F 209 29.35 16.74 -1.62
N GLU F 210 29.09 15.64 -2.35
CA GLU F 210 28.16 14.64 -1.84
C GLU F 210 28.80 13.66 -0.85
N ILE F 211 30.12 13.68 -0.75
CA ILE F 211 30.82 12.82 0.19
C ILE F 211 30.46 13.24 1.62
N ASP F 212 30.12 12.25 2.47
CA ASP F 212 29.75 12.44 3.85
C ASP F 212 30.89 12.10 4.82
N VAL F 213 31.76 11.17 4.40
CA VAL F 213 32.79 10.65 5.29
C VAL F 213 34.05 10.42 4.45
N VAL F 214 35.18 10.84 5.02
CA VAL F 214 36.49 10.52 4.46
C VAL F 214 37.22 9.56 5.40
N THR F 215 38.04 8.66 4.85
CA THR F 215 38.89 7.78 5.64
C THR F 215 40.24 8.45 5.98
N TYR F 216 40.84 8.01 7.08
CA TYR F 216 42.11 8.56 7.53
C TYR F 216 42.98 7.40 7.99
N GLU F 217 44.31 7.62 8.05
CA GLU F 217 45.25 6.63 8.57
C GLU F 217 44.99 6.39 10.05
N ARG F 218 45.08 5.12 10.45
CA ARG F 218 44.90 4.63 11.81
C ARG F 218 45.71 5.47 12.81
N ARG F 219 46.90 5.90 12.40
CA ARG F 219 47.83 6.54 13.34
C ARG F 219 47.64 8.06 13.40
N THR F 220 46.65 8.63 12.69
CA THR F 220 46.45 10.08 12.72
C THR F 220 46.54 10.54 14.19
N PRO F 221 47.47 11.47 14.55
CA PRO F 221 47.66 11.84 15.96
C PRO F 221 46.56 12.73 16.56
N ASP F 222 46.00 13.64 15.74
CA ASP F 222 45.15 14.72 16.21
C ASP F 222 43.73 14.55 15.67
N GLU F 223 42.78 15.26 16.29
CA GLU F 223 41.40 15.31 15.85
C GLU F 223 41.33 15.59 14.34
N ILE F 224 40.46 14.86 13.64
CA ILE F 224 40.47 14.84 12.18
C ILE F 224 39.87 16.13 11.59
N TYR F 225 39.99 16.27 10.27
CA TYR F 225 39.55 17.47 9.58
C TYR F 225 38.08 17.33 9.14
N HIS F 226 37.23 18.31 9.46
CA HIS F 226 35.81 18.18 9.18
C HIS F 226 35.33 19.05 8.00
N GLY F 227 36.28 19.81 7.45
CA GLY F 227 36.07 20.80 6.38
C GLY F 227 35.91 22.23 6.89
N ALA F 228 35.82 23.19 5.98
CA ALA F 228 35.65 24.61 6.33
C ALA F 228 34.31 24.90 7.00
N PRO F 229 34.25 25.92 7.85
CA PRO F 229 33.06 26.37 8.60
C PRO F 229 31.90 26.75 7.68
N ASN F 230 32.22 27.33 6.54
CA ASN F 230 31.23 27.72 5.55
C ASN F 230 30.96 26.63 4.52
N GLU F 231 31.52 25.45 4.76
CA GLU F 231 31.39 24.27 3.93
C GLU F 231 30.72 23.18 4.71
N LYS F 232 30.26 22.15 4.02
CA LYS F 232 29.60 21.02 4.66
C LYS F 232 30.49 20.25 5.61
N TYR F 233 29.97 19.88 6.75
CA TYR F 233 30.76 19.09 7.69
C TYR F 233 30.88 17.65 7.17
N VAL F 234 32.10 17.13 7.10
CA VAL F 234 32.31 15.73 6.73
C VAL F 234 32.91 14.99 7.93
N ALA F 235 32.39 13.78 8.18
CA ALA F 235 32.91 12.92 9.23
C ALA F 235 34.15 12.17 8.76
N GLY F 236 34.75 11.38 9.67
CA GLY F 236 35.97 10.65 9.41
C GLY F 236 35.88 9.23 9.94
N GLU F 237 36.67 8.33 9.33
CA GLU F 237 36.66 6.93 9.71
C GLU F 237 38.06 6.37 9.56
N ILE F 238 38.47 5.51 10.50
CA ILE F 238 39.71 4.77 10.31
C ILE F 238 39.37 3.29 10.28
N SER F 239 40.31 2.48 9.83
CA SER F 239 40.15 1.06 9.58
C SER F 239 41.34 0.32 10.15
N ILE F 240 41.08 -0.88 10.67
CA ILE F 240 42.17 -1.73 11.09
C ILE F 240 41.82 -3.14 10.63
N THR F 241 42.82 -3.85 10.12
CA THR F 241 42.65 -5.28 9.89
C THR F 241 43.53 -6.02 10.89
N LEU F 242 43.27 -7.30 11.11
CA LEU F 242 43.86 -8.00 12.24
C LEU F 242 45.30 -8.41 11.96
N ASN F 243 45.60 -8.82 10.72
CA ASN F 243 46.97 -9.09 10.30
C ASN F 243 47.36 -8.03 9.26
N GLN F 244 48.11 -8.44 8.22
CA GLN F 244 48.59 -7.49 7.23
C GLN F 244 47.65 -7.45 6.01
N HIS F 245 46.64 -8.34 5.95
CA HIS F 245 45.82 -8.46 4.75
C HIS F 245 44.36 -8.24 5.08
N TRP F 246 43.55 -7.90 4.07
CA TRP F 246 42.14 -7.60 4.32
C TRP F 246 41.28 -8.82 4.03
N GLY F 247 41.50 -9.48 2.88
CA GLY F 247 40.94 -10.82 2.66
C GLY F 247 41.73 -11.84 3.46
N ILE F 248 41.17 -13.03 3.67
CA ILE F 248 41.81 -14.04 4.49
C ILE F 248 43.18 -14.40 3.90
N ALA F 249 44.17 -14.60 4.77
CA ALA F 249 45.53 -14.92 4.39
C ALA F 249 46.10 -15.93 5.39
N ALA F 250 46.03 -17.20 5.01
CA ALA F 250 46.25 -18.32 5.92
C ALA F 250 47.66 -18.28 6.52
N ASN F 251 48.67 -17.87 5.73
CA ASN F 251 50.04 -17.86 6.23
C ASN F 251 50.49 -16.45 6.57
N ASP F 252 49.55 -15.54 6.83
CA ASP F 252 49.92 -14.27 7.43
C ASP F 252 49.76 -14.45 8.94
N LEU F 253 50.87 -14.59 9.67
CA LEU F 253 50.84 -14.88 11.10
C LEU F 253 51.05 -13.57 11.87
N ASN F 254 51.24 -12.47 11.13
CA ASN F 254 51.61 -11.21 11.73
C ASN F 254 50.35 -10.47 12.22
N TYR F 255 49.65 -11.09 13.19
CA TYR F 255 48.47 -10.50 13.81
C TYR F 255 48.87 -9.47 14.86
N LYS F 256 48.09 -8.38 14.94
CA LYS F 256 48.21 -7.37 15.99
C LYS F 256 47.71 -7.97 17.31
N SER F 257 48.14 -7.37 18.43
CA SER F 257 47.59 -7.81 19.69
C SER F 257 46.14 -7.35 19.82
N PRO F 258 45.28 -8.15 20.49
CA PRO F 258 43.97 -7.65 20.90
C PRO F 258 44.07 -6.31 21.65
N ALA F 259 45.15 -6.10 22.42
CA ALA F 259 45.30 -4.87 23.17
C ALA F 259 45.42 -3.69 22.20
N GLU F 260 46.20 -3.86 21.13
CA GLU F 260 46.37 -2.79 20.16
C GLU F 260 45.04 -2.51 19.45
N MET F 261 44.25 -3.57 19.21
CA MET F 261 42.93 -3.41 18.62
C MET F 261 42.06 -2.50 19.51
N ILE F 262 42.03 -2.81 20.83
CA ILE F 262 41.26 -2.02 21.77
C ILE F 262 41.77 -0.57 21.81
N GLU F 263 43.08 -0.38 21.81
CA GLU F 263 43.63 0.97 21.86
C GLU F 263 43.25 1.73 20.59
N THR F 264 43.16 1.02 19.46
CA THR F 264 42.88 1.71 18.19
C THR F 264 41.42 2.16 18.19
N VAL F 265 40.52 1.32 18.71
CA VAL F 265 39.12 1.70 18.80
C VAL F 265 38.98 2.94 19.68
N ALA F 266 39.63 2.93 20.84
CA ALA F 266 39.57 4.07 21.74
C ALA F 266 40.13 5.31 21.05
N HIS F 267 41.22 5.14 20.36
CA HIS F 267 41.88 6.21 19.68
C HIS F 267 41.03 6.89 18.61
N ALA F 268 40.23 6.11 17.90
CA ALA F 268 39.38 6.63 16.86
C ALA F 268 38.40 7.64 17.43
N ARG F 269 37.82 7.27 18.55
CA ARG F 269 36.89 8.08 19.27
C ARG F 269 37.56 9.33 19.80
N HIS F 270 38.79 9.19 20.25
CA HIS F 270 39.53 10.28 20.74
C HIS F 270 39.77 11.33 19.68
N ILE F 271 39.99 10.92 18.45
CA ILE F 271 40.25 11.90 17.40
C ILE F 271 38.95 12.24 16.65
N GLY F 272 37.82 11.67 17.08
CA GLY F 272 36.55 12.09 16.51
C GLY F 272 36.23 11.36 15.20
N ALA F 273 36.52 10.05 15.13
CA ALA F 273 36.30 9.26 13.93
C ALA F 273 35.58 8.00 14.34
N ASN F 274 34.91 7.37 13.36
CA ASN F 274 34.46 6.01 13.51
C ASN F 274 35.63 5.07 13.27
N ILE F 275 35.45 3.81 13.64
CA ILE F 275 36.45 2.82 13.33
C ILE F 275 35.77 1.58 12.77
N LEU F 276 36.39 1.04 11.71
CA LEU F 276 36.01 -0.25 11.14
C LEU F 276 37.05 -1.29 11.56
N VAL F 277 36.57 -2.41 12.12
CA VAL F 277 37.45 -3.55 12.34
C VAL F 277 37.18 -4.59 11.25
N ASN F 278 38.22 -4.99 10.53
CA ASN F 278 38.06 -5.83 9.36
C ASN F 278 38.24 -7.32 9.68
N ILE F 279 37.37 -8.16 9.10
CA ILE F 279 37.60 -9.59 9.07
C ILE F 279 37.47 -10.11 7.64
N GLY F 280 38.29 -11.11 7.30
CA GLY F 280 38.20 -11.77 6.00
C GLY F 280 37.52 -13.12 6.14
N LEU F 281 36.41 -13.36 5.44
CA LEU F 281 35.72 -14.66 5.51
C LEU F 281 36.53 -15.73 4.80
N THR F 282 36.30 -16.99 5.17
CA THR F 282 36.84 -18.11 4.41
C THR F 282 36.18 -18.16 3.02
N GLY F 283 36.75 -19.01 2.15
CA GLY F 283 36.25 -19.23 0.79
C GLY F 283 34.73 -19.38 0.75
N THR F 284 34.18 -20.19 1.66
CA THR F 284 32.77 -20.55 1.67
C THR F 284 31.93 -19.59 2.52
N GLY F 285 32.56 -18.57 3.13
CA GLY F 285 31.75 -17.53 3.75
C GLY F 285 31.67 -17.59 5.29
N ALA F 286 32.50 -18.40 5.93
CA ALA F 286 32.48 -18.49 7.40
C ALA F 286 33.41 -17.42 8.00
N ILE F 287 33.06 -16.97 9.20
CA ILE F 287 33.99 -16.19 10.00
C ILE F 287 35.08 -17.11 10.48
N PRO F 288 36.37 -16.86 10.16
CA PRO F 288 37.43 -17.74 10.63
C PRO F 288 37.59 -17.68 12.17
N ALA F 289 38.08 -18.78 12.72
CA ALA F 289 38.23 -18.92 14.17
C ALA F 289 39.07 -17.79 14.75
N ALA F 290 40.13 -17.38 14.05
CA ALA F 290 41.00 -16.33 14.58
C ALA F 290 40.22 -15.02 14.73
N ALA F 291 39.37 -14.72 13.75
CA ALA F 291 38.60 -13.47 13.80
C ALA F 291 37.60 -13.53 14.94
N GLN F 292 37.01 -14.72 15.19
CA GLN F 292 36.09 -14.92 16.30
C GLN F 292 36.78 -14.55 17.63
N THR F 293 38.02 -14.99 17.83
CA THR F 293 38.75 -14.70 19.07
C THR F 293 38.82 -13.19 19.27
N TYR F 294 39.22 -12.45 18.23
CA TYR F 294 39.37 -11.01 18.36
C TYR F 294 38.03 -10.35 18.59
N MET F 295 36.98 -10.83 17.91
CA MET F 295 35.66 -10.27 18.12
C MET F 295 35.15 -10.50 19.55
N HIS F 296 35.39 -11.71 20.11
CA HIS F 296 35.02 -11.98 21.50
C HIS F 296 35.71 -11.02 22.47
N LEU F 297 37.01 -10.77 22.27
CA LEU F 297 37.75 -9.91 23.17
C LEU F 297 37.26 -8.48 23.01
N LEU F 298 37.11 -8.01 21.75
CA LEU F 298 36.68 -6.64 21.53
C LEU F 298 35.28 -6.47 22.11
N GLY F 299 34.42 -7.48 21.95
CA GLY F 299 33.04 -7.41 22.43
C GLY F 299 32.98 -7.24 23.95
N ARG F 300 33.92 -7.84 24.68
CA ARG F 300 33.90 -7.60 26.13
C ARG F 300 34.24 -6.15 26.40
N TRP F 301 35.18 -5.58 25.64
CA TRP F 301 35.54 -4.20 25.90
C TRP F 301 34.39 -3.27 25.51
N THR F 302 33.78 -3.49 24.34
CA THR F 302 32.77 -2.54 23.89
C THR F 302 31.53 -2.61 24.77
N ALA F 303 31.20 -3.79 25.32
CA ALA F 303 30.07 -3.86 26.25
C ALA F 303 30.36 -3.00 27.48
N MET F 304 31.61 -3.06 27.99
CA MET F 304 31.96 -2.24 29.15
C MET F 304 31.93 -0.76 28.76
N ALA F 305 32.35 -0.41 27.53
CA ALA F 305 32.48 0.98 27.13
C ALA F 305 31.20 1.58 26.53
N ALA F 306 30.11 0.80 26.47
CA ALA F 306 28.86 1.25 25.82
C ALA F 306 28.42 2.66 26.25
N PRO F 307 28.50 3.06 27.54
CA PRO F 307 28.09 4.42 27.92
C PRO F 307 28.79 5.53 27.16
N VAL F 308 29.96 5.29 26.56
CA VAL F 308 30.70 6.40 25.99
C VAL F 308 31.07 6.12 24.54
N LEU F 309 31.12 4.85 24.14
CA LEU F 309 31.64 4.49 22.83
C LEU F 309 30.87 5.19 21.70
N TYR F 310 29.54 5.27 21.84
CA TYR F 310 28.67 5.78 20.77
C TYR F 310 28.57 7.30 20.82
N LYS F 311 28.27 7.87 22.00
CA LYS F 311 27.95 9.29 22.08
C LYS F 311 29.17 10.13 22.45
N GLY F 312 30.26 9.50 22.92
CA GLY F 312 31.41 10.26 23.38
C GLY F 312 32.07 11.03 22.25
N ARG F 313 32.43 12.29 22.53
CA ARG F 313 33.05 13.15 21.55
C ARG F 313 34.32 13.75 22.16
N PRO F 314 35.30 14.11 21.32
CA PRO F 314 36.49 14.81 21.80
C PRO F 314 36.13 16.15 22.42
N VAL F 315 36.99 16.67 23.29
CA VAL F 315 36.68 17.87 24.05
C VAL F 315 38.03 18.48 24.44
N PRO F 316 38.16 19.81 24.57
CA PRO F 316 39.47 20.42 24.84
C PRO F 316 39.93 20.21 26.30
N VAL F 317 40.12 18.94 26.67
CA VAL F 317 40.62 18.56 27.97
C VAL F 317 41.83 17.69 27.68
N THR F 318 43.00 18.10 28.18
CA THR F 318 44.20 17.34 27.89
C THR F 318 44.67 16.59 29.13
N SER F 319 45.54 15.61 28.93
CA SER F 319 46.09 14.83 30.02
C SER F 319 47.46 15.38 30.39
N ALA F 320 47.93 15.06 31.60
CA ALA F 320 49.21 15.53 32.08
C ALA F 320 50.37 14.94 31.26
N HIS F 321 51.52 15.60 31.40
CA HIS F 321 52.78 15.19 30.84
C HIS F 321 53.04 13.69 31.01
N GLY F 322 53.33 13.03 29.88
CA GLY F 322 53.85 11.67 29.89
C GLY F 322 52.77 10.59 30.00
N THR F 323 51.51 10.94 29.78
CA THR F 323 50.47 9.91 29.81
C THR F 323 49.76 9.93 28.46
N ARG F 324 49.08 8.84 28.12
CA ARG F 324 48.34 8.75 26.88
C ARG F 324 46.85 8.85 27.18
N ASP F 325 46.48 9.30 28.39
CA ASP F 325 45.09 9.33 28.80
C ASP F 325 44.33 10.41 28.00
N PHE F 326 43.00 10.25 27.90
CA PHE F 326 42.24 11.29 27.22
C PHE F 326 40.80 11.29 27.74
N VAL F 327 40.03 12.29 27.29
CA VAL F 327 38.69 12.49 27.81
C VAL F 327 37.69 12.48 26.66
N LEU F 328 36.52 11.88 26.89
CA LEU F 328 35.40 11.96 25.96
C LEU F 328 34.20 12.56 26.68
N HIS F 329 33.44 13.38 25.95
CA HIS F 329 32.31 14.14 26.48
C HIS F 329 31.01 13.60 25.90
N THR F 330 30.01 13.30 26.74
CA THR F 330 28.64 13.20 26.29
C THR F 330 27.86 14.37 26.90
N SER F 331 26.56 14.46 26.59
CA SER F 331 25.78 15.59 27.09
C SER F 331 25.66 15.56 28.61
N LYS F 332 25.61 14.36 29.22
CA LYS F 332 25.46 14.23 30.66
C LYS F 332 26.78 14.01 31.41
N HIS F 333 27.84 13.48 30.77
CA HIS F 333 29.02 13.08 31.53
C HIS F 333 30.32 13.35 30.78
N ASP F 334 31.43 13.44 31.53
CA ASP F 334 32.75 13.24 30.95
C ASP F 334 33.27 11.87 31.35
N PHE F 335 34.17 11.32 30.51
CA PHE F 335 34.74 10.00 30.77
C PHE F 335 36.25 10.10 30.58
N LEU F 336 36.99 9.62 31.59
CA LEU F 336 38.43 9.51 31.52
C LEU F 336 38.76 8.13 30.95
N CYS F 337 39.49 8.13 29.82
CA CYS F 337 40.00 6.91 29.22
C CYS F 337 41.47 6.81 29.60
N ILE F 338 41.78 5.78 30.39
CA ILE F 338 43.07 5.72 31.06
C ILE F 338 43.81 4.47 30.59
N LEU F 339 45.05 4.70 30.11
CA LEU F 339 45.90 3.69 29.51
C LEU F 339 47.08 3.38 30.44
N ASP F 340 47.74 2.25 30.17
CA ASP F 340 48.99 1.90 30.84
C ASP F 340 48.76 1.66 32.33
N LEU F 341 47.61 1.06 32.67
CA LEU F 341 47.39 0.63 34.05
C LEU F 341 47.96 -0.77 34.24
N GLN F 342 48.32 -1.09 35.49
CA GLN F 342 48.73 -2.45 35.80
C GLN F 342 47.72 -3.17 36.69
N VAL F 343 47.87 -4.49 36.78
CA VAL F 343 47.08 -5.32 37.67
C VAL F 343 47.58 -5.17 39.10
N VAL F 344 46.64 -5.18 40.07
CA VAL F 344 46.95 -5.04 41.48
C VAL F 344 47.13 -6.44 42.08
N GLY F 345 48.28 -6.68 42.74
CA GLY F 345 48.50 -7.83 43.63
C GLY F 345 48.01 -7.56 45.06
N LYS F 346 48.70 -8.13 46.05
CA LYS F 346 48.30 -7.95 47.46
C LYS F 346 49.49 -8.26 48.36
N ASP F 347 49.83 -7.32 49.25
CA ASP F 347 50.89 -7.47 50.25
C ASP F 347 52.26 -7.70 49.60
N ASN F 348 52.75 -8.94 49.68
CA ASN F 348 54.04 -9.40 49.20
C ASN F 348 54.04 -9.58 47.68
N VAL F 349 52.86 -9.88 47.11
CA VAL F 349 52.69 -10.13 45.68
C VAL F 349 52.44 -8.80 44.96
N VAL F 350 53.52 -8.29 44.34
CA VAL F 350 53.55 -6.99 43.67
C VAL F 350 53.43 -7.23 42.16
N LEU F 351 52.31 -6.80 41.57
CA LEU F 351 52.06 -6.97 40.14
C LEU F 351 52.20 -5.64 39.38
N GLY F 352 52.27 -4.50 40.10
CA GLY F 352 52.59 -3.22 39.48
C GLY F 352 51.61 -2.08 39.78
N GLY F 353 50.34 -2.40 40.11
CA GLY F 353 49.29 -1.39 40.14
C GLY F 353 48.91 -0.86 41.53
N GLU F 354 49.64 -1.23 42.61
CA GLU F 354 49.10 -1.13 43.97
C GLU F 354 49.31 0.24 44.64
N GLY F 355 50.31 1.01 44.19
CA GLY F 355 50.51 2.34 44.75
C GLY F 355 49.43 3.31 44.24
N VAL F 356 49.25 4.41 44.94
CA VAL F 356 48.42 5.49 44.43
C VAL F 356 48.98 5.97 43.08
N ASN F 357 48.07 6.23 42.14
CA ASN F 357 48.45 6.44 40.75
C ASN F 357 47.78 7.73 40.25
N PRO F 358 48.34 8.90 40.60
CA PRO F 358 47.69 10.17 40.23
C PRO F 358 47.76 10.43 38.73
N ARG F 359 46.60 10.53 38.09
CA ARG F 359 46.50 10.86 36.68
C ARG F 359 45.75 12.19 36.60
N SER F 360 46.34 13.18 35.93
CA SER F 360 45.78 14.51 35.86
C SER F 360 45.30 14.87 34.45
N PHE F 361 44.35 15.85 34.42
CA PHE F 361 43.74 16.38 33.22
C PHE F 361 43.56 17.88 33.42
N VAL F 362 43.65 18.63 32.32
CA VAL F 362 43.53 20.07 32.34
C VAL F 362 42.38 20.44 31.40
N GLY F 363 41.38 21.17 31.93
CA GLY F 363 40.30 21.70 31.10
C GLY F 363 38.94 21.40 31.74
N ILE F 364 38.92 20.78 32.92
CA ILE F 364 37.67 20.57 33.62
C ILE F 364 37.48 21.65 34.68
N GLY F 365 36.49 22.53 34.48
CA GLY F 365 36.26 23.71 35.32
C GLY F 365 35.08 23.58 36.28
N GLN F 366 34.31 22.49 36.20
CA GLN F 366 33.08 22.33 36.97
C GLN F 366 33.32 21.41 38.15
N PRO F 367 32.71 21.67 39.33
CA PRO F 367 32.86 20.78 40.47
C PRO F 367 32.31 19.38 40.23
N ILE F 368 33.03 18.36 40.69
CA ILE F 368 32.65 16.98 40.42
C ILE F 368 32.05 16.39 41.68
N GLN F 369 31.01 15.57 41.51
CA GLN F 369 30.41 14.88 42.65
C GLN F 369 31.05 13.51 42.85
N ARG F 370 31.19 12.71 41.78
CA ARG F 370 31.66 11.35 41.91
C ARG F 370 32.36 10.90 40.61
N ILE F 371 33.34 9.99 40.75
CA ILE F 371 33.99 9.39 39.60
C ILE F 371 34.05 7.89 39.87
N HIS F 372 33.71 7.06 38.87
CA HIS F 372 33.77 5.62 39.08
C HIS F 372 34.17 4.88 37.82
N TRP F 373 34.87 3.75 37.98
CA TRP F 373 35.26 2.91 36.87
C TRP F 373 34.01 2.24 36.31
N LEU F 374 33.88 2.21 34.98
CA LEU F 374 32.75 1.52 34.34
C LEU F 374 32.82 0.01 34.55
N ASP F 375 34.01 -0.57 34.68
CA ASP F 375 34.08 -2.02 34.70
C ASP F 375 33.59 -2.60 36.03
N ASN F 376 33.75 -1.90 37.16
CA ASN F 376 33.39 -2.53 38.42
C ASN F 376 32.72 -1.55 39.38
N ASP F 377 32.47 -0.30 38.94
CA ASP F 377 31.77 0.71 39.74
C ASP F 377 32.56 1.19 40.94
N GLU F 378 33.86 0.90 41.04
CA GLU F 378 34.63 1.44 42.14
C GLU F 378 34.69 2.96 42.06
N VAL F 379 34.45 3.65 43.19
CA VAL F 379 34.52 5.10 43.29
C VAL F 379 35.98 5.49 43.45
N LEU F 380 36.43 6.51 42.70
CA LEU F 380 37.82 6.93 42.73
C LEU F 380 37.97 8.18 43.58
N SER F 381 39.10 8.32 44.28
CA SER F 381 39.31 9.61 44.90
C SER F 381 39.92 10.59 43.91
N PHE F 382 39.71 11.90 44.12
CA PHE F 382 40.16 12.91 43.19
C PHE F 382 40.28 14.24 43.93
N THR F 383 41.01 15.20 43.33
CA THR F 383 41.05 16.57 43.82
C THR F 383 40.90 17.45 42.59
N GLN F 384 40.42 18.69 42.77
CA GLN F 384 40.33 19.60 41.66
C GLN F 384 40.98 20.92 42.07
N ASP F 385 41.58 21.63 41.10
CA ASP F 385 41.79 23.06 41.20
C ASP F 385 40.94 23.71 40.11
N LEU F 386 39.81 24.30 40.49
CA LEU F 386 38.83 24.82 39.56
C LEU F 386 39.37 26.06 38.83
N ASP F 387 40.23 26.84 39.48
CA ASP F 387 40.73 28.04 38.79
C ASP F 387 41.63 27.66 37.61
N LYS F 388 42.46 26.62 37.77
CA LYS F 388 43.38 26.20 36.72
C LYS F 388 42.76 25.06 35.90
N LYS F 389 41.61 24.56 36.34
CA LYS F 389 40.86 23.51 35.64
C LYS F 389 41.65 22.20 35.65
N VAL F 390 42.25 21.90 36.80
CA VAL F 390 43.00 20.67 36.95
C VAL F 390 42.12 19.66 37.69
N LEU F 391 42.13 18.43 37.19
CA LEU F 391 41.53 17.30 37.88
C LEU F 391 42.63 16.25 38.04
N THR F 392 42.78 15.73 39.25
CA THR F 392 43.72 14.65 39.50
C THR F 392 42.95 13.50 40.14
N VAL F 393 43.04 12.30 39.56
CA VAL F 393 42.32 11.16 40.08
C VAL F 393 43.36 10.13 40.51
N ASP F 394 43.03 9.32 41.51
CA ASP F 394 43.86 8.16 41.81
C ASP F 394 43.30 7.01 40.98
N ALA F 395 43.98 6.71 39.86
CA ALA F 395 43.52 5.67 38.94
C ALA F 395 43.99 4.30 39.45
N THR F 396 43.16 3.62 40.24
CA THR F 396 43.54 2.33 40.79
C THR F 396 43.79 1.33 39.66
N GLY F 397 44.68 0.35 39.91
CA GLY F 397 45.02 -0.67 38.94
C GLY F 397 43.90 -1.69 38.83
N TYR F 398 44.02 -2.61 37.89
CA TYR F 398 42.99 -3.61 37.67
C TYR F 398 42.91 -4.56 38.85
N PRO F 399 41.70 -5.02 39.22
CA PRO F 399 41.59 -6.18 40.10
C PRO F 399 42.30 -7.36 39.45
N TYR F 400 43.07 -8.10 40.26
CA TYR F 400 43.68 -9.35 39.81
C TYR F 400 42.64 -10.13 39.01
N GLY F 401 43.07 -10.72 37.89
CA GLY F 401 42.18 -11.52 37.07
C GLY F 401 41.54 -10.71 35.94
N SER F 402 41.78 -9.40 35.88
CA SER F 402 41.21 -8.64 34.78
C SER F 402 42.23 -7.62 34.25
N ASP F 403 42.01 -7.12 33.01
CA ASP F 403 42.87 -6.12 32.39
C ASP F 403 42.16 -5.60 31.13
N TRP F 404 41.65 -4.37 31.21
CA TRP F 404 40.73 -3.85 30.23
C TRP F 404 41.48 -3.10 29.13
N VAL F 405 42.78 -2.89 29.33
CA VAL F 405 43.66 -2.24 28.34
C VAL F 405 43.38 -0.75 28.32
N VAL F 406 42.13 -0.35 28.00
CA VAL F 406 41.73 1.04 28.15
C VAL F 406 40.60 1.06 29.18
N ARG F 407 40.89 1.61 30.36
CA ARG F 407 39.93 1.64 31.47
C ARG F 407 39.23 2.99 31.43
N ILE F 408 37.93 2.97 31.73
CA ILE F 408 37.11 4.17 31.55
C ILE F 408 36.45 4.53 32.88
N ALA F 409 36.63 5.77 33.30
CA ALA F 409 36.02 6.31 34.51
C ALA F 409 34.96 7.33 34.11
N GLN F 410 33.74 7.14 34.63
CA GLN F 410 32.67 8.11 34.39
C GLN F 410 32.67 9.22 35.44
N ILE F 411 32.65 10.48 35.00
CA ILE F 411 32.53 11.63 35.88
C ILE F 411 31.06 12.04 35.97
N ASP F 412 30.54 12.13 37.21
CA ASP F 412 29.22 12.70 37.51
C ASP F 412 29.42 14.10 38.12
N TYR F 413 28.85 15.11 37.46
CA TYR F 413 28.94 16.49 37.92
C TYR F 413 27.93 16.80 39.01
N GLU F 414 28.32 17.76 39.88
CA GLU F 414 27.44 18.35 40.88
C GLU F 414 26.27 19.08 40.18
#